data_2J57
#
_entry.id   2J57
#
_cell.length_a   122.131
_cell.length_b   123.439
_cell.length_c   246.920
_cell.angle_alpha   90.00
_cell.angle_beta   90.00
_cell.angle_gamma   90.00
#
_symmetry.space_group_name_H-M   'P 21 21 21'
#
loop_
_entity.id
_entity.type
_entity.pdbx_description
1 polymer AMICYANIN
2 polymer 'METHYLAMINE DEHYDROGENASE HEAVY CHAIN'
3 polymer 'METHYLAMINE DEHYDROGENASE LIGHT CHAIN'
4 non-polymer 'COPPER (II) ION'
5 water water
#
loop_
_entity_poly.entity_id
_entity_poly.type
_entity_poly.pdbx_seq_one_letter_code
_entity_poly.pdbx_strand_id
1 'polypeptide(L)'
;DKATIPSESPFAAAEVADGAIVVDIAKMKYETPELHVKVGDTVTWINREAMPHNVHFVAGVLGEAALKGPMMKKEQAYSL
TFTEAGTYDYHCTPHPFMRGKVVVE
;
A,B,C,D
2 'polypeptide(L)'
;QDAPEAETQAQETQGQAAARAAAADLAAGQDDEPRILEAPAPDARRVYVNDPAHFAAVTQQFVIDGEAGRVIGMIDGGFL
PNPVVADDGSFIAHASTVFSRIARGERTDYVEVFDPVTLLPTADIELPDAPRFLVGTYPWMTSLTPDGKTLLFYQFSPAP
AVGVVDLEGKAFKRMLDVPDCYHIFPTAPDTFFMHCRDGSLAKVAFGTEGTPEITHTEVFHPEDEFLINHPAYSQKAGRL
VWPTYTGKIHQIDLSSGDAKFLPAVEALTEAERADGWRPGGWQQVAYHRALDRIYLLVDQRDEWRHKTASRFVVVLDAKT
GERLAKFEMGHEIDSINVSQDEKPLLYALSTGDKTLYIHDAESGEELRSVNQLGHGPQVITTADMG
;
G,H,I,J
3 'polypeptide(L)'
;ADAPAGTDPRAKWVPQDNDIQACDYWRHCSIDGNICDCSGGSLTNCPPGTKLATAS(TQQ)VASCYNPTDGQSYLIAYRD
CCGYNVSGRCPCLNTEGELPVYRPEFANDIIWCFGAEDDAMTYHCTISPIVGKAS
;
K,L,M,N
#
loop_
_chem_comp.id
_chem_comp.type
_chem_comp.name
_chem_comp.formula
CU non-polymer 'COPPER (II) ION' 'Cu 2'
#
# COMPACT_ATOMS: atom_id res chain seq x y z
CA ASP A 1 25.20 -30.02 27.51
C ASP A 1 26.10 -31.19 27.18
N LYS A 2 27.44 -30.94 27.18
CA LYS A 2 28.46 -31.94 26.69
C LYS A 2 29.45 -32.52 27.71
N ALA A 3 29.21 -32.25 28.98
CA ALA A 3 30.04 -32.72 30.04
C ALA A 3 29.20 -32.53 31.29
N THR A 4 29.41 -33.37 32.28
CA THR A 4 28.90 -33.10 33.62
C THR A 4 30.08 -33.02 34.56
N ILE A 5 29.78 -32.64 35.80
CA ILE A 5 30.79 -32.21 36.73
C ILE A 5 30.70 -33.11 37.95
N PRO A 6 31.51 -34.19 38.02
CA PRO A 6 31.43 -35.01 39.23
C PRO A 6 31.34 -34.21 40.56
N SER A 7 32.33 -33.37 40.83
CA SER A 7 32.31 -32.53 42.00
C SER A 7 32.34 -31.05 41.56
N GLU A 8 31.39 -30.23 42.04
CA GLU A 8 31.34 -28.76 41.78
C GLU A 8 32.72 -28.13 42.06
N SER A 9 33.24 -28.44 43.25
CA SER A 9 34.44 -27.85 43.77
C SER A 9 35.67 -28.80 43.80
N PRO A 10 36.91 -28.25 44.00
CA PRO A 10 38.05 -29.15 44.10
C PRO A 10 37.97 -30.11 45.31
N PHE A 11 38.52 -31.31 45.10
CA PHE A 11 38.55 -32.33 46.12
C PHE A 11 39.98 -32.91 46.27
N ALA A 12 40.29 -33.46 47.45
CA ALA A 12 41.68 -33.95 47.69
C ALA A 12 42.07 -35.02 46.67
N ALA A 13 43.26 -34.92 46.08
CA ALA A 13 43.69 -35.84 45.02
C ALA A 13 43.99 -37.31 45.47
N ALA A 14 44.02 -37.56 46.80
CA ALA A 14 44.12 -38.95 47.31
C ALA A 14 42.81 -39.71 47.06
N GLU A 15 41.76 -39.00 46.64
CA GLU A 15 40.47 -39.60 46.33
C GLU A 15 40.35 -39.99 44.85
N VAL A 16 41.29 -39.54 44.03
CA VAL A 16 41.31 -39.96 42.64
C VAL A 16 41.87 -41.38 42.64
N ALA A 17 41.32 -42.25 41.80
CA ALA A 17 41.79 -43.66 41.73
C ALA A 17 43.11 -43.63 40.97
N ASP A 18 44.02 -44.55 41.30
CA ASP A 18 45.18 -44.79 40.45
C ASP A 18 44.66 -45.22 39.08
N GLY A 19 45.29 -44.84 37.99
CA GLY A 19 44.72 -45.34 36.73
C GLY A 19 43.45 -44.62 36.22
N ALA A 20 42.84 -43.74 37.03
CA ALA A 20 41.89 -42.73 36.51
C ALA A 20 42.64 -41.94 35.46
N ILE A 21 41.93 -41.52 34.42
CA ILE A 21 42.45 -40.55 33.41
C ILE A 21 42.87 -39.23 34.09
N VAL A 22 44.17 -38.94 34.08
CA VAL A 22 44.71 -37.79 34.81
C VAL A 22 45.62 -36.89 33.92
N VAL A 23 45.27 -35.60 33.84
CA VAL A 23 46.18 -34.52 33.39
C VAL A 23 46.70 -33.84 34.68
N ASP A 24 47.99 -33.97 34.93
CA ASP A 24 48.63 -33.36 36.11
C ASP A 24 49.04 -31.94 35.80
N ILE A 25 49.08 -31.10 36.83
CA ILE A 25 49.46 -29.72 36.59
C ILE A 25 50.69 -29.33 37.41
N ALA A 26 51.72 -28.86 36.72
CA ALA A 26 52.98 -28.52 37.32
C ALA A 26 53.76 -27.64 36.31
N LYS A 27 54.66 -26.79 36.82
CA LYS A 27 55.54 -25.85 36.02
C LYS A 27 54.75 -24.88 35.14
N MET A 28 53.56 -24.44 35.56
CA MET A 28 52.73 -23.54 34.73
C MET A 28 52.27 -24.28 33.46
N LYS A 29 52.09 -25.61 33.58
CA LYS A 29 51.65 -26.42 32.45
C LYS A 29 50.62 -27.50 32.78
N TYR A 30 49.71 -27.72 31.86
CA TYR A 30 48.97 -28.95 31.87
C TYR A 30 49.93 -29.99 31.31
N GLU A 31 50.15 -31.07 32.05
CA GLU A 31 51.22 -32.00 31.66
C GLU A 31 50.89 -32.89 30.46
N THR A 32 49.60 -33.03 30.17
CA THR A 32 49.10 -33.63 28.93
C THR A 32 48.11 -32.67 28.27
N PRO A 33 48.63 -31.75 27.43
CA PRO A 33 47.86 -30.68 26.78
C PRO A 33 46.96 -31.18 25.66
N GLU A 34 47.25 -32.37 25.17
CA GLU A 34 46.36 -33.01 24.23
C GLU A 34 46.06 -34.39 24.76
N LEU A 35 44.85 -34.54 25.27
CA LEU A 35 44.40 -35.76 25.83
C LEU A 35 43.29 -36.34 24.96
N HIS A 36 43.48 -37.60 24.54
CA HIS A 36 42.41 -38.39 23.88
C HIS A 36 41.65 -39.28 24.86
N VAL A 37 40.34 -39.08 24.89
CA VAL A 37 39.40 -39.99 25.62
C VAL A 37 38.26 -40.59 24.71
N LYS A 38 37.47 -41.52 25.25
CA LYS A 38 36.23 -42.02 24.58
C LYS A 38 35.04 -41.40 25.28
N VAL A 39 33.92 -41.28 24.55
CA VAL A 39 32.64 -40.79 25.07
C VAL A 39 32.36 -41.57 26.35
N GLY A 40 31.76 -40.91 27.36
CA GLY A 40 31.60 -41.48 28.73
C GLY A 40 32.76 -41.40 29.74
N ASP A 41 33.97 -41.05 29.30
CA ASP A 41 35.18 -40.96 30.19
C ASP A 41 35.26 -39.73 31.12
N THR A 42 35.60 -39.97 32.40
CA THR A 42 35.80 -38.90 33.38
C THR A 42 37.29 -38.50 33.44
N VAL A 43 37.59 -37.29 32.95
CA VAL A 43 38.93 -36.69 33.14
C VAL A 43 39.07 -35.94 34.47
N THR A 44 40.19 -36.24 35.16
CA THR A 44 40.54 -35.51 36.34
C THR A 44 41.88 -34.78 36.19
N TRP A 45 41.83 -33.46 36.40
CA TRP A 45 43.00 -32.58 36.52
C TRP A 45 43.48 -32.62 37.94
N ILE A 46 44.77 -32.62 38.18
CA ILE A 46 45.27 -32.60 39.56
C ILE A 46 46.43 -31.67 39.65
N ASN A 47 46.34 -30.71 40.57
CA ASN A 47 47.40 -29.71 40.73
C ASN A 47 48.55 -30.19 41.63
N ARG A 48 49.74 -30.25 41.06
CA ARG A 48 50.97 -30.72 41.79
C ARG A 48 51.86 -29.57 42.33
N GLU A 49 51.37 -28.34 42.27
CA GLU A 49 52.16 -27.18 42.78
C GLU A 49 51.31 -26.20 43.61
N ALA A 50 52.01 -25.32 44.31
CA ALA A 50 51.41 -24.35 45.21
C ALA A 50 50.63 -23.30 44.42
N MET A 51 51.13 -22.96 43.24
CA MET A 51 50.39 -22.07 42.34
C MET A 51 49.00 -22.64 41.99
N PRO A 52 47.88 -22.00 42.44
CA PRO A 52 46.57 -22.46 41.98
C PRO A 52 46.33 -22.45 40.46
N HIS A 53 45.62 -23.48 39.99
CA HIS A 53 45.27 -23.60 38.58
C HIS A 53 43.86 -24.07 38.46
N ASN A 54 43.26 -23.88 37.29
CA ASN A 54 41.96 -24.43 37.01
C ASN A 54 41.88 -24.89 35.58
N VAL A 55 40.69 -25.36 35.17
CA VAL A 55 40.36 -25.47 33.73
C VAL A 55 39.17 -24.53 33.43
N HIS A 56 39.16 -23.99 32.21
CA HIS A 56 38.21 -22.93 31.79
C HIS A 56 37.94 -23.15 30.29
N PHE A 57 36.73 -23.63 30.01
CA PHE A 57 36.29 -23.78 28.65
C PHE A 57 35.42 -22.58 28.38
N VAL A 58 35.62 -21.91 27.24
CA VAL A 58 34.78 -20.72 26.93
C VAL A 58 33.33 -21.10 26.53
N ALA A 59 32.43 -20.13 26.62
CA ALA A 59 31.06 -20.26 26.14
C ALA A 59 30.98 -21.02 24.81
N GLY A 60 30.06 -22.00 24.72
CA GLY A 60 29.84 -22.74 23.49
C GLY A 60 30.64 -24.03 23.29
N VAL A 61 31.55 -24.32 24.22
CA VAL A 61 32.45 -25.45 24.06
C VAL A 61 31.76 -26.67 24.64
N LEU A 62 31.39 -26.58 25.92
CA LEU A 62 30.79 -27.70 26.67
C LEU A 62 29.27 -27.48 26.94
N GLY A 63 28.79 -26.28 26.68
CA GLY A 63 27.37 -25.95 26.78
C GLY A 63 27.34 -24.55 26.22
N GLU A 64 26.30 -23.79 26.53
CA GLU A 64 26.30 -22.41 26.11
C GLU A 64 27.04 -21.57 27.12
N ALA A 65 26.94 -21.94 28.38
CA ALA A 65 27.70 -21.26 29.43
C ALA A 65 29.16 -21.68 29.25
N ALA A 66 30.09 -20.76 29.58
CA ALA A 66 31.47 -21.17 29.83
C ALA A 66 31.49 -22.02 31.09
N LEU A 67 32.33 -23.04 31.10
CA LEU A 67 32.72 -23.72 32.34
C LEU A 67 34.02 -23.08 32.88
N LYS A 68 33.91 -22.35 34.00
CA LYS A 68 35.06 -21.73 34.68
C LYS A 68 35.25 -22.55 35.94
N GLY A 69 36.11 -23.56 35.86
CA GLY A 69 36.37 -24.42 37.02
C GLY A 69 36.81 -23.71 38.31
N PRO A 70 36.63 -24.38 39.47
CA PRO A 70 37.25 -23.82 40.70
C PRO A 70 38.74 -23.95 40.55
N MET A 71 39.46 -23.08 41.29
CA MET A 71 40.92 -23.09 41.38
C MET A 71 41.29 -24.21 42.32
N MET A 72 42.18 -25.07 41.83
CA MET A 72 42.73 -26.18 42.59
C MET A 72 43.97 -25.61 43.23
N LYS A 73 44.04 -25.66 44.56
CA LYS A 73 45.28 -25.52 45.28
C LYS A 73 46.11 -26.84 45.14
N LYS A 74 47.29 -26.86 45.77
CA LYS A 74 48.22 -28.01 45.68
C LYS A 74 47.56 -29.29 46.13
N GLU A 75 47.54 -30.28 45.23
CA GLU A 75 47.09 -31.64 45.51
C GLU A 75 45.57 -31.78 45.63
N GLN A 76 44.89 -30.82 45.01
CA GLN A 76 43.49 -30.92 44.76
C GLN A 76 43.32 -31.27 43.30
N ALA A 77 42.12 -31.75 43.00
CA ALA A 77 41.77 -32.41 41.78
C ALA A 77 40.40 -31.92 41.38
N TYR A 78 40.09 -32.06 40.09
CA TYR A 78 38.78 -31.71 39.58
C TYR A 78 38.50 -32.41 38.26
N SER A 79 37.32 -33.01 38.20
CA SER A 79 36.97 -33.90 37.12
C SER A 79 35.82 -33.34 36.27
N LEU A 80 35.88 -33.64 34.97
CA LEU A 80 34.74 -33.53 34.10
C LEU A 80 34.48 -34.84 33.37
N THR A 81 33.23 -35.29 33.39
CA THR A 81 32.78 -36.42 32.53
C THR A 81 32.32 -35.91 31.15
N PHE A 82 33.01 -36.36 30.08
CA PHE A 82 32.71 -35.90 28.72
C PHE A 82 31.68 -36.82 28.07
N THR A 83 30.52 -36.25 27.77
CA THR A 83 29.35 -37.03 27.41
C THR A 83 29.12 -37.08 25.90
N GLU A 84 29.90 -36.31 25.14
CA GLU A 84 29.70 -36.24 23.70
C GLU A 84 31.05 -36.10 22.96
N ALA A 85 31.11 -36.64 21.74
CA ALA A 85 32.33 -36.56 20.89
C ALA A 85 32.73 -35.16 20.39
N GLY A 86 34.01 -34.98 20.07
CA GLY A 86 34.49 -33.66 19.62
C GLY A 86 35.69 -33.14 20.42
N THR A 87 36.32 -32.08 19.92
CA THR A 87 37.50 -31.50 20.56
C THR A 87 37.16 -30.25 21.41
N TYR A 88 37.56 -30.28 22.68
CA TYR A 88 37.22 -29.23 23.64
C TYR A 88 38.44 -28.52 24.22
N ASP A 89 38.79 -27.37 23.64
CA ASP A 89 39.89 -26.54 24.10
C ASP A 89 39.62 -25.91 25.48
N TYR A 90 40.69 -25.77 26.25
CA TYR A 90 40.61 -25.12 27.55
C TYR A 90 41.92 -24.30 27.87
N HIS A 91 41.93 -23.61 29.01
CA HIS A 91 43.06 -22.77 29.37
C HIS A 91 42.90 -22.55 30.86
N CYS A 92 43.91 -21.92 31.49
CA CYS A 92 43.83 -21.69 32.92
C CYS A 92 43.45 -20.23 33.16
N THR A 93 42.47 -19.99 34.03
CA THR A 93 41.81 -18.66 34.06
C THR A 93 42.77 -17.44 34.25
N PRO A 94 43.65 -17.46 35.30
CA PRO A 94 44.60 -16.35 35.47
C PRO A 94 45.84 -16.56 34.61
N HIS A 95 45.94 -17.73 33.99
CA HIS A 95 47.13 -18.02 33.22
C HIS A 95 46.76 -18.40 31.83
N PRO A 96 46.24 -17.46 31.03
CA PRO A 96 45.54 -17.93 29.79
C PRO A 96 46.55 -18.52 28.80
N PHE A 97 47.86 -18.50 29.16
CA PHE A 97 48.93 -19.08 28.33
C PHE A 97 49.09 -20.59 28.59
N MET A 98 48.44 -21.04 29.67
CA MET A 98 48.25 -22.46 29.93
C MET A 98 47.00 -22.93 29.18
N ARG A 99 47.25 -23.66 28.08
CA ARG A 99 46.19 -24.25 27.24
C ARG A 99 46.20 -25.78 27.20
N GLY A 100 44.99 -26.37 27.24
CA GLY A 100 44.78 -27.78 26.96
C GLY A 100 43.65 -28.07 25.94
N LYS A 101 43.48 -29.36 25.65
CA LYS A 101 42.64 -29.88 24.57
C LYS A 101 42.25 -31.30 25.00
N VAL A 102 40.97 -31.60 25.00
CA VAL A 102 40.51 -32.96 25.23
C VAL A 102 39.86 -33.43 23.94
N VAL A 103 40.43 -34.48 23.37
CA VAL A 103 39.78 -35.15 22.23
C VAL A 103 38.87 -36.31 22.69
N VAL A 104 37.57 -36.14 22.44
CA VAL A 104 36.58 -37.12 22.86
C VAL A 104 36.14 -37.88 21.61
N GLU A 105 36.60 -39.13 21.49
CA GLU A 105 36.27 -40.01 20.35
C GLU A 105 35.01 -40.85 20.69
CA ASP B 1 2.61 24.66 17.12
C ASP B 1 1.58 25.71 17.61
N LYS B 2 1.72 26.21 18.86
CA LYS B 2 0.67 26.97 19.56
C LYS B 2 1.03 28.41 20.03
N ALA B 3 2.29 28.82 19.88
CA ALA B 3 2.69 30.22 20.06
C ALA B 3 3.76 30.54 19.03
N THR B 4 3.99 31.83 18.75
CA THR B 4 5.17 32.33 18.10
C THR B 4 5.90 33.22 19.09
N ILE B 5 7.16 33.53 18.82
CA ILE B 5 8.00 34.33 19.75
C ILE B 5 8.33 35.64 19.01
N PRO B 6 7.75 36.77 19.46
CA PRO B 6 8.19 38.02 18.76
C PRO B 6 9.73 38.29 18.85
N SER B 7 10.34 38.14 20.04
CA SER B 7 11.71 38.40 20.21
C SER B 7 12.37 37.26 20.96
N GLU B 8 13.39 36.70 20.31
CA GLU B 8 14.23 35.69 20.91
C GLU B 8 14.70 36.12 22.31
N SER B 9 15.35 37.27 22.39
CA SER B 9 15.95 37.71 23.62
C SER B 9 15.06 38.64 24.47
N PRO B 10 15.40 38.79 25.74
CA PRO B 10 14.68 39.85 26.48
C PRO B 10 14.94 41.27 25.84
N PHE B 11 14.14 42.26 26.27
CA PHE B 11 14.18 43.60 25.75
C PHE B 11 13.74 44.57 26.84
N ALA B 12 13.87 45.88 26.59
CA ALA B 12 13.63 46.89 27.64
C ALA B 12 12.14 47.06 27.87
N ALA B 13 11.69 46.98 29.12
CA ALA B 13 10.33 47.47 29.48
C ALA B 13 9.82 48.68 28.65
N ALA B 14 10.66 49.71 28.45
CA ALA B 14 10.21 50.96 27.81
C ALA B 14 9.76 50.69 26.37
N GLU B 15 10.11 49.50 25.88
CA GLU B 15 9.74 49.07 24.58
C GLU B 15 8.25 48.75 24.41
N VAL B 16 7.59 48.31 25.48
CA VAL B 16 6.19 47.86 25.43
C VAL B 16 5.13 48.98 25.12
N ALA B 17 4.43 48.85 23.97
CA ALA B 17 3.33 49.78 23.59
C ALA B 17 2.31 50.02 24.71
N ASP B 18 1.61 51.15 24.67
CA ASP B 18 0.65 51.47 25.73
C ASP B 18 -0.52 50.49 25.98
N GLY B 19 -1.20 50.03 24.93
CA GLY B 19 -2.36 49.11 25.16
C GLY B 19 -2.01 47.66 25.43
N ALA B 20 -0.72 47.30 25.21
CA ALA B 20 -0.16 45.94 25.43
C ALA B 20 -0.66 45.15 26.70
N ILE B 21 -0.98 43.87 26.49
CA ILE B 21 -1.33 42.91 27.58
C ILE B 21 -0.07 42.56 28.37
N VAL B 22 -0.07 42.83 29.67
CA VAL B 22 1.19 42.88 30.41
C VAL B 22 1.03 42.04 31.64
N VAL B 23 1.98 41.12 31.88
CA VAL B 23 2.09 40.48 33.22
C VAL B 23 3.35 41.02 33.92
N ASP B 24 3.15 41.84 34.95
CA ASP B 24 4.26 42.32 35.78
C ASP B 24 4.73 41.20 36.71
N ILE B 25 6.01 41.23 37.10
CA ILE B 25 6.62 40.22 37.99
C ILE B 25 7.29 41.01 39.09
N ALA B 26 6.96 40.74 40.34
CA ALA B 26 7.36 41.59 41.48
C ALA B 26 7.17 40.70 42.66
N LYS B 27 7.99 40.89 43.69
CA LYS B 27 7.97 40.07 44.89
C LYS B 27 7.69 38.58 44.58
N MET B 28 8.45 38.02 43.63
CA MET B 28 8.44 36.57 43.42
C MET B 28 7.08 36.02 42.95
N LYS B 29 6.29 36.87 42.29
CA LYS B 29 5.00 36.47 41.85
C LYS B 29 4.75 37.00 40.45
N TYR B 30 4.15 36.17 39.62
CA TYR B 30 3.49 36.68 38.44
C TYR B 30 2.30 37.53 38.87
N GLU B 31 2.04 38.54 38.04
CA GLU B 31 0.91 39.48 38.27
C GLU B 31 -0.51 38.79 38.34
N THR B 32 -0.78 37.88 37.43
CA THR B 32 -2.07 37.19 37.44
C THR B 32 -1.77 35.70 37.46
N PRO B 33 -2.55 34.93 38.24
CA PRO B 33 -2.36 33.47 38.21
C PRO B 33 -2.76 32.93 36.86
N GLU B 34 -3.59 33.72 36.18
CA GLU B 34 -4.36 33.23 35.08
C GLU B 34 -4.81 34.38 34.20
N LEU B 35 -4.15 34.54 33.05
CA LEU B 35 -4.42 35.59 32.12
C LEU B 35 -5.30 35.06 30.99
N HIS B 36 -6.30 35.84 30.57
CA HIS B 36 -7.19 35.44 29.48
C HIS B 36 -6.97 36.32 28.32
N VAL B 37 -6.65 35.73 27.17
CA VAL B 37 -6.44 36.56 25.99
C VAL B 37 -7.20 35.90 24.88
N LYS B 38 -7.15 36.48 23.70
CA LYS B 38 -7.77 35.79 22.56
C LYS B 38 -6.67 35.15 21.74
N VAL B 39 -7.06 34.25 20.86
CA VAL B 39 -6.23 33.79 19.75
C VAL B 39 -5.63 34.97 19.03
N GLY B 40 -4.31 34.93 18.86
CA GLY B 40 -3.58 36.00 18.16
C GLY B 40 -3.06 37.10 19.04
N ASP B 41 -3.48 37.15 20.30
CA ASP B 41 -2.92 38.13 21.27
C ASP B 41 -1.44 37.90 21.66
N THR B 42 -0.72 39.01 21.86
CA THR B 42 0.63 38.98 22.37
C THR B 42 0.57 39.29 23.86
N VAL B 43 1.12 38.41 24.69
CA VAL B 43 1.32 38.63 26.11
C VAL B 43 2.79 39.03 26.32
N THR B 44 3.04 40.05 27.15
CA THR B 44 4.40 40.46 27.52
C THR B 44 4.56 40.42 29.05
N TRP B 45 5.54 39.65 29.51
CA TRP B 45 5.91 39.67 30.88
C TRP B 45 6.98 40.72 31.13
N ILE B 46 6.86 41.43 32.24
CA ILE B 46 7.84 42.46 32.54
C ILE B 46 8.34 42.25 33.95
N ASN B 47 9.62 41.95 34.04
CA ASN B 47 10.22 41.85 35.31
C ASN B 47 10.45 43.24 35.86
N ARG B 48 9.82 43.52 37.00
CA ARG B 48 9.93 44.78 37.72
C ARG B 48 10.94 44.74 38.87
N GLU B 49 11.55 43.60 39.13
CA GLU B 49 12.48 43.53 40.26
C GLU B 49 13.84 43.02 39.84
N ALA B 50 14.80 43.04 40.79
CA ALA B 50 16.23 42.71 40.52
C ALA B 50 16.45 41.22 40.32
N MET B 51 15.67 40.45 41.07
CA MET B 51 15.69 39.00 41.00
C MET B 51 15.31 38.61 39.58
N PRO B 52 16.21 37.89 38.84
CA PRO B 52 15.82 37.39 37.51
C PRO B 52 14.71 36.33 37.50
N HIS B 53 13.83 36.47 36.50
CA HIS B 53 12.69 35.64 36.33
C HIS B 53 12.56 35.33 34.84
N ASN B 54 11.90 34.21 34.50
CA ASN B 54 11.56 33.97 33.11
C ASN B 54 10.18 33.34 33.07
N VAL B 55 9.79 32.83 31.89
CA VAL B 55 8.54 32.03 31.80
C VAL B 55 8.93 30.77 31.07
N HIS B 56 8.35 29.64 31.48
CA HIS B 56 8.82 28.39 30.95
C HIS B 56 7.66 27.43 30.84
N PHE B 57 7.42 26.97 29.63
CA PHE B 57 6.29 26.10 29.31
C PHE B 57 6.92 24.77 29.05
N VAL B 58 6.54 23.72 29.79
CA VAL B 58 7.15 22.38 29.53
C VAL B 58 6.86 21.85 28.09
N ALA B 59 7.60 20.78 27.71
CA ALA B 59 7.47 20.13 26.42
C ALA B 59 6.05 19.65 26.25
N GLY B 60 5.53 19.84 25.05
CA GLY B 60 4.18 19.47 24.72
C GLY B 60 3.16 20.59 24.93
N VAL B 61 3.50 21.65 25.67
CA VAL B 61 2.55 22.75 25.96
C VAL B 61 2.31 23.62 24.75
N LEU B 62 3.38 24.29 24.28
CA LEU B 62 3.29 25.27 23.16
C LEU B 62 3.75 24.64 21.81
N GLY B 63 4.24 23.40 21.95
CA GLY B 63 4.58 22.52 20.83
C GLY B 63 5.37 21.37 21.42
N GLU B 64 6.18 20.71 20.58
CA GLU B 64 6.88 19.48 20.98
C GLU B 64 7.96 19.77 21.99
N ALA B 65 8.75 20.78 21.69
CA ALA B 65 9.83 21.22 22.57
C ALA B 65 9.31 22.11 23.70
N ALA B 66 9.99 22.10 24.83
CA ALA B 66 9.74 23.09 25.85
C ALA B 66 9.91 24.52 25.23
N LEU B 67 9.22 25.51 25.76
CA LEU B 67 9.62 26.90 25.48
C LEU B 67 10.20 27.45 26.78
N LYS B 68 11.51 27.45 26.92
CA LYS B 68 12.15 28.01 28.11
C LYS B 68 12.48 29.46 27.76
N GLY B 69 11.76 30.45 28.33
CA GLY B 69 11.99 31.82 27.95
C GLY B 69 13.32 32.27 28.52
N PRO B 70 13.92 33.34 27.95
CA PRO B 70 15.21 33.84 28.49
C PRO B 70 14.98 34.54 29.82
N MET B 71 15.97 34.50 30.70
CA MET B 71 15.87 35.17 31.96
C MET B 71 15.93 36.65 31.71
N MET B 72 15.00 37.32 32.41
CA MET B 72 14.75 38.75 32.35
C MET B 72 15.36 39.38 33.55
N LYS B 73 16.23 40.36 33.34
CA LYS B 73 16.67 41.21 34.42
C LYS B 73 15.64 42.29 34.77
N LYS B 74 15.95 43.07 35.81
CA LYS B 74 15.07 44.18 36.25
C LYS B 74 14.75 45.08 35.11
N GLU B 75 13.47 45.30 34.83
CA GLU B 75 13.06 46.23 33.74
C GLU B 75 13.31 45.65 32.35
N GLN B 76 13.38 44.31 32.31
CA GLN B 76 13.33 43.62 31.00
C GLN B 76 12.02 42.91 30.81
N ALA B 77 11.74 42.66 29.52
CA ALA B 77 10.45 42.16 29.07
C ALA B 77 10.65 41.03 28.05
N TYR B 78 9.59 40.26 27.85
CA TYR B 78 9.59 39.13 26.94
C TYR B 78 8.14 38.81 26.51
N SER B 79 7.91 38.67 25.20
CA SER B 79 6.55 38.45 24.66
C SER B 79 6.32 37.06 24.06
N LEU B 80 5.06 36.60 24.10
CA LEU B 80 4.65 35.42 23.35
C LEU B 80 3.33 35.71 22.64
N THR B 81 3.20 35.40 21.34
CA THR B 81 1.95 35.50 20.59
C THR B 81 1.30 34.12 20.48
N PHE B 82 0.07 34.01 21.00
CA PHE B 82 -0.62 32.70 21.15
C PHE B 82 -1.50 32.48 19.95
N THR B 83 -1.25 31.38 19.27
CA THR B 83 -1.91 31.20 18.02
C THR B 83 -3.05 30.17 18.06
N GLU B 84 -3.25 29.48 19.18
CA GLU B 84 -4.30 28.47 19.23
C GLU B 84 -5.00 28.55 20.57
N ALA B 85 -6.33 28.44 20.50
CA ALA B 85 -7.18 28.40 21.71
C ALA B 85 -6.77 27.23 22.61
N GLY B 86 -6.77 27.42 23.94
CA GLY B 86 -6.39 26.38 24.88
C GLY B 86 -5.84 26.98 26.18
N THR B 87 -5.40 26.12 27.11
CA THR B 87 -4.91 26.61 28.41
C THR B 87 -3.45 26.17 28.51
N TYR B 88 -2.54 27.12 28.79
CA TYR B 88 -1.10 26.92 28.80
C TYR B 88 -0.46 27.32 30.08
N ASP B 89 0.07 26.33 30.75
CA ASP B 89 0.80 26.50 32.00
C ASP B 89 2.26 26.82 31.82
N TYR B 90 2.78 27.60 32.75
CA TYR B 90 4.19 27.97 32.80
C TYR B 90 4.65 28.14 34.24
N HIS B 91 5.96 28.10 34.42
CA HIS B 91 6.61 28.45 35.70
C HIS B 91 7.86 29.20 35.35
N CYS B 92 8.48 29.73 36.38
CA CYS B 92 9.80 30.35 36.30
C CYS B 92 10.82 29.26 36.63
N THR B 93 11.78 29.01 35.71
CA THR B 93 12.69 27.88 35.77
C THR B 93 13.37 27.64 37.12
N PRO B 94 14.08 28.69 37.65
CA PRO B 94 14.73 28.53 39.00
C PRO B 94 13.72 28.50 40.12
N HIS B 95 12.46 28.94 39.83
CA HIS B 95 11.47 29.17 40.87
C HIS B 95 10.15 28.44 40.55
N PRO B 96 10.12 27.11 40.68
CA PRO B 96 8.94 26.21 40.46
C PRO B 96 7.62 26.67 41.09
N PHE B 97 7.74 27.37 42.23
CA PHE B 97 6.63 27.96 42.97
C PHE B 97 5.99 29.21 42.31
N MET B 98 6.65 29.83 41.32
CA MET B 98 6.05 30.87 40.51
C MET B 98 5.42 30.16 39.33
N ARG B 99 4.09 30.17 39.29
CA ARG B 99 3.29 29.47 38.26
C ARG B 99 2.22 30.35 37.63
N GLY B 100 2.11 30.30 36.32
CA GLY B 100 1.06 31.04 35.72
C GLY B 100 0.36 30.19 34.72
N LYS B 101 -0.60 30.79 34.04
CA LYS B 101 -1.42 30.08 33.09
C LYS B 101 -1.88 31.17 32.12
N VAL B 102 -1.79 30.90 30.81
CA VAL B 102 -2.46 31.70 29.80
C VAL B 102 -3.71 30.91 29.29
N VAL B 103 -4.90 31.52 29.37
CA VAL B 103 -6.13 30.94 28.80
C VAL B 103 -6.46 31.64 27.48
N VAL B 104 -6.29 30.90 26.39
CA VAL B 104 -6.38 31.55 25.06
C VAL B 104 -7.73 31.16 24.47
N GLU B 105 -8.52 32.17 24.13
CA GLU B 105 -9.92 31.97 23.86
C GLU B 105 -10.22 32.34 22.41
CA ASP C 1 -66.35 18.77 -43.59
C ASP C 1 -66.26 20.29 -43.89
N LYS C 2 -65.09 20.78 -44.29
CA LYS C 2 -64.85 22.21 -44.27
C LYS C 2 -64.39 22.82 -45.60
N ALA C 3 -64.33 22.01 -46.65
CA ALA C 3 -63.99 22.50 -47.98
C ALA C 3 -64.50 21.46 -48.98
N THR C 4 -64.60 21.87 -50.23
CA THR C 4 -64.86 21.00 -51.39
C THR C 4 -63.74 21.28 -52.36
N ILE C 5 -63.58 20.36 -53.32
CA ILE C 5 -62.49 20.27 -54.33
C ILE C 5 -63.10 20.42 -55.69
N PRO C 6 -62.95 21.62 -56.31
CA PRO C 6 -63.44 21.79 -57.71
C PRO C 6 -63.04 20.67 -58.69
N SER C 7 -61.76 20.30 -58.67
CA SER C 7 -61.17 19.36 -59.61
C SER C 7 -60.23 18.49 -58.81
N GLU C 8 -60.46 17.17 -58.89
CA GLU C 8 -59.58 16.15 -58.30
C GLU C 8 -58.08 16.33 -58.62
N SER C 9 -57.81 16.57 -59.92
CA SER C 9 -56.45 16.62 -60.51
C SER C 9 -55.91 18.02 -60.72
N PRO C 10 -54.57 18.17 -60.87
CA PRO C 10 -54.07 19.45 -61.28
C PRO C 10 -54.63 19.85 -62.70
N PHE C 11 -54.57 21.13 -63.03
CA PHE C 11 -55.07 21.59 -64.31
C PHE C 11 -54.19 22.77 -64.75
N ALA C 12 -54.41 23.25 -65.98
CA ALA C 12 -53.51 24.23 -66.54
C ALA C 12 -53.70 25.59 -65.84
N ALA C 13 -52.59 26.27 -65.52
CA ALA C 13 -52.64 27.66 -65.06
C ALA C 13 -53.50 28.63 -65.95
N ALA C 14 -53.43 28.46 -67.26
CA ALA C 14 -54.27 29.22 -68.18
C ALA C 14 -55.79 29.14 -67.94
N GLU C 15 -56.27 28.11 -67.23
CA GLU C 15 -57.72 27.90 -66.99
C GLU C 15 -58.21 28.92 -65.98
N VAL C 16 -57.30 29.31 -65.12
CA VAL C 16 -57.58 30.23 -64.04
C VAL C 16 -58.03 31.61 -64.51
N ALA C 17 -59.17 32.02 -63.98
CA ALA C 17 -59.86 33.21 -64.41
C ALA C 17 -59.22 34.47 -63.84
N ASP C 18 -59.66 35.60 -64.35
CA ASP C 18 -59.36 36.92 -63.78
C ASP C 18 -60.12 37.16 -62.47
N GLY C 19 -59.43 37.81 -61.53
CA GLY C 19 -60.06 38.15 -60.24
C GLY C 19 -60.05 37.03 -59.23
N ALA C 20 -59.87 35.79 -59.73
CA ALA C 20 -59.73 34.59 -58.89
C ALA C 20 -58.63 34.78 -57.86
N ILE C 21 -58.91 34.31 -56.64
CA ILE C 21 -57.96 34.29 -55.53
C ILE C 21 -56.87 33.24 -55.74
N VAL C 22 -55.62 33.67 -55.72
CA VAL C 22 -54.55 32.88 -56.28
C VAL C 22 -53.38 33.00 -55.35
N VAL C 23 -52.77 31.86 -55.04
CA VAL C 23 -51.50 31.79 -54.35
C VAL C 23 -50.47 31.15 -55.31
N ASP C 24 -49.46 31.94 -55.68
CA ASP C 24 -48.41 31.48 -56.56
C ASP C 24 -47.39 30.80 -55.68
N ILE C 25 -46.60 29.93 -56.30
CA ILE C 25 -45.51 29.18 -55.64
C ILE C 25 -44.30 29.30 -56.57
N ALA C 26 -43.22 29.86 -56.04
CA ALA C 26 -41.95 29.99 -56.75
C ALA C 26 -40.88 30.09 -55.68
N LYS C 27 -39.65 29.81 -56.06
CA LYS C 27 -38.52 29.96 -55.19
C LYS C 27 -38.68 29.18 -53.90
N MET C 28 -39.36 28.01 -53.98
CA MET C 28 -39.67 27.16 -52.80
C MET C 28 -40.54 27.78 -51.67
N LYS C 29 -41.37 28.76 -52.04
CA LYS C 29 -42.22 29.55 -51.11
C LYS C 29 -43.66 29.60 -51.59
N TYR C 30 -44.61 29.55 -50.67
CA TYR C 30 -45.95 29.97 -51.01
C TYR C 30 -45.91 31.51 -50.95
N GLU C 31 -46.55 32.15 -51.92
CA GLU C 31 -46.36 33.60 -51.99
C GLU C 31 -47.14 34.47 -51.00
N THR C 32 -48.31 33.99 -50.56
CA THR C 32 -48.94 34.42 -49.33
C THR C 32 -49.06 33.27 -48.31
N PRO C 33 -48.18 33.22 -47.32
CA PRO C 33 -48.33 32.41 -46.07
C PRO C 33 -49.62 32.59 -45.21
N GLU C 34 -50.36 33.66 -45.39
CA GLU C 34 -51.66 33.66 -44.76
C GLU C 34 -52.71 34.29 -45.66
N LEU C 35 -53.63 33.48 -46.15
CA LEU C 35 -54.60 33.99 -47.09
C LEU C 35 -55.89 34.27 -46.38
N HIS C 36 -56.49 35.44 -46.62
CA HIS C 36 -57.80 35.78 -46.09
C HIS C 36 -58.87 35.73 -47.14
N VAL C 37 -59.92 34.98 -46.87
CA VAL C 37 -60.97 34.72 -47.82
C VAL C 37 -62.25 34.66 -46.96
N LYS C 38 -63.39 34.58 -47.63
CA LYS C 38 -64.65 34.45 -47.01
C LYS C 38 -65.20 33.04 -47.22
N VAL C 39 -66.14 32.64 -46.37
CA VAL C 39 -66.89 31.43 -46.63
C VAL C 39 -67.42 31.42 -48.06
N GLY C 40 -67.24 30.27 -48.77
CA GLY C 40 -67.75 30.05 -50.10
C GLY C 40 -66.78 30.43 -51.22
N ASP C 41 -65.67 31.03 -50.85
CA ASP C 41 -64.59 31.46 -51.79
C ASP C 41 -63.73 30.22 -52.19
N THR C 42 -63.26 30.24 -53.43
CA THR C 42 -62.29 29.28 -53.92
C THR C 42 -60.87 29.88 -53.91
N VAL C 43 -59.89 29.11 -53.45
CA VAL C 43 -58.51 29.46 -53.56
C VAL C 43 -57.85 28.56 -54.60
N THR C 44 -56.99 29.12 -55.44
CA THR C 44 -56.24 28.32 -56.42
C THR C 44 -54.77 28.57 -56.21
N TRP C 45 -54.06 27.49 -55.93
CA TRP C 45 -52.64 27.50 -55.90
C TRP C 45 -52.12 27.35 -57.33
N ILE C 46 -51.08 28.12 -57.70
CA ILE C 46 -50.41 27.91 -59.00
C ILE C 46 -48.93 27.68 -58.91
N ASN C 47 -48.46 26.51 -59.35
CA ASN C 47 -47.01 26.26 -59.42
C ASN C 47 -46.37 26.97 -60.62
N ARG C 48 -45.49 27.89 -60.27
CA ARG C 48 -44.77 28.75 -61.20
C ARG C 48 -43.41 28.21 -61.52
N GLU C 49 -42.92 27.26 -60.72
CA GLU C 49 -41.63 26.69 -60.96
C GLU C 49 -41.66 25.21 -61.32
N ALA C 50 -40.51 24.72 -61.74
CA ALA C 50 -40.29 23.35 -62.20
C ALA C 50 -40.41 22.30 -61.10
N MET C 51 -39.83 22.57 -59.93
CA MET C 51 -40.01 21.73 -58.74
C MET C 51 -41.49 21.42 -58.52
N PRO C 52 -41.89 20.13 -58.45
CA PRO C 52 -43.31 19.96 -58.05
C PRO C 52 -43.64 20.37 -56.59
N HIS C 53 -44.86 20.87 -56.39
CA HIS C 53 -45.35 21.27 -55.11
C HIS C 53 -46.82 20.86 -55.03
N ASN C 54 -47.30 20.65 -53.82
CA ASN C 54 -48.76 20.52 -53.58
C ASN C 54 -49.18 21.34 -52.39
N VAL C 55 -50.45 21.24 -52.01
CA VAL C 55 -50.92 21.73 -50.70
C VAL C 55 -51.50 20.51 -49.96
N HIS C 56 -51.16 20.36 -48.70
CA HIS C 56 -51.57 19.18 -47.94
C HIS C 56 -52.05 19.69 -46.57
N PHE C 57 -53.32 19.43 -46.27
CA PHE C 57 -53.94 19.68 -44.96
C PHE C 57 -54.04 18.33 -44.22
N VAL C 58 -53.47 18.25 -43.01
CA VAL C 58 -53.48 16.99 -42.26
C VAL C 58 -54.90 16.64 -41.72
N ALA C 59 -55.07 15.37 -41.34
CA ALA C 59 -56.33 14.87 -40.78
C ALA C 59 -56.87 15.77 -39.64
N GLY C 60 -58.18 15.97 -39.64
CA GLY C 60 -58.78 16.86 -38.65
C GLY C 60 -59.01 18.29 -39.14
N VAL C 61 -58.26 18.73 -40.17
CA VAL C 61 -58.27 20.14 -40.56
C VAL C 61 -59.47 20.54 -41.42
N LEU C 62 -59.64 19.90 -42.55
CA LEU C 62 -60.72 20.24 -43.44
C LEU C 62 -61.78 19.18 -43.37
N GLY C 63 -61.52 18.17 -42.55
CA GLY C 63 -62.41 17.01 -42.42
C GLY C 63 -61.68 15.98 -41.57
N GLU C 64 -62.28 14.80 -41.40
CA GLU C 64 -61.61 13.71 -40.68
C GLU C 64 -60.36 13.22 -41.41
N ALA C 65 -60.43 13.11 -42.75
CA ALA C 65 -59.28 12.69 -43.51
C ALA C 65 -58.33 13.89 -43.80
N ALA C 66 -57.03 13.64 -43.88
CA ALA C 66 -56.10 14.54 -44.51
C ALA C 66 -56.57 14.90 -45.91
N LEU C 67 -56.44 16.18 -46.29
CA LEU C 67 -56.65 16.53 -47.69
C LEU C 67 -55.28 16.74 -48.29
N LYS C 68 -54.78 15.76 -49.04
CA LYS C 68 -53.46 15.84 -49.65
C LYS C 68 -53.64 16.05 -51.15
N GLY C 69 -53.40 17.28 -51.57
CA GLY C 69 -53.69 17.62 -52.94
C GLY C 69 -52.68 17.06 -53.88
N PRO C 70 -53.05 17.00 -55.17
CA PRO C 70 -52.08 16.40 -56.12
C PRO C 70 -50.85 17.35 -56.32
N MET C 71 -49.65 16.77 -56.55
CA MET C 71 -48.47 17.57 -56.85
C MET C 71 -48.71 18.29 -58.17
N MET C 72 -48.32 19.56 -58.19
CA MET C 72 -48.43 20.34 -59.38
C MET C 72 -47.06 20.43 -60.03
N LYS C 73 -47.03 20.28 -61.34
CA LYS C 73 -45.85 20.58 -62.10
C LYS C 73 -45.92 22.04 -62.44
N LYS C 74 -44.84 22.55 -63.06
CA LYS C 74 -44.78 23.91 -63.56
C LYS C 74 -46.04 24.29 -64.38
N GLU C 75 -46.61 25.48 -64.07
CA GLU C 75 -47.82 26.03 -64.68
C GLU C 75 -49.04 25.14 -64.55
N GLN C 76 -49.07 24.33 -63.49
CA GLN C 76 -50.34 23.70 -63.10
C GLN C 76 -50.90 24.31 -61.82
N ALA C 77 -52.17 24.02 -61.58
CA ALA C 77 -52.96 24.74 -60.63
C ALA C 77 -53.95 23.78 -59.94
N TYR C 78 -54.48 24.18 -58.78
CA TYR C 78 -55.33 23.29 -57.97
C TYR C 78 -56.09 24.17 -57.05
N SER C 79 -57.41 23.94 -56.94
CA SER C 79 -58.29 24.78 -56.16
C SER C 79 -58.87 24.06 -54.96
N LEU C 80 -59.32 24.84 -53.98
CA LEU C 80 -60.17 24.39 -52.87
C LEU C 80 -61.14 25.49 -52.56
N THR C 81 -62.38 25.08 -52.34
CA THR C 81 -63.43 26.00 -51.94
C THR C 81 -63.71 25.78 -50.45
N PHE C 82 -63.65 26.85 -49.66
CA PHE C 82 -63.77 26.72 -48.22
C PHE C 82 -65.18 27.02 -47.81
N THR C 83 -65.74 26.10 -47.05
CA THR C 83 -67.17 26.15 -46.77
C THR C 83 -67.49 26.53 -45.32
N GLU C 84 -66.46 26.69 -44.49
CA GLU C 84 -66.68 26.98 -43.09
C GLU C 84 -65.62 27.94 -42.49
N ALA C 85 -66.10 28.95 -41.73
CA ALA C 85 -65.20 29.96 -41.07
C ALA C 85 -64.18 29.23 -40.21
N GLY C 86 -62.90 29.59 -40.29
CA GLY C 86 -61.93 28.98 -39.39
C GLY C 86 -60.57 29.24 -39.93
N THR C 87 -59.58 28.61 -39.35
CA THR C 87 -58.22 28.83 -39.78
C THR C 87 -57.60 27.48 -40.09
N TYR C 88 -57.07 27.34 -41.31
CA TYR C 88 -56.66 26.00 -41.83
C TYR C 88 -55.23 26.00 -42.29
N ASP C 89 -54.35 25.26 -41.63
CA ASP C 89 -52.96 25.24 -42.05
C ASP C 89 -52.72 24.14 -43.09
N TYR C 90 -51.72 24.34 -43.93
CA TYR C 90 -51.31 23.34 -44.92
C TYR C 90 -49.78 23.49 -45.07
N HIS C 91 -49.19 22.46 -45.64
CA HIS C 91 -47.80 22.48 -46.01
C HIS C 91 -47.67 21.74 -47.32
N CYS C 92 -46.46 21.70 -47.83
CA CYS C 92 -46.19 21.00 -49.06
C CYS C 92 -45.53 19.68 -48.74
N THR C 93 -46.10 18.59 -49.23
CA THR C 93 -45.76 17.26 -48.70
C THR C 93 -44.27 16.91 -48.68
N PRO C 94 -43.54 17.00 -49.83
CA PRO C 94 -42.10 16.74 -49.81
C PRO C 94 -41.33 17.85 -49.05
N HIS C 95 -41.97 19.01 -48.81
CA HIS C 95 -41.30 20.24 -48.31
C HIS C 95 -42.04 20.91 -47.14
N PRO C 96 -42.00 20.31 -45.92
CA PRO C 96 -42.73 20.73 -44.74
C PRO C 96 -42.28 22.10 -44.22
N PHE C 97 -41.09 22.55 -44.68
CA PHE C 97 -40.72 23.93 -44.48
C PHE C 97 -41.60 24.90 -45.26
N MET C 98 -42.40 24.41 -46.21
CA MET C 98 -43.28 25.28 -46.95
C MET C 98 -44.64 25.20 -46.30
N ARG C 99 -45.08 26.29 -45.68
CA ARG C 99 -46.29 26.29 -44.83
C ARG C 99 -47.19 27.44 -45.22
N GLY C 100 -48.50 27.26 -45.18
CA GLY C 100 -49.41 28.35 -45.44
C GLY C 100 -50.59 28.20 -44.52
N LYS C 101 -51.44 29.22 -44.45
CA LYS C 101 -52.73 29.07 -43.82
C LYS C 101 -53.77 29.84 -44.61
N VAL C 102 -54.99 29.31 -44.63
CA VAL C 102 -56.16 29.95 -45.17
C VAL C 102 -57.02 30.30 -43.95
N VAL C 103 -57.32 31.60 -43.87
CA VAL C 103 -58.17 32.20 -42.86
C VAL C 103 -59.48 32.54 -43.55
N VAL C 104 -60.55 31.85 -43.15
CA VAL C 104 -61.83 31.94 -43.85
C VAL C 104 -62.79 32.61 -42.88
N GLU C 105 -63.38 33.73 -43.32
CA GLU C 105 -64.12 34.61 -42.44
C GLU C 105 -65.60 34.55 -42.79
CA ASP D 1 -48.51 -25.97 -6.72
C ASP D 1 -48.75 -27.40 -6.18
N LYS D 2 -48.59 -28.40 -7.06
CA LYS D 2 -48.94 -29.80 -6.72
C LYS D 2 -47.73 -30.72 -6.53
N ALA D 3 -46.55 -30.09 -6.38
CA ALA D 3 -45.24 -30.71 -6.22
C ALA D 3 -44.21 -29.71 -5.67
N THR D 4 -43.16 -30.26 -5.04
CA THR D 4 -42.00 -29.49 -4.59
C THR D 4 -40.74 -30.15 -5.17
N ILE D 5 -39.62 -29.40 -5.13
CA ILE D 5 -38.40 -29.80 -5.81
C ILE D 5 -37.33 -30.03 -4.76
N PRO D 6 -37.09 -31.33 -4.40
CA PRO D 6 -36.08 -31.59 -3.39
C PRO D 6 -34.78 -30.92 -3.71
N SER D 7 -34.37 -31.02 -5.00
CA SER D 7 -33.09 -30.54 -5.48
C SER D 7 -33.25 -29.72 -6.79
N GLU D 8 -32.80 -28.47 -6.79
CA GLU D 8 -32.98 -27.60 -7.96
C GLU D 8 -32.18 -28.13 -9.14
N SER D 9 -30.94 -28.54 -8.84
CA SER D 9 -30.00 -29.02 -9.87
C SER D 9 -30.08 -30.55 -10.02
N PRO D 10 -29.55 -31.12 -11.14
CA PRO D 10 -29.42 -32.61 -11.12
C PRO D 10 -28.33 -33.03 -10.13
N PHE D 11 -28.52 -34.19 -9.50
CA PHE D 11 -27.56 -34.72 -8.52
C PHE D 11 -27.11 -36.13 -8.95
N ALA D 12 -25.93 -36.55 -8.45
CA ALA D 12 -25.36 -37.86 -8.76
C ALA D 12 -26.33 -39.06 -8.50
N ALA D 13 -26.48 -39.96 -9.49
CA ALA D 13 -27.27 -41.19 -9.29
C ALA D 13 -26.79 -42.12 -8.11
N ALA D 14 -25.52 -41.96 -7.70
CA ALA D 14 -24.91 -42.65 -6.54
C ALA D 14 -25.40 -42.12 -5.17
N GLU D 15 -25.75 -40.82 -5.15
CA GLU D 15 -26.38 -40.12 -4.02
C GLU D 15 -27.87 -40.46 -3.82
N VAL D 16 -28.50 -41.20 -4.74
CA VAL D 16 -29.93 -41.55 -4.58
C VAL D 16 -30.11 -42.67 -3.58
N ALA D 17 -30.95 -42.43 -2.58
CA ALA D 17 -31.23 -43.45 -1.54
C ALA D 17 -31.89 -44.74 -2.10
N ASP D 18 -31.68 -45.89 -1.44
CA ASP D 18 -32.46 -47.07 -1.84
C ASP D 18 -33.86 -47.02 -1.28
N GLY D 19 -34.68 -47.96 -1.78
CA GLY D 19 -36.13 -47.92 -1.61
C GLY D 19 -36.79 -46.70 -2.22
N ALA D 20 -36.00 -45.76 -2.77
CA ALA D 20 -36.58 -44.57 -3.44
C ALA D 20 -37.40 -44.98 -4.67
N ILE D 21 -38.47 -44.21 -4.97
CA ILE D 21 -39.28 -44.41 -6.17
C ILE D 21 -38.45 -43.88 -7.36
N VAL D 22 -38.15 -44.72 -8.33
CA VAL D 22 -37.23 -44.28 -9.37
C VAL D 22 -37.85 -44.51 -10.72
N VAL D 23 -37.79 -43.50 -11.57
CA VAL D 23 -37.98 -43.72 -13.02
C VAL D 23 -36.64 -43.66 -13.77
N ASP D 24 -36.20 -44.81 -14.29
CA ASP D 24 -35.02 -44.81 -15.17
C ASP D 24 -35.28 -44.27 -16.56
N ILE D 25 -34.24 -43.71 -17.13
CA ILE D 25 -34.30 -43.23 -18.51
C ILE D 25 -33.16 -43.86 -19.26
N ALA D 26 -33.50 -44.56 -20.31
CA ALA D 26 -32.49 -45.11 -21.23
C ALA D 26 -33.16 -45.52 -22.52
N LYS D 27 -32.33 -45.64 -23.56
CA LYS D 27 -32.81 -46.01 -24.88
C LYS D 27 -33.93 -45.09 -25.33
N MET D 28 -33.74 -43.81 -25.03
CA MET D 28 -34.65 -42.70 -25.44
C MET D 28 -36.06 -42.88 -24.95
N LYS D 29 -36.22 -43.44 -23.74
CA LYS D 29 -37.52 -43.47 -23.11
C LYS D 29 -37.59 -43.60 -21.58
N TYR D 30 -38.74 -43.19 -21.05
CA TYR D 30 -39.01 -43.31 -19.64
C TYR D 30 -39.40 -44.76 -19.40
N GLU D 31 -38.59 -45.48 -18.60
CA GLU D 31 -38.77 -46.91 -18.40
C GLU D 31 -40.01 -47.29 -17.63
N THR D 32 -40.55 -46.35 -16.88
CA THR D 32 -41.84 -46.51 -16.21
C THR D 32 -42.76 -45.37 -16.67
N PRO D 33 -43.36 -45.53 -17.86
CA PRO D 33 -44.15 -44.39 -18.40
C PRO D 33 -45.37 -44.10 -17.52
N GLU D 34 -45.92 -45.14 -16.87
CA GLU D 34 -47.07 -44.89 -15.99
C GLU D 34 -46.79 -45.28 -14.55
N LEU D 35 -46.42 -44.27 -13.76
CA LEU D 35 -46.05 -44.42 -12.38
C LEU D 35 -47.17 -44.05 -11.42
N HIS D 36 -47.53 -44.97 -10.51
CA HIS D 36 -48.57 -44.70 -9.47
C HIS D 36 -47.93 -44.40 -8.14
N VAL D 37 -48.08 -43.19 -7.66
CA VAL D 37 -47.58 -42.96 -6.31
C VAL D 37 -48.74 -42.61 -5.35
N LYS D 38 -48.41 -42.49 -4.06
CA LYS D 38 -49.33 -41.91 -3.07
C LYS D 38 -48.95 -40.47 -2.90
N VAL D 39 -49.96 -39.64 -2.56
CA VAL D 39 -49.75 -38.29 -2.08
C VAL D 39 -48.60 -38.27 -1.08
N GLY D 40 -47.70 -37.32 -1.24
CA GLY D 40 -46.49 -37.21 -0.40
C GLY D 40 -45.17 -37.80 -0.92
N ASP D 41 -45.27 -38.83 -1.78
CA ASP D 41 -44.06 -39.48 -2.47
C ASP D 41 -43.13 -38.54 -3.26
N THR D 42 -41.83 -38.78 -3.14
CA THR D 42 -40.82 -38.19 -4.00
C THR D 42 -40.45 -39.16 -5.12
N VAL D 43 -40.60 -38.69 -6.35
CA VAL D 43 -40.16 -39.43 -7.55
C VAL D 43 -38.80 -38.95 -8.01
N THR D 44 -37.91 -39.89 -8.29
CA THR D 44 -36.59 -39.57 -8.78
C THR D 44 -36.39 -40.20 -10.16
N TRP D 45 -36.33 -39.35 -11.17
CA TRP D 45 -35.88 -39.75 -12.51
C TRP D 45 -34.38 -39.85 -12.48
N ILE D 46 -33.85 -40.94 -13.02
CA ILE D 46 -32.40 -41.03 -13.20
C ILE D 46 -32.08 -41.30 -14.65
N ASN D 47 -31.15 -40.54 -15.21
CA ASN D 47 -30.72 -40.73 -16.61
C ASN D 47 -29.62 -41.76 -16.70
N ARG D 48 -29.86 -42.84 -17.43
CA ARG D 48 -28.83 -43.89 -17.52
C ARG D 48 -27.92 -43.80 -18.75
N GLU D 49 -28.26 -42.91 -19.70
CA GLU D 49 -27.46 -42.77 -20.90
C GLU D 49 -26.86 -41.39 -21.07
N ALA D 50 -25.99 -41.27 -22.08
CA ALA D 50 -25.21 -40.06 -22.29
C ALA D 50 -26.05 -38.92 -22.92
N MET D 51 -26.99 -39.25 -23.83
CA MET D 51 -28.06 -38.34 -24.33
C MET D 51 -28.75 -37.62 -23.18
N PRO D 52 -28.60 -36.28 -23.08
CA PRO D 52 -29.37 -35.60 -22.01
C PRO D 52 -30.90 -35.75 -22.13
N HIS D 53 -31.58 -35.71 -20.97
CA HIS D 53 -33.04 -35.82 -20.84
C HIS D 53 -33.50 -35.04 -19.63
N ASN D 54 -34.79 -34.64 -19.63
CA ASN D 54 -35.41 -34.03 -18.46
C ASN D 54 -36.86 -34.49 -18.29
N VAL D 55 -37.56 -33.86 -17.33
CA VAL D 55 -39.02 -33.99 -17.22
C VAL D 55 -39.61 -32.59 -17.31
N HIS D 56 -40.77 -32.48 -17.96
CA HIS D 56 -41.31 -31.18 -18.34
C HIS D 56 -42.82 -31.33 -18.26
N PHE D 57 -43.40 -30.57 -17.33
CA PHE D 57 -44.83 -30.51 -17.09
C PHE D 57 -45.25 -29.17 -17.64
N VAL D 58 -46.19 -29.19 -18.57
CA VAL D 58 -46.65 -27.95 -19.17
C VAL D 58 -47.37 -27.10 -18.12
N ALA D 59 -47.55 -25.82 -18.40
CA ALA D 59 -48.32 -24.93 -17.54
C ALA D 59 -49.71 -25.48 -17.22
N GLY D 60 -50.14 -25.25 -15.97
CA GLY D 60 -51.43 -25.74 -15.45
C GLY D 60 -51.27 -27.03 -14.65
N VAL D 61 -50.26 -27.81 -15.02
CA VAL D 61 -50.15 -29.18 -14.54
C VAL D 61 -49.68 -29.31 -13.08
N LEU D 62 -48.52 -28.74 -12.74
CA LEU D 62 -48.06 -28.77 -11.35
C LEU D 62 -48.29 -27.46 -10.57
N GLY D 63 -48.77 -26.43 -11.27
CA GLY D 63 -48.91 -25.09 -10.72
C GLY D 63 -49.30 -24.28 -11.95
N GLU D 64 -49.28 -22.95 -11.85
CA GLU D 64 -49.64 -22.11 -13.01
C GLU D 64 -48.58 -22.13 -14.10
N ALA D 65 -47.32 -22.06 -13.69
CA ALA D 65 -46.24 -22.15 -14.67
C ALA D 65 -45.83 -23.63 -14.95
N ALA D 66 -45.32 -23.85 -16.16
CA ALA D 66 -44.63 -25.10 -16.54
C ALA D 66 -43.48 -25.43 -15.59
N LEU D 67 -43.29 -26.70 -15.30
CA LEU D 67 -42.07 -27.08 -14.59
C LEU D 67 -41.11 -27.68 -15.64
N LYS D 68 -40.16 -26.88 -16.07
CA LYS D 68 -39.13 -27.36 -16.98
C LYS D 68 -37.97 -27.84 -16.12
N GLY D 69 -37.86 -29.16 -15.96
CA GLY D 69 -36.76 -29.70 -15.21
C GLY D 69 -35.43 -29.59 -15.96
N PRO D 70 -34.33 -29.38 -15.19
CA PRO D 70 -32.95 -29.31 -15.64
C PRO D 70 -32.59 -30.60 -16.36
N MET D 71 -31.76 -30.48 -17.41
CA MET D 71 -31.31 -31.63 -18.20
C MET D 71 -30.39 -32.50 -17.38
N MET D 72 -30.71 -33.77 -17.32
CA MET D 72 -29.82 -34.72 -16.69
C MET D 72 -28.77 -35.26 -17.70
N LYS D 73 -27.49 -35.02 -17.42
CA LYS D 73 -26.42 -35.82 -18.05
C LYS D 73 -26.40 -37.25 -17.49
N LYS D 74 -25.50 -38.07 -18.05
CA LYS D 74 -25.50 -39.53 -17.81
C LYS D 74 -25.26 -39.76 -16.35
N GLU D 75 -26.11 -40.59 -15.73
CA GLU D 75 -25.98 -40.97 -14.30
C GLU D 75 -26.27 -39.78 -13.37
N GLN D 76 -27.11 -38.85 -13.86
CA GLN D 76 -27.62 -37.75 -13.04
C GLN D 76 -29.09 -37.95 -12.74
N ALA D 77 -29.54 -37.37 -11.66
CA ALA D 77 -30.86 -37.64 -11.13
C ALA D 77 -31.51 -36.35 -10.74
N TYR D 78 -32.84 -36.38 -10.67
CA TYR D 78 -33.66 -35.22 -10.34
C TYR D 78 -34.99 -35.70 -9.75
N SER D 79 -35.40 -35.08 -8.63
CA SER D 79 -36.57 -35.49 -7.85
C SER D 79 -37.75 -34.50 -7.86
N LEU D 80 -38.97 -35.04 -7.79
CA LEU D 80 -40.14 -34.20 -7.51
C LEU D 80 -40.95 -34.84 -6.40
N THR D 81 -41.44 -34.06 -5.45
CA THR D 81 -42.35 -34.56 -4.40
C THR D 81 -43.78 -34.13 -4.70
N PHE D 82 -44.66 -35.10 -4.89
CA PHE D 82 -46.01 -34.79 -5.30
C PHE D 82 -46.96 -34.66 -4.10
N THR D 83 -47.66 -33.54 -4.06
CA THR D 83 -48.27 -33.10 -2.85
C THR D 83 -49.74 -32.90 -3.08
N GLU D 84 -50.35 -33.74 -3.90
CA GLU D 84 -51.76 -33.61 -4.21
C GLU D 84 -52.10 -34.66 -5.24
N ALA D 85 -53.14 -35.46 -4.93
CA ALA D 85 -53.72 -36.48 -5.81
C ALA D 85 -53.98 -36.00 -7.25
N GLY D 86 -54.17 -36.92 -8.20
CA GLY D 86 -54.39 -36.50 -9.62
C GLY D 86 -53.45 -37.14 -10.61
N THR D 87 -53.54 -36.72 -11.88
CA THR D 87 -52.71 -37.30 -12.95
C THR D 87 -51.88 -36.21 -13.56
N TYR D 88 -50.56 -36.44 -13.61
CA TYR D 88 -49.61 -35.43 -14.06
C TYR D 88 -48.74 -35.93 -15.22
N ASP D 89 -48.99 -35.38 -16.40
CA ASP D 89 -48.33 -35.79 -17.61
C ASP D 89 -47.08 -34.95 -17.72
N TYR D 90 -45.99 -35.60 -18.14
CA TYR D 90 -44.75 -34.93 -18.48
C TYR D 90 -44.19 -35.40 -19.84
N HIS D 91 -43.12 -34.73 -20.30
CA HIS D 91 -42.46 -35.10 -21.54
C HIS D 91 -41.02 -34.64 -21.43
N CYS D 92 -40.15 -35.12 -22.31
CA CYS D 92 -38.78 -34.58 -22.37
C CYS D 92 -38.79 -33.36 -23.30
N THR D 93 -38.25 -32.24 -22.80
CA THR D 93 -38.16 -31.00 -23.54
C THR D 93 -37.63 -31.10 -24.99
N PRO D 94 -36.39 -31.62 -25.20
CA PRO D 94 -36.02 -31.65 -26.61
C PRO D 94 -36.59 -32.89 -27.33
N HIS D 95 -37.29 -33.75 -26.59
CA HIS D 95 -37.75 -35.04 -27.15
C HIS D 95 -39.18 -35.27 -26.76
N PRO D 96 -40.14 -34.63 -27.50
CA PRO D 96 -41.58 -34.70 -27.08
C PRO D 96 -42.17 -36.08 -27.29
N PHE D 97 -41.48 -36.93 -28.03
CA PHE D 97 -41.87 -38.35 -28.15
C PHE D 97 -41.73 -39.19 -26.85
N MET D 98 -40.90 -38.73 -25.90
CA MET D 98 -40.67 -39.40 -24.64
C MET D 98 -41.72 -38.77 -23.74
N ARG D 99 -42.72 -39.58 -23.39
CA ARG D 99 -43.78 -39.13 -22.49
C ARG D 99 -43.98 -40.04 -21.30
N GLY D 100 -44.35 -39.42 -20.19
CA GLY D 100 -44.93 -40.17 -19.06
C GLY D 100 -46.03 -39.47 -18.27
N LYS D 101 -46.48 -40.11 -17.21
CA LYS D 101 -47.42 -39.49 -16.27
C LYS D 101 -47.18 -40.02 -14.86
N VAL D 102 -47.32 -39.17 -13.85
CA VAL D 102 -47.22 -39.62 -12.47
C VAL D 102 -48.67 -39.63 -12.01
N VAL D 103 -49.18 -40.77 -11.57
CA VAL D 103 -50.56 -40.86 -11.08
C VAL D 103 -50.50 -40.88 -9.55
N VAL D 104 -50.84 -39.75 -8.95
CA VAL D 104 -50.79 -39.58 -7.51
C VAL D 104 -52.19 -39.89 -6.93
N GLU D 105 -52.19 -40.88 -6.05
CA GLU D 105 -53.39 -41.45 -5.48
C GLU D 105 -53.47 -41.06 -4.01
N GLU E 5 -22.37 -8.34 -57.99
CA GLU E 5 -23.77 -8.05 -58.42
C GLU E 5 -23.83 -7.69 -59.92
N ALA E 6 -23.26 -8.54 -60.78
CA ALA E 6 -23.37 -8.34 -62.24
C ALA E 6 -24.84 -8.45 -62.73
N GLU E 7 -25.03 -8.22 -64.04
CA GLU E 7 -26.30 -8.49 -64.65
C GLU E 7 -26.28 -9.84 -65.38
N THR E 8 -27.35 -10.62 -65.17
CA THR E 8 -27.60 -11.78 -66.03
C THR E 8 -27.85 -11.36 -67.47
N GLN E 9 -27.71 -12.33 -68.37
CA GLN E 9 -28.08 -12.14 -69.73
C GLN E 9 -29.56 -11.77 -69.82
N ALA E 10 -30.44 -12.45 -69.08
CA ALA E 10 -31.88 -12.12 -69.20
C ALA E 10 -32.21 -10.68 -68.77
N GLN E 11 -31.58 -10.21 -67.70
CA GLN E 11 -31.89 -8.91 -67.17
C GLN E 11 -31.28 -7.74 -67.98
N GLU E 12 -30.14 -8.02 -68.65
CA GLU E 12 -29.63 -7.18 -69.78
C GLU E 12 -30.64 -7.01 -70.90
N THR E 13 -31.13 -8.12 -71.43
CA THR E 13 -32.10 -8.01 -72.50
C THR E 13 -33.43 -7.37 -72.12
N GLN E 14 -33.93 -7.68 -70.92
CA GLN E 14 -35.09 -6.96 -70.38
C GLN E 14 -34.80 -5.44 -70.06
N GLY E 15 -33.67 -5.13 -69.41
CA GLY E 15 -33.35 -3.72 -69.14
C GLY E 15 -33.21 -2.86 -70.41
N GLN E 16 -32.73 -3.50 -71.49
CA GLN E 16 -32.53 -2.89 -72.82
C GLN E 16 -33.82 -2.67 -73.56
N ALA E 17 -34.68 -3.70 -73.62
CA ALA E 17 -36.07 -3.58 -74.11
C ALA E 17 -36.85 -2.46 -73.36
N ALA E 18 -36.68 -2.41 -72.05
CA ALA E 18 -37.33 -1.39 -71.22
C ALA E 18 -36.68 0.01 -71.41
N ALA E 19 -35.36 0.12 -71.59
CA ALA E 19 -34.82 1.45 -71.95
C ALA E 19 -35.33 1.90 -73.35
N ARG E 20 -35.49 0.97 -74.28
CA ARG E 20 -35.99 1.34 -75.62
C ARG E 20 -37.40 1.85 -75.56
N ALA E 21 -38.26 1.11 -74.85
CA ALA E 21 -39.69 1.49 -74.74
C ALA E 21 -39.81 2.87 -74.08
N ALA E 22 -39.02 3.11 -73.05
CA ALA E 22 -39.01 4.37 -72.33
C ALA E 22 -38.55 5.52 -73.24
N ALA E 23 -37.38 5.39 -73.87
CA ALA E 23 -36.92 6.30 -74.93
C ALA E 23 -38.00 6.66 -75.98
N ALA E 24 -38.66 5.64 -76.53
CA ALA E 24 -39.72 5.87 -77.50
C ALA E 24 -40.84 6.66 -76.88
N ASP E 25 -41.23 6.31 -75.64
CA ASP E 25 -42.31 7.01 -74.95
C ASP E 25 -41.98 8.49 -74.83
N LEU E 26 -40.76 8.76 -74.35
CA LEU E 26 -40.19 10.08 -74.22
C LEU E 26 -40.17 10.87 -75.57
N ALA E 27 -39.56 10.32 -76.61
CA ALA E 27 -39.57 10.95 -77.94
C ALA E 27 -40.98 11.32 -78.38
N ALA E 28 -41.96 10.48 -78.08
CA ALA E 28 -43.34 10.69 -78.47
C ALA E 28 -44.02 11.61 -77.45
N GLY E 29 -43.24 12.16 -76.53
CA GLY E 29 -43.80 13.06 -75.54
C GLY E 29 -44.83 12.48 -74.53
N GLN E 30 -44.92 11.15 -74.40
CA GLN E 30 -45.90 10.51 -73.50
C GLN E 30 -45.52 10.65 -72.05
N ASP E 31 -46.30 11.37 -71.24
CA ASP E 31 -46.02 11.58 -69.78
C ASP E 31 -45.96 10.30 -68.93
N ASP E 32 -44.98 10.21 -68.03
CA ASP E 32 -44.94 9.15 -67.03
C ASP E 32 -45.97 9.40 -66.00
N GLU E 33 -46.81 8.39 -65.82
CA GLU E 33 -47.81 8.43 -64.78
C GLU E 33 -47.77 7.25 -63.78
N PRO E 34 -46.82 7.31 -62.83
CA PRO E 34 -46.68 6.18 -61.91
C PRO E 34 -47.98 5.65 -61.29
N ARG E 35 -48.05 4.32 -61.22
CA ARG E 35 -49.14 3.60 -60.54
C ARG E 35 -48.51 2.27 -60.00
N ILE E 36 -49.31 1.47 -59.30
CA ILE E 36 -48.84 0.21 -58.74
C ILE E 36 -49.23 -0.88 -59.72
N LEU E 37 -48.23 -1.66 -60.19
CA LEU E 37 -48.44 -2.77 -61.13
C LEU E 37 -49.16 -3.92 -60.48
N GLU E 38 -49.83 -4.71 -61.34
CA GLU E 38 -50.32 -6.09 -61.03
C GLU E 38 -49.41 -7.10 -61.71
N ALA E 39 -49.16 -8.23 -61.05
CA ALA E 39 -48.41 -9.28 -61.66
C ALA E 39 -49.26 -9.93 -62.79
N PRO E 40 -48.56 -10.57 -63.75
CA PRO E 40 -49.31 -11.31 -64.75
C PRO E 40 -50.03 -12.43 -63.99
N ALA E 41 -51.08 -12.98 -64.61
CA ALA E 41 -51.85 -14.07 -64.06
C ALA E 41 -50.94 -15.26 -63.86
N PRO E 42 -51.14 -16.00 -62.77
CA PRO E 42 -50.42 -17.29 -62.50
C PRO E 42 -50.49 -18.25 -63.66
N ASP E 43 -49.37 -18.84 -64.04
CA ASP E 43 -49.33 -19.83 -65.11
C ASP E 43 -48.36 -20.94 -64.68
N ALA E 44 -48.31 -21.97 -65.47
CA ALA E 44 -47.46 -23.10 -65.16
C ALA E 44 -45.97 -22.78 -64.96
N ARG E 45 -45.50 -21.65 -65.44
CA ARG E 45 -44.07 -21.29 -65.34
C ARG E 45 -43.72 -20.26 -64.32
N ARG E 46 -44.71 -19.92 -63.50
CA ARG E 46 -44.47 -19.02 -62.41
C ARG E 46 -43.80 -19.88 -61.35
N VAL E 47 -42.77 -19.35 -60.71
CA VAL E 47 -42.05 -20.10 -59.69
C VAL E 47 -41.76 -19.16 -58.55
N TYR E 48 -41.87 -19.72 -57.37
CA TYR E 48 -41.70 -19.02 -56.12
C TYR E 48 -40.42 -19.49 -55.47
N VAL E 49 -39.61 -18.50 -55.03
CA VAL E 49 -38.37 -18.74 -54.31
C VAL E 49 -38.42 -18.14 -52.92
N ASN E 50 -38.34 -18.98 -51.89
CA ASN E 50 -38.30 -18.49 -50.51
C ASN E 50 -36.90 -18.38 -49.97
N ASP E 51 -36.59 -17.27 -49.29
CA ASP E 51 -35.31 -17.08 -48.70
C ASP E 51 -35.49 -17.14 -47.15
N PRO E 52 -35.21 -18.33 -46.53
CA PRO E 52 -35.24 -18.34 -45.07
C PRO E 52 -34.03 -17.52 -44.49
N ALA E 53 -33.19 -16.96 -45.35
CA ALA E 53 -32.16 -15.98 -44.90
C ALA E 53 -31.27 -16.42 -43.70
N HIS E 54 -30.89 -17.70 -43.72
CA HIS E 54 -29.93 -18.31 -42.79
C HIS E 54 -30.34 -17.98 -41.35
N PHE E 55 -31.66 -18.04 -41.13
CA PHE E 55 -32.32 -17.94 -39.82
C PHE E 55 -32.64 -16.51 -39.40
N ALA E 56 -32.57 -15.56 -40.35
CA ALA E 56 -32.97 -14.20 -40.08
C ALA E 56 -34.39 -14.05 -39.54
N ALA E 57 -34.57 -13.05 -38.68
CA ALA E 57 -35.89 -12.76 -38.07
C ALA E 57 -36.96 -12.37 -39.15
N VAL E 58 -36.49 -11.82 -40.27
CA VAL E 58 -37.35 -11.51 -41.42
C VAL E 58 -36.74 -12.11 -42.69
N THR E 59 -37.61 -12.43 -43.65
CA THR E 59 -37.34 -13.26 -44.80
C THR E 59 -38.18 -12.76 -46.02
N GLN E 60 -37.77 -13.15 -47.23
CA GLN E 60 -38.48 -12.68 -48.46
C GLN E 60 -38.82 -13.86 -49.38
N GLN E 61 -39.92 -13.70 -50.08
CA GLN E 61 -40.32 -14.66 -51.11
C GLN E 61 -40.27 -13.91 -52.43
N PHE E 62 -39.58 -14.48 -53.41
CA PHE E 62 -39.56 -13.95 -54.78
C PHE E 62 -40.52 -14.69 -55.75
N VAL E 63 -41.45 -13.94 -56.38
CA VAL E 63 -42.36 -14.46 -57.42
C VAL E 63 -41.69 -14.19 -58.85
N ILE E 64 -41.56 -15.22 -59.67
CA ILE E 64 -40.65 -15.16 -60.80
C ILE E 64 -41.39 -15.79 -61.95
N ASP E 65 -41.29 -15.18 -63.12
CA ASP E 65 -41.69 -15.80 -64.34
C ASP E 65 -40.53 -16.59 -64.76
N GLY E 66 -40.61 -17.93 -64.71
CA GLY E 66 -39.49 -18.76 -65.02
C GLY E 66 -39.26 -18.82 -66.53
N GLU E 67 -40.27 -18.43 -67.29
CA GLU E 67 -40.15 -18.35 -68.73
C GLU E 67 -39.28 -17.17 -69.21
N ALA E 68 -39.47 -15.99 -68.63
CA ALA E 68 -38.64 -14.82 -68.91
C ALA E 68 -37.42 -14.70 -67.99
N GLY E 69 -37.45 -15.33 -66.83
CA GLY E 69 -36.34 -15.09 -65.87
C GLY E 69 -36.53 -13.72 -65.21
N ARG E 70 -37.77 -13.36 -64.93
CA ARG E 70 -38.08 -12.05 -64.35
C ARG E 70 -38.71 -12.19 -62.95
N VAL E 71 -38.25 -11.38 -62.02
CA VAL E 71 -38.97 -11.12 -60.78
C VAL E 71 -40.31 -10.39 -60.99
N ILE E 72 -41.45 -11.05 -60.70
CA ILE E 72 -42.69 -10.37 -60.99
C ILE E 72 -43.35 -9.80 -59.74
N GLY E 73 -42.77 -10.08 -58.58
CA GLY E 73 -43.27 -9.54 -57.34
C GLY E 73 -42.55 -10.13 -56.19
N MET E 74 -42.98 -9.81 -54.99
CA MET E 74 -42.26 -10.28 -53.80
C MET E 74 -43.27 -10.33 -52.70
N ILE E 75 -43.02 -11.15 -51.67
CA ILE E 75 -43.86 -11.15 -50.46
C ILE E 75 -42.94 -11.17 -49.23
N ASP E 76 -43.12 -10.24 -48.32
CA ASP E 76 -42.45 -10.32 -47.02
C ASP E 76 -42.99 -11.37 -46.02
N GLY E 77 -42.06 -11.93 -45.20
CA GLY E 77 -42.40 -12.94 -44.20
C GLY E 77 -41.51 -12.71 -42.97
N GLY E 78 -41.87 -13.42 -41.88
CA GLY E 78 -41.19 -13.27 -40.60
C GLY E 78 -40.16 -14.35 -40.47
N PHE E 79 -40.11 -14.96 -39.31
CA PHE E 79 -39.06 -15.90 -38.97
C PHE E 79 -39.45 -17.27 -39.46
N LEU E 80 -38.66 -17.80 -40.39
CA LEU E 80 -38.82 -19.15 -40.93
C LEU E 80 -40.20 -19.52 -41.45
N PRO E 81 -40.85 -18.60 -42.24
CA PRO E 81 -42.22 -18.91 -42.65
C PRO E 81 -42.32 -20.20 -43.52
N ASN E 82 -43.52 -20.80 -43.48
CA ASN E 82 -43.87 -21.90 -44.35
C ASN E 82 -44.73 -21.45 -45.52
N PRO E 83 -44.15 -21.43 -46.74
CA PRO E 83 -44.98 -20.96 -47.88
C PRO E 83 -45.84 -22.13 -48.41
N VAL E 84 -47.01 -21.81 -48.93
CA VAL E 84 -47.80 -22.74 -49.72
C VAL E 84 -48.39 -21.97 -50.94
N VAL E 85 -48.77 -22.71 -51.96
CA VAL E 85 -49.16 -22.14 -53.19
C VAL E 85 -50.36 -23.00 -53.63
N ALA E 86 -51.57 -22.46 -53.79
CA ALA E 86 -52.67 -23.32 -54.37
C ALA E 86 -52.32 -23.80 -55.83
N ASP E 87 -52.56 -25.11 -56.12
CA ASP E 87 -52.22 -25.70 -57.41
C ASP E 87 -53.00 -25.05 -58.54
N ASP E 88 -54.19 -24.56 -58.24
CA ASP E 88 -55.01 -23.83 -59.24
C ASP E 88 -54.63 -22.36 -59.55
N GLY E 89 -53.64 -21.79 -58.88
CA GLY E 89 -53.26 -20.42 -59.14
C GLY E 89 -54.13 -19.39 -58.39
N SER E 90 -55.07 -19.85 -57.52
CA SER E 90 -56.04 -18.94 -56.94
C SER E 90 -55.54 -18.13 -55.76
N PHE E 91 -54.53 -18.56 -55.05
CA PHE E 91 -54.02 -17.80 -53.92
C PHE E 91 -52.70 -18.36 -53.57
N ILE E 92 -51.93 -17.58 -52.81
CA ILE E 92 -50.76 -18.11 -52.18
C ILE E 92 -50.91 -17.77 -50.68
N ALA E 93 -50.21 -18.50 -49.82
CA ALA E 93 -50.35 -18.28 -48.41
C ALA E 93 -49.06 -18.64 -47.67
N HIS E 94 -48.96 -18.23 -46.42
CA HIS E 94 -47.88 -18.73 -45.58
C HIS E 94 -48.28 -18.66 -44.11
N ALA E 95 -47.69 -19.56 -43.33
CA ALA E 95 -47.69 -19.51 -41.88
C ALA E 95 -46.39 -18.78 -41.52
N SER E 96 -46.48 -17.73 -40.69
CA SER E 96 -45.27 -16.92 -40.42
C SER E 96 -45.22 -16.54 -38.91
N THR E 97 -44.15 -15.85 -38.49
CA THR E 97 -43.91 -15.54 -37.12
C THR E 97 -43.21 -14.18 -36.99
N VAL E 98 -43.85 -13.30 -36.18
CA VAL E 98 -43.27 -12.03 -35.90
C VAL E 98 -43.17 -11.86 -34.34
N PHE E 99 -42.33 -10.92 -33.92
CA PHE E 99 -42.12 -10.59 -32.51
C PHE E 99 -42.32 -9.11 -32.41
N SER E 100 -42.71 -8.60 -31.24
CA SER E 100 -42.97 -7.20 -31.09
C SER E 100 -41.71 -6.29 -31.06
N ARG E 101 -40.51 -6.85 -30.80
CA ARG E 101 -39.23 -6.08 -30.77
C ARG E 101 -38.14 -6.81 -31.56
N ILE E 102 -38.40 -6.98 -32.86
CA ILE E 102 -37.52 -7.68 -33.81
C ILE E 102 -37.44 -9.20 -33.61
N ALA E 103 -36.70 -9.66 -32.61
CA ALA E 103 -36.56 -11.09 -32.38
C ALA E 103 -36.86 -11.42 -30.92
N ARG E 104 -37.41 -10.45 -30.20
CA ARG E 104 -37.85 -10.74 -28.86
C ARG E 104 -39.12 -9.98 -28.55
N GLY E 105 -39.67 -10.23 -27.39
CA GLY E 105 -40.92 -9.64 -27.02
C GLY E 105 -42.01 -10.63 -27.35
N GLU E 106 -43.21 -10.13 -27.50
CA GLU E 106 -44.36 -10.97 -27.80
C GLU E 106 -44.29 -11.60 -29.19
N ARG E 107 -44.53 -12.90 -29.23
CA ARG E 107 -44.54 -13.69 -30.44
C ARG E 107 -45.94 -13.78 -31.02
N THR E 108 -46.12 -13.43 -32.32
CA THR E 108 -47.37 -13.78 -33.06
C THR E 108 -47.17 -14.78 -34.20
N ASP E 109 -47.86 -15.91 -34.16
CA ASP E 109 -47.90 -16.79 -35.32
C ASP E 109 -49.21 -16.52 -35.99
N TYR E 110 -49.21 -16.58 -37.32
CA TYR E 110 -50.33 -16.12 -38.12
C TYR E 110 -50.18 -16.75 -39.50
N VAL E 111 -51.33 -16.91 -40.14
CA VAL E 111 -51.42 -17.30 -41.52
C VAL E 111 -51.91 -16.09 -42.37
N GLU E 112 -51.15 -15.76 -43.44
CA GLU E 112 -51.63 -14.76 -44.46
C GLU E 112 -51.94 -15.47 -45.77
N VAL E 113 -52.99 -15.07 -46.39
CA VAL E 113 -53.34 -15.46 -47.72
C VAL E 113 -53.19 -14.24 -48.61
N PHE E 114 -52.63 -14.42 -49.80
CA PHE E 114 -52.48 -13.31 -50.72
C PHE E 114 -53.14 -13.56 -52.05
N ASP E 115 -53.64 -12.48 -52.63
CA ASP E 115 -54.11 -12.52 -53.96
C ASP E 115 -52.93 -12.71 -54.88
N PRO E 116 -52.99 -13.68 -55.82
CA PRO E 116 -51.69 -13.89 -56.55
C PRO E 116 -51.32 -12.93 -57.68
N VAL E 117 -52.17 -11.95 -58.01
CA VAL E 117 -51.83 -10.91 -58.97
C VAL E 117 -51.63 -9.48 -58.34
N THR E 118 -52.37 -9.15 -57.27
CA THR E 118 -52.16 -7.89 -56.60
C THR E 118 -51.18 -8.07 -55.47
N LEU E 119 -50.97 -9.34 -55.08
CA LEU E 119 -50.16 -9.71 -53.96
C LEU E 119 -50.64 -9.10 -52.62
N LEU E 120 -51.90 -8.69 -52.55
CA LEU E 120 -52.41 -8.01 -51.36
C LEU E 120 -52.91 -9.06 -50.38
N PRO E 121 -52.66 -8.87 -49.09
CA PRO E 121 -53.13 -9.93 -48.18
C PRO E 121 -54.63 -9.94 -48.20
N THR E 122 -55.26 -11.11 -48.26
CA THR E 122 -56.72 -11.14 -48.19
C THR E 122 -57.20 -11.80 -46.87
N ALA E 123 -56.28 -12.31 -46.07
CA ALA E 123 -56.63 -12.88 -44.78
C ALA E 123 -55.35 -12.79 -43.96
N ASP E 124 -55.53 -12.61 -42.64
CA ASP E 124 -54.51 -12.59 -41.62
C ASP E 124 -55.17 -13.28 -40.45
N ILE E 125 -54.74 -14.51 -40.18
CA ILE E 125 -55.45 -15.38 -39.26
C ILE E 125 -54.45 -15.73 -38.20
N GLU E 126 -54.69 -15.31 -36.98
CA GLU E 126 -53.79 -15.57 -35.88
C GLU E 126 -53.81 -17.01 -35.41
N LEU E 127 -52.68 -17.54 -35.03
CA LEU E 127 -52.68 -18.89 -34.50
C LEU E 127 -52.46 -18.74 -32.98
N PRO E 128 -53.39 -19.30 -32.16
CA PRO E 128 -53.25 -19.07 -30.70
C PRO E 128 -52.03 -19.79 -30.07
N ASP E 129 -51.36 -19.13 -29.13
CA ASP E 129 -50.31 -19.75 -28.31
C ASP E 129 -49.09 -20.18 -29.10
N ALA E 130 -48.69 -19.38 -30.10
CA ALA E 130 -47.44 -19.64 -30.87
C ALA E 130 -47.16 -21.13 -31.10
N PRO E 131 -48.04 -21.84 -31.83
CA PRO E 131 -47.98 -23.28 -32.09
C PRO E 131 -47.07 -23.76 -33.30
N ARG E 132 -46.49 -22.84 -34.07
CA ARG E 132 -45.63 -23.27 -35.21
C ARG E 132 -44.30 -23.94 -34.82
N PHE E 133 -43.79 -24.83 -35.70
CA PHE E 133 -42.53 -25.49 -35.54
C PHE E 133 -41.52 -24.62 -36.20
N LEU E 134 -40.63 -24.02 -35.41
CA LEU E 134 -39.61 -23.22 -35.93
C LEU E 134 -38.45 -24.13 -36.29
N VAL E 135 -38.31 -24.38 -37.59
CA VAL E 135 -37.32 -25.30 -38.12
C VAL E 135 -36.87 -24.76 -39.49
N GLY E 136 -35.66 -25.05 -39.94
CA GLY E 136 -35.25 -24.77 -41.35
C GLY E 136 -36.33 -25.28 -42.31
N THR E 137 -36.66 -24.53 -43.36
CA THR E 137 -37.92 -24.78 -44.09
C THR E 137 -38.12 -26.08 -44.85
N TYR E 138 -39.12 -26.86 -44.38
CA TYR E 138 -39.63 -28.07 -45.04
C TYR E 138 -41.03 -27.84 -45.61
N PRO E 139 -41.20 -27.84 -46.97
CA PRO E 139 -42.53 -27.51 -47.57
C PRO E 139 -43.70 -28.27 -47.02
N TRP E 140 -43.47 -29.49 -46.58
CA TRP E 140 -44.60 -30.33 -46.20
C TRP E 140 -44.82 -30.34 -44.68
N MET E 141 -44.18 -29.41 -43.98
CA MET E 141 -44.57 -29.05 -42.59
C MET E 141 -45.75 -28.06 -42.50
N THR E 142 -46.23 -27.56 -43.65
CA THR E 142 -47.45 -26.69 -43.72
C THR E 142 -48.05 -26.99 -45.09
N SER E 143 -49.31 -27.37 -45.11
CA SER E 143 -49.83 -27.98 -46.34
C SER E 143 -51.29 -27.65 -46.58
N LEU E 144 -51.60 -27.31 -47.80
CA LEU E 144 -52.97 -27.10 -48.15
C LEU E 144 -53.66 -28.46 -48.37
N THR E 145 -54.91 -28.54 -47.99
CA THR E 145 -55.78 -29.61 -48.53
C THR E 145 -56.12 -29.35 -50.00
N PRO E 146 -56.49 -30.41 -50.74
CA PRO E 146 -56.74 -30.31 -52.19
C PRO E 146 -57.76 -29.28 -52.67
N ASP E 147 -58.79 -28.98 -51.87
CA ASP E 147 -59.69 -27.94 -52.29
C ASP E 147 -59.26 -26.52 -51.90
N GLY E 148 -58.06 -26.39 -51.33
CA GLY E 148 -57.55 -25.12 -50.90
C GLY E 148 -58.30 -24.51 -49.70
N LYS E 149 -59.26 -25.19 -49.08
CA LYS E 149 -60.01 -24.49 -48.05
C LYS E 149 -59.41 -24.49 -46.65
N THR E 150 -58.36 -25.31 -46.47
CA THR E 150 -57.79 -25.62 -45.18
C THR E 150 -56.32 -25.68 -45.38
N LEU E 151 -55.61 -25.07 -44.41
CA LEU E 151 -54.19 -25.19 -44.26
C LEU E 151 -53.91 -26.01 -42.98
N LEU E 152 -53.02 -26.97 -43.10
CA LEU E 152 -52.62 -27.80 -41.91
C LEU E 152 -51.19 -27.47 -41.57
N PHE E 153 -50.86 -27.29 -40.31
CA PHE E 153 -49.45 -27.02 -40.02
C PHE E 153 -48.95 -27.88 -38.81
N TYR E 154 -47.66 -28.17 -38.80
CA TYR E 154 -47.14 -29.06 -37.73
C TYR E 154 -46.68 -28.31 -36.52
N GLN E 155 -47.04 -28.82 -35.33
CA GLN E 155 -46.46 -28.40 -34.05
C GLN E 155 -45.56 -29.51 -33.47
N PHE E 156 -44.38 -29.14 -32.96
CA PHE E 156 -43.39 -30.15 -32.47
C PHE E 156 -43.51 -30.35 -30.95
N SER E 157 -43.55 -29.22 -30.26
CA SER E 157 -43.52 -29.16 -28.85
C SER E 157 -44.69 -28.26 -28.41
N PRO E 158 -45.30 -28.51 -27.21
CA PRO E 158 -44.81 -29.45 -26.13
C PRO E 158 -45.05 -30.95 -26.46
N ALA E 159 -45.93 -31.16 -27.43
CA ALA E 159 -46.36 -32.45 -27.86
C ALA E 159 -46.63 -32.36 -29.41
N PRO E 160 -46.51 -33.49 -30.14
CA PRO E 160 -46.84 -33.49 -31.59
C PRO E 160 -48.29 -33.21 -31.90
N ALA E 161 -48.53 -32.31 -32.85
CA ALA E 161 -49.90 -31.90 -33.13
C ALA E 161 -49.99 -31.29 -34.52
N VAL E 162 -51.17 -31.18 -35.08
CA VAL E 162 -51.34 -30.56 -36.39
C VAL E 162 -52.44 -29.49 -36.19
N GLY E 163 -52.09 -28.23 -36.42
CA GLY E 163 -53.06 -27.16 -36.43
C GLY E 163 -53.91 -27.17 -37.68
N VAL E 164 -55.20 -27.00 -37.49
CA VAL E 164 -56.19 -26.85 -38.60
C VAL E 164 -56.64 -25.38 -38.72
N VAL E 165 -56.35 -24.79 -39.90
CA VAL E 165 -56.77 -23.43 -40.18
C VAL E 165 -57.77 -23.44 -41.32
N ASP E 166 -58.92 -22.86 -41.06
CA ASP E 166 -59.94 -22.76 -42.07
C ASP E 166 -59.63 -21.48 -42.85
N LEU E 167 -59.17 -21.65 -44.09
CA LEU E 167 -58.85 -20.53 -44.99
C LEU E 167 -60.13 -19.89 -45.57
N GLU E 168 -61.15 -20.72 -45.82
CA GLU E 168 -62.37 -20.21 -46.40
C GLU E 168 -63.06 -19.30 -45.39
N GLY E 169 -63.18 -19.74 -44.13
CA GLY E 169 -63.77 -18.88 -43.10
C GLY E 169 -62.80 -17.94 -42.39
N LYS E 170 -61.53 -17.98 -42.77
CA LYS E 170 -60.49 -17.13 -42.14
C LYS E 170 -60.42 -17.27 -40.62
N ALA E 171 -60.30 -18.51 -40.14
CA ALA E 171 -60.26 -18.80 -38.74
C ALA E 171 -59.43 -19.99 -38.40
N PHE E 172 -58.71 -19.87 -37.32
CA PHE E 172 -58.10 -21.05 -36.69
C PHE E 172 -59.27 -21.95 -36.18
N LYS E 173 -59.14 -23.26 -36.35
CA LYS E 173 -60.09 -24.22 -35.85
C LYS E 173 -59.52 -24.87 -34.60
N ARG E 174 -58.60 -25.82 -34.76
CA ARG E 174 -58.08 -26.55 -33.57
C ARG E 174 -56.80 -27.32 -33.84
N MET E 175 -56.18 -27.83 -32.77
CA MET E 175 -54.98 -28.67 -32.81
C MET E 175 -55.40 -30.11 -32.71
N LEU E 176 -54.92 -30.94 -33.64
CA LEU E 176 -55.16 -32.36 -33.68
C LEU E 176 -53.99 -32.98 -32.97
N ASP E 177 -54.27 -33.82 -31.95
CA ASP E 177 -53.24 -34.62 -31.30
C ASP E 177 -52.86 -35.69 -32.27
N VAL E 178 -51.57 -35.84 -32.50
CA VAL E 178 -51.12 -36.85 -33.43
C VAL E 178 -50.03 -37.69 -32.81
N PRO E 179 -49.71 -38.86 -33.45
CA PRO E 179 -48.61 -39.67 -32.92
C PRO E 179 -47.26 -38.99 -33.11
N ASP E 180 -46.19 -39.71 -32.75
CA ASP E 180 -44.84 -39.21 -32.93
C ASP E 180 -44.40 -39.29 -34.39
N CYS E 181 -45.05 -38.46 -35.23
CA CYS E 181 -44.92 -38.41 -36.68
C CYS E 181 -44.67 -36.97 -37.18
N TYR E 182 -44.25 -36.85 -38.45
CA TYR E 182 -43.70 -35.61 -39.02
C TYR E 182 -44.06 -35.43 -40.47
N HIS E 183 -44.32 -34.16 -40.82
CA HIS E 183 -44.72 -33.71 -42.16
C HIS E 183 -46.13 -34.09 -42.41
N ILE E 184 -46.76 -33.46 -43.40
CA ILE E 184 -48.20 -33.49 -43.55
C ILE E 184 -48.52 -33.51 -45.02
N PHE E 185 -49.14 -34.59 -45.50
CA PHE E 185 -49.37 -34.87 -46.94
C PHE E 185 -50.86 -35.10 -47.01
N PRO E 186 -51.62 -34.01 -47.27
CA PRO E 186 -53.11 -34.12 -47.26
C PRO E 186 -53.62 -34.79 -48.54
N THR E 187 -54.67 -35.62 -48.42
CA THR E 187 -55.25 -36.27 -49.57
C THR E 187 -56.65 -35.82 -49.73
N ALA E 188 -57.13 -35.06 -48.77
CA ALA E 188 -58.54 -34.72 -48.69
C ALA E 188 -58.83 -33.64 -47.70
N PRO E 189 -60.08 -33.20 -47.68
CA PRO E 189 -60.32 -32.13 -46.69
C PRO E 189 -59.97 -32.57 -45.25
N ASP E 190 -60.09 -33.88 -44.94
CA ASP E 190 -60.00 -34.24 -43.54
C ASP E 190 -59.17 -35.48 -43.28
N THR E 191 -58.17 -35.70 -44.19
CA THR E 191 -57.23 -36.85 -44.31
C THR E 191 -55.87 -36.34 -44.78
N PHE E 192 -54.83 -36.69 -44.02
CA PHE E 192 -53.47 -36.40 -44.37
C PHE E 192 -52.66 -37.56 -43.80
N PHE E 193 -51.47 -37.78 -44.37
CA PHE E 193 -50.54 -38.72 -43.91
C PHE E 193 -49.34 -37.99 -43.30
N MET E 194 -48.64 -38.68 -42.39
CA MET E 194 -47.46 -38.25 -41.71
C MET E 194 -46.51 -39.44 -41.73
N HIS E 195 -45.24 -39.17 -41.45
CA HIS E 195 -44.17 -40.15 -41.35
C HIS E 195 -43.68 -40.29 -39.88
N CYS E 196 -43.71 -41.51 -39.37
CA CYS E 196 -43.48 -41.74 -37.93
C CYS E 196 -42.04 -42.09 -37.53
N ARG E 197 -41.65 -41.79 -36.31
CA ARG E 197 -40.34 -42.21 -35.81
C ARG E 197 -40.05 -43.70 -35.99
N ASP E 198 -41.08 -44.55 -35.95
CA ASP E 198 -40.78 -45.97 -36.02
C ASP E 198 -40.63 -46.38 -37.46
N GLY E 199 -40.77 -45.41 -38.38
CA GLY E 199 -40.68 -45.67 -39.81
C GLY E 199 -41.90 -46.27 -40.50
N SER E 200 -43.05 -46.19 -39.86
CA SER E 200 -44.31 -46.36 -40.54
C SER E 200 -44.81 -44.97 -41.02
N LEU E 201 -45.91 -44.98 -41.76
CA LEU E 201 -46.75 -43.81 -42.02
C LEU E 201 -48.02 -43.88 -41.14
N ALA E 202 -48.39 -42.74 -40.52
CA ALA E 202 -49.69 -42.53 -39.94
C ALA E 202 -50.72 -41.85 -40.90
N LYS E 203 -51.88 -42.45 -41.01
CA LYS E 203 -52.96 -41.81 -41.68
C LYS E 203 -53.75 -41.17 -40.55
N VAL E 204 -54.18 -39.92 -40.75
CA VAL E 204 -54.85 -39.14 -39.75
C VAL E 204 -56.12 -38.62 -40.40
N ALA E 205 -57.26 -39.01 -39.87
CA ALA E 205 -58.55 -38.64 -40.43
C ALA E 205 -59.28 -38.02 -39.27
N PHE E 206 -59.75 -36.79 -39.51
CA PHE E 206 -60.29 -35.99 -38.45
C PHE E 206 -61.72 -35.51 -38.75
N GLY E 207 -62.57 -35.56 -37.71
CA GLY E 207 -63.94 -35.03 -37.78
C GLY E 207 -63.93 -33.51 -37.51
N THR E 208 -65.11 -32.87 -37.51
CA THR E 208 -65.28 -31.48 -36.96
C THR E 208 -64.90 -31.31 -35.48
N GLU E 209 -65.16 -32.36 -34.71
CA GLU E 209 -64.88 -32.34 -33.30
C GLU E 209 -64.08 -33.56 -32.93
N GLY E 210 -63.36 -33.46 -31.84
CA GLY E 210 -62.83 -34.64 -31.23
C GLY E 210 -61.54 -35.15 -31.81
N THR E 211 -61.23 -36.35 -31.38
CA THR E 211 -59.92 -36.93 -31.55
C THR E 211 -59.88 -37.55 -32.96
N PRO E 212 -58.74 -37.42 -33.67
CA PRO E 212 -58.65 -38.09 -34.98
C PRO E 212 -58.55 -39.64 -34.91
N GLU E 213 -59.00 -40.27 -35.99
CA GLU E 213 -58.73 -41.66 -36.28
C GLU E 213 -57.34 -41.79 -36.97
N ILE E 214 -56.42 -42.47 -36.26
CA ILE E 214 -55.07 -42.74 -36.76
C ILE E 214 -54.89 -44.23 -37.15
N THR E 215 -54.35 -44.48 -38.33
CA THR E 215 -54.21 -45.81 -38.89
C THR E 215 -52.75 -45.87 -39.31
N HIS E 216 -51.93 -46.67 -38.62
CA HIS E 216 -50.55 -46.79 -39.01
C HIS E 216 -50.38 -47.78 -40.20
N THR E 217 -49.42 -47.51 -41.09
CA THR E 217 -49.05 -48.48 -42.12
C THR E 217 -48.10 -49.47 -41.48
N GLU E 218 -47.79 -50.51 -42.26
CA GLU E 218 -46.58 -51.28 -42.06
C GLU E 218 -45.35 -50.36 -42.01
N VAL E 219 -44.37 -50.71 -41.17
CA VAL E 219 -43.05 -50.07 -41.21
C VAL E 219 -42.42 -50.30 -42.58
N PHE E 220 -41.94 -49.27 -43.26
CA PHE E 220 -41.61 -49.48 -44.68
C PHE E 220 -40.14 -49.22 -44.97
N HIS E 221 -39.39 -48.94 -43.91
CA HIS E 221 -37.97 -48.75 -43.99
C HIS E 221 -37.32 -49.07 -42.64
N PRO E 222 -36.14 -49.68 -42.69
CA PRO E 222 -35.37 -49.98 -41.45
C PRO E 222 -34.92 -48.71 -40.71
N GLU E 223 -34.55 -48.84 -39.45
CA GLU E 223 -34.14 -47.69 -38.63
C GLU E 223 -32.86 -46.99 -39.07
N ASP E 224 -31.95 -47.75 -39.65
CA ASP E 224 -30.71 -47.17 -40.06
C ASP E 224 -30.73 -46.75 -41.53
N GLU E 225 -31.91 -46.73 -42.14
CA GLU E 225 -32.10 -46.08 -43.43
C GLU E 225 -32.85 -44.69 -43.29
N PHE E 226 -32.15 -43.60 -43.60
CA PHE E 226 -32.59 -42.24 -43.36
C PHE E 226 -33.30 -41.49 -44.49
N LEU E 227 -34.59 -41.23 -44.25
CA LEU E 227 -35.50 -40.56 -45.22
C LEU E 227 -35.36 -39.04 -45.06
N ILE E 228 -34.98 -38.35 -46.15
CA ILE E 228 -34.71 -36.91 -46.08
C ILE E 228 -35.87 -36.07 -45.58
N ASN E 229 -35.50 -34.87 -45.11
CA ASN E 229 -36.44 -33.84 -44.75
C ASN E 229 -37.32 -33.21 -45.87
N HIS E 230 -36.97 -33.45 -47.13
CA HIS E 230 -37.62 -32.79 -48.28
C HIS E 230 -38.08 -33.78 -49.30
N PRO E 231 -38.99 -34.65 -48.91
CA PRO E 231 -39.57 -35.55 -49.94
C PRO E 231 -40.41 -34.72 -50.96
N ALA E 232 -40.66 -35.29 -52.14
CA ALA E 232 -41.53 -34.68 -53.10
C ALA E 232 -42.97 -35.34 -52.98
N TYR E 233 -44.00 -34.52 -53.06
CA TYR E 233 -45.33 -34.99 -52.91
C TYR E 233 -46.13 -34.22 -53.92
N SER E 234 -46.73 -34.97 -54.82
CA SER E 234 -47.70 -34.42 -55.77
C SER E 234 -49.05 -34.76 -55.19
N GLN E 235 -49.75 -33.79 -54.63
CA GLN E 235 -51.06 -34.01 -54.11
C GLN E 235 -52.06 -34.42 -55.20
N LYS E 236 -51.98 -33.80 -56.39
CA LYS E 236 -52.81 -34.25 -57.51
C LYS E 236 -52.60 -35.72 -57.94
N ALA E 237 -51.35 -36.22 -57.96
CA ALA E 237 -51.09 -37.64 -58.27
C ALA E 237 -51.21 -38.51 -57.04
N GLY E 238 -51.20 -37.92 -55.86
CA GLY E 238 -51.20 -38.74 -54.66
C GLY E 238 -49.86 -39.49 -54.60
N ARG E 239 -48.84 -39.02 -55.34
CA ARG E 239 -47.48 -39.61 -55.28
C ARG E 239 -46.52 -38.96 -54.29
N LEU E 240 -46.07 -39.76 -53.34
CA LEU E 240 -45.11 -39.40 -52.34
C LEU E 240 -43.79 -40.09 -52.67
N VAL E 241 -42.76 -39.28 -52.87
CA VAL E 241 -41.48 -39.70 -53.35
C VAL E 241 -40.44 -39.40 -52.30
N TRP E 242 -39.84 -40.42 -51.68
CA TRP E 242 -39.03 -40.19 -50.49
C TRP E 242 -37.65 -40.81 -50.62
N PRO E 243 -36.66 -39.98 -50.91
CA PRO E 243 -35.26 -40.45 -50.89
C PRO E 243 -34.64 -40.75 -49.51
N THR E 244 -33.72 -41.73 -49.51
CA THR E 244 -32.90 -41.97 -48.34
C THR E 244 -31.57 -41.29 -48.57
N TYR E 245 -30.70 -41.33 -47.55
CA TYR E 245 -29.41 -40.63 -47.63
C TYR E 245 -28.51 -41.22 -48.71
N THR E 246 -28.84 -42.43 -49.18
CA THR E 246 -28.05 -43.14 -50.20
C THR E 246 -28.63 -43.09 -51.62
N GLY E 247 -29.83 -42.51 -51.71
CA GLY E 247 -30.44 -42.26 -53.00
C GLY E 247 -31.44 -43.33 -53.36
N LYS E 248 -31.66 -44.27 -52.45
CA LYS E 248 -32.78 -45.17 -52.60
C LYS E 248 -34.08 -44.35 -52.50
N ILE E 249 -35.07 -44.76 -53.26
CA ILE E 249 -36.30 -44.00 -53.32
C ILE E 249 -37.53 -44.84 -52.97
N HIS E 250 -38.13 -44.53 -51.81
CA HIS E 250 -39.49 -45.06 -51.47
C HIS E 250 -40.53 -44.22 -52.15
N GLN E 251 -41.43 -44.85 -52.91
CA GLN E 251 -42.63 -44.20 -53.44
C GLN E 251 -43.85 -44.81 -52.80
N ILE E 252 -44.72 -43.94 -52.29
CA ILE E 252 -45.94 -44.35 -51.67
C ILE E 252 -47.05 -43.67 -52.48
N ASP E 253 -48.00 -44.53 -52.85
CA ASP E 253 -49.12 -44.12 -53.56
C ASP E 253 -50.34 -43.91 -52.62
N LEU E 254 -50.62 -42.61 -52.41
CA LEU E 254 -51.64 -42.08 -51.52
C LEU E 254 -52.90 -41.70 -52.30
N SER E 255 -52.92 -42.01 -53.61
CA SER E 255 -54.01 -41.53 -54.48
C SER E 255 -55.43 -42.00 -54.10
N SER E 256 -55.50 -43.11 -53.36
CA SER E 256 -56.77 -43.61 -52.78
C SER E 256 -57.07 -43.11 -51.36
N GLY E 257 -56.16 -42.34 -50.79
CA GLY E 257 -56.21 -42.02 -49.34
C GLY E 257 -55.86 -43.17 -48.39
N ASP E 258 -55.24 -44.24 -48.92
CA ASP E 258 -54.56 -45.31 -48.21
C ASP E 258 -53.20 -45.49 -48.85
N ALA E 259 -52.25 -45.81 -48.00
CA ALA E 259 -50.88 -45.95 -48.38
C ALA E 259 -50.72 -47.25 -49.21
N LYS E 260 -50.20 -47.09 -50.41
CA LYS E 260 -49.90 -48.23 -51.28
C LYS E 260 -48.43 -48.12 -51.58
N PHE E 261 -47.63 -49.04 -51.07
CA PHE E 261 -46.22 -48.97 -51.24
C PHE E 261 -45.79 -49.51 -52.60
N LEU E 262 -45.26 -48.64 -53.43
CA LEU E 262 -44.77 -48.99 -54.79
C LEU E 262 -43.36 -49.59 -54.72
N PRO E 263 -42.94 -50.33 -55.75
CA PRO E 263 -41.56 -50.88 -55.65
C PRO E 263 -40.47 -49.81 -55.43
N ALA E 264 -39.57 -50.05 -54.46
CA ALA E 264 -38.40 -49.20 -54.26
C ALA E 264 -37.45 -49.22 -55.50
N VAL E 265 -36.61 -48.20 -55.58
CA VAL E 265 -35.86 -47.91 -56.78
C VAL E 265 -34.59 -47.20 -56.32
N GLU E 266 -33.51 -47.45 -57.03
CA GLU E 266 -32.26 -46.82 -56.68
C GLU E 266 -32.00 -45.68 -57.70
N ALA E 267 -31.85 -44.46 -57.19
CA ALA E 267 -31.56 -43.31 -58.08
C ALA E 267 -30.14 -43.44 -58.68
N LEU E 268 -29.28 -44.14 -57.93
CA LEU E 268 -27.85 -44.25 -58.19
C LEU E 268 -27.51 -45.68 -58.43
N THR E 269 -26.69 -45.93 -59.47
CA THR E 269 -26.27 -47.27 -59.83
C THR E 269 -25.42 -47.86 -58.71
N GLU E 270 -25.35 -49.19 -58.71
CA GLU E 270 -24.45 -49.90 -57.77
C GLU E 270 -22.96 -49.40 -57.89
N ALA E 271 -22.46 -49.21 -59.13
CA ALA E 271 -21.12 -48.58 -59.31
C ALA E 271 -20.99 -47.16 -58.71
N GLU E 272 -21.92 -46.26 -59.07
CA GLU E 272 -21.92 -44.88 -58.53
C GLU E 272 -21.86 -44.87 -57.00
N ARG E 273 -22.75 -45.60 -56.34
CA ARG E 273 -22.69 -45.76 -54.86
C ARG E 273 -21.31 -46.20 -54.29
N ALA E 274 -20.79 -47.28 -54.90
CA ALA E 274 -19.46 -47.82 -54.57
C ALA E 274 -18.36 -46.77 -54.79
N ASP E 275 -18.54 -45.90 -55.80
CA ASP E 275 -17.74 -44.71 -56.02
C ASP E 275 -18.08 -43.49 -55.14
N GLY E 276 -18.95 -43.62 -54.14
CA GLY E 276 -19.20 -42.47 -53.22
C GLY E 276 -20.21 -41.40 -53.66
N TRP E 277 -21.12 -41.75 -54.58
CA TRP E 277 -22.20 -40.83 -54.99
C TRP E 277 -23.36 -41.00 -54.03
N ARG E 278 -23.89 -39.85 -53.62
CA ARG E 278 -25.07 -39.75 -52.72
C ARG E 278 -25.82 -38.50 -53.16
N PRO E 279 -27.12 -38.47 -52.88
CA PRO E 279 -27.82 -37.18 -52.92
C PRO E 279 -27.25 -36.22 -51.90
N GLY E 280 -27.50 -34.95 -52.11
CA GLY E 280 -27.12 -34.02 -51.09
C GLY E 280 -27.72 -32.72 -51.51
N GLY E 281 -28.15 -31.99 -50.50
CA GLY E 281 -28.55 -30.60 -50.70
C GLY E 281 -29.78 -30.37 -49.83
N TRP E 282 -30.66 -29.49 -50.29
CA TRP E 282 -31.83 -29.07 -49.52
C TRP E 282 -33.10 -29.79 -50.08
N GLN E 283 -33.83 -29.17 -51.04
CA GLN E 283 -34.87 -29.88 -51.78
C GLN E 283 -34.20 -30.75 -52.79
N GLN E 284 -33.78 -31.93 -52.35
CA GLN E 284 -32.92 -32.79 -53.21
C GLN E 284 -33.70 -33.48 -54.32
N VAL E 285 -35.03 -33.64 -54.17
CA VAL E 285 -35.81 -34.40 -55.12
C VAL E 285 -37.03 -33.62 -55.72
N ALA E 286 -37.34 -33.83 -56.99
CA ALA E 286 -38.51 -33.27 -57.64
C ALA E 286 -39.26 -34.38 -58.37
N TYR E 287 -40.51 -34.14 -58.66
CA TYR E 287 -41.35 -35.12 -59.31
C TYR E 287 -42.28 -34.39 -60.29
N HIS E 288 -42.18 -34.72 -61.57
CA HIS E 288 -43.14 -34.31 -62.54
C HIS E 288 -44.30 -35.34 -62.70
N ARG E 289 -45.54 -34.88 -62.51
CA ARG E 289 -46.64 -35.82 -62.50
C ARG E 289 -46.99 -36.37 -63.86
N ALA E 290 -47.10 -35.52 -64.86
CA ALA E 290 -47.62 -35.98 -66.12
C ALA E 290 -46.54 -36.86 -66.80
N LEU E 291 -45.26 -36.48 -66.68
CA LEU E 291 -44.16 -37.32 -67.21
C LEU E 291 -43.88 -38.51 -66.30
N ASP E 292 -44.36 -38.46 -65.03
CA ASP E 292 -44.09 -39.51 -64.01
C ASP E 292 -42.57 -39.72 -63.83
N ARG E 293 -41.83 -38.64 -63.64
CA ARG E 293 -40.37 -38.62 -63.56
C ARG E 293 -39.84 -38.11 -62.27
N ILE E 294 -38.73 -38.72 -61.78
CA ILE E 294 -38.09 -38.27 -60.55
C ILE E 294 -36.81 -37.58 -60.95
N TYR E 295 -36.49 -36.48 -60.28
CA TYR E 295 -35.27 -35.72 -60.48
C TYR E 295 -34.62 -35.70 -59.14
N LEU E 296 -33.33 -36.11 -59.07
CA LEU E 296 -32.62 -36.12 -57.75
C LEU E 296 -31.22 -35.47 -57.89
N LEU E 297 -30.95 -34.50 -57.01
CA LEU E 297 -29.67 -33.86 -56.88
C LEU E 297 -28.71 -34.85 -56.22
N VAL E 298 -27.60 -35.10 -56.90
CA VAL E 298 -26.60 -36.12 -56.51
C VAL E 298 -25.21 -35.59 -56.78
N ASP E 299 -24.20 -36.09 -56.09
CA ASP E 299 -22.83 -35.71 -56.30
C ASP E 299 -21.91 -36.77 -55.67
N GLN E 300 -20.61 -36.76 -55.94
CA GLN E 300 -19.71 -37.48 -55.06
C GLN E 300 -19.53 -36.78 -53.72
N ARG E 301 -19.73 -37.49 -52.62
CA ARG E 301 -19.69 -36.84 -51.30
C ARG E 301 -19.50 -37.87 -50.20
N ASP E 302 -18.90 -37.47 -49.08
CA ASP E 302 -18.99 -38.27 -47.82
C ASP E 302 -20.44 -38.32 -47.29
N GLU E 303 -20.76 -39.37 -46.51
CA GLU E 303 -22.12 -39.65 -46.01
C GLU E 303 -22.74 -38.62 -45.02
N TRP E 304 -21.89 -37.79 -44.42
CA TRP E 304 -22.40 -36.88 -43.41
C TRP E 304 -22.29 -35.47 -43.96
N ARG E 305 -22.15 -35.40 -45.31
CA ARG E 305 -22.16 -34.18 -46.07
C ARG E 305 -23.49 -34.11 -46.92
N HIS E 306 -24.58 -34.57 -46.28
CA HIS E 306 -25.86 -34.70 -46.95
C HIS E 306 -26.62 -33.36 -47.19
N LYS E 307 -26.19 -32.24 -46.61
CA LYS E 307 -26.83 -30.90 -46.84
C LYS E 307 -25.97 -29.97 -47.70
N THR E 308 -24.91 -30.53 -48.26
CA THR E 308 -24.04 -29.68 -49.08
C THR E 308 -24.69 -29.62 -50.46
N ALA E 309 -24.35 -28.60 -51.24
CA ALA E 309 -24.79 -28.50 -52.66
C ALA E 309 -24.30 -29.66 -53.53
N SER E 310 -25.07 -29.90 -54.61
CA SER E 310 -24.78 -30.94 -55.57
C SER E 310 -24.61 -30.33 -56.94
N ARG E 311 -23.81 -30.98 -57.78
CA ARG E 311 -23.56 -30.58 -59.16
C ARG E 311 -24.30 -31.36 -60.24
N PHE E 312 -25.07 -32.36 -59.88
CA PHE E 312 -25.63 -33.25 -60.85
C PHE E 312 -27.03 -33.50 -60.46
N VAL E 313 -27.82 -33.78 -61.49
CA VAL E 313 -29.17 -34.12 -61.29
C VAL E 313 -29.32 -35.39 -62.08
N VAL E 314 -29.88 -36.42 -61.46
CA VAL E 314 -30.34 -37.61 -62.21
C VAL E 314 -31.84 -37.57 -62.44
N VAL E 315 -32.28 -38.12 -63.60
CA VAL E 315 -33.69 -38.21 -63.94
C VAL E 315 -34.03 -39.67 -64.19
N LEU E 316 -35.14 -40.15 -63.64
CA LEU E 316 -35.45 -41.54 -63.72
C LEU E 316 -36.95 -41.65 -63.89
N ASP E 317 -37.36 -42.73 -64.56
CA ASP E 317 -38.74 -43.07 -64.74
C ASP E 317 -39.28 -43.61 -63.43
N ALA E 318 -40.36 -43.00 -62.92
CA ALA E 318 -40.89 -43.39 -61.60
C ALA E 318 -41.46 -44.81 -61.54
N LYS E 319 -42.05 -45.32 -62.63
CA LYS E 319 -42.57 -46.72 -62.66
C LYS E 319 -41.54 -47.83 -62.77
N THR E 320 -40.47 -47.58 -63.51
CA THR E 320 -39.48 -48.61 -63.79
C THR E 320 -38.18 -48.38 -63.10
N GLY E 321 -37.88 -47.15 -62.67
CA GLY E 321 -36.59 -46.90 -62.06
C GLY E 321 -35.48 -46.74 -63.11
N GLU E 322 -35.82 -46.81 -64.40
CA GLU E 322 -34.82 -46.66 -65.42
C GLU E 322 -34.30 -45.23 -65.45
N ARG E 323 -32.99 -45.06 -65.49
CA ARG E 323 -32.36 -43.78 -65.73
C ARG E 323 -32.61 -43.19 -67.11
N LEU E 324 -33.10 -41.95 -67.10
CA LEU E 324 -33.36 -41.24 -68.35
C LEU E 324 -32.25 -40.25 -68.69
N ALA E 325 -31.54 -39.75 -67.69
CA ALA E 325 -30.60 -38.67 -67.89
C ALA E 325 -29.78 -38.39 -66.60
N LYS E 326 -28.65 -37.74 -66.80
CA LYS E 326 -27.79 -37.32 -65.71
C LYS E 326 -27.20 -36.04 -66.24
N PHE E 327 -27.52 -34.95 -65.59
CA PHE E 327 -27.07 -33.63 -66.02
C PHE E 327 -25.96 -33.18 -65.12
N GLU E 328 -24.90 -32.63 -65.69
CA GLU E 328 -23.96 -31.85 -64.94
C GLU E 328 -24.49 -30.40 -65.02
N MET E 329 -24.81 -29.82 -63.87
CA MET E 329 -25.59 -28.60 -63.79
C MET E 329 -24.75 -27.37 -63.97
N GLY E 330 -23.45 -27.46 -63.70
CA GLY E 330 -22.65 -26.27 -63.94
C GLY E 330 -22.62 -25.30 -62.80
N HIS E 331 -23.34 -25.57 -61.71
CA HIS E 331 -23.29 -24.72 -60.51
C HIS E 331 -23.54 -25.56 -59.31
N GLU E 332 -23.27 -24.96 -58.14
CA GLU E 332 -23.51 -25.63 -56.84
C GLU E 332 -25.00 -25.56 -56.56
N ILE E 333 -25.75 -26.64 -56.70
CA ILE E 333 -27.20 -26.49 -56.56
C ILE E 333 -27.65 -27.03 -55.24
N ASP E 334 -28.50 -26.30 -54.50
CA ASP E 334 -29.02 -26.89 -53.25
C ASP E 334 -30.39 -27.51 -53.34
N SER E 335 -31.24 -26.99 -54.24
CA SER E 335 -32.67 -27.31 -54.35
C SER E 335 -33.05 -27.37 -55.81
N ILE E 336 -33.97 -28.31 -56.14
CA ILE E 336 -34.53 -28.39 -57.49
C ILE E 336 -36.01 -28.49 -57.42
N ASN E 337 -36.65 -28.08 -58.52
CA ASN E 337 -38.07 -28.34 -58.72
C ASN E 337 -38.30 -28.27 -60.19
N VAL E 338 -39.52 -28.58 -60.60
CA VAL E 338 -39.80 -28.51 -62.02
C VAL E 338 -41.16 -27.85 -62.14
N SER E 339 -41.42 -27.25 -63.31
CA SER E 339 -42.75 -26.81 -63.61
C SER E 339 -43.54 -28.04 -64.13
N GLN E 340 -44.86 -28.00 -64.03
CA GLN E 340 -45.72 -29.17 -64.27
C GLN E 340 -46.38 -29.19 -65.64
N ASP E 341 -45.91 -28.39 -66.58
CA ASP E 341 -46.46 -28.33 -67.96
C ASP E 341 -45.69 -29.29 -68.81
N GLU E 342 -46.07 -29.39 -70.09
CA GLU E 342 -45.66 -30.55 -70.91
C GLU E 342 -44.17 -30.69 -71.14
N LYS E 343 -43.49 -29.56 -71.30
CA LYS E 343 -42.05 -29.64 -71.52
C LYS E 343 -41.42 -28.86 -70.38
N PRO E 344 -41.36 -29.49 -69.18
CA PRO E 344 -41.03 -28.72 -67.96
C PRO E 344 -39.69 -27.93 -68.00
N LEU E 345 -39.65 -26.95 -67.13
CA LEU E 345 -38.41 -26.29 -66.72
C LEU E 345 -37.87 -27.01 -65.54
N LEU E 346 -36.53 -27.16 -65.48
CA LEU E 346 -35.85 -27.66 -64.32
C LEU E 346 -35.28 -26.45 -63.55
N TYR E 347 -35.75 -26.25 -62.31
CA TYR E 347 -35.32 -25.17 -61.51
C TYR E 347 -34.20 -25.69 -60.63
N ALA E 348 -33.16 -24.89 -60.48
CA ALA E 348 -31.95 -25.28 -59.79
C ALA E 348 -31.46 -24.07 -58.98
N LEU E 349 -31.67 -24.13 -57.67
CA LEU E 349 -31.40 -23.04 -56.82
C LEU E 349 -30.07 -23.26 -56.07
N SER E 350 -29.25 -22.23 -56.02
CA SER E 350 -28.01 -22.21 -55.31
C SER E 350 -28.18 -21.21 -54.17
N THR E 351 -28.25 -21.75 -52.96
CA THR E 351 -28.19 -20.97 -51.71
C THR E 351 -26.95 -20.05 -51.61
N GLY E 352 -25.78 -20.54 -52.05
CA GLY E 352 -24.53 -19.76 -52.02
C GLY E 352 -24.48 -18.68 -53.07
N ASP E 353 -25.02 -18.90 -54.27
CA ASP E 353 -24.95 -17.79 -55.29
C ASP E 353 -26.16 -16.91 -55.19
N LYS E 354 -27.09 -17.30 -54.34
CA LYS E 354 -28.40 -16.66 -54.31
C LYS E 354 -29.06 -16.51 -55.70
N THR E 355 -28.96 -17.60 -56.48
CA THR E 355 -29.36 -17.53 -57.84
C THR E 355 -30.23 -18.74 -58.15
N LEU E 356 -31.29 -18.48 -58.90
CA LEU E 356 -32.06 -19.54 -59.52
C LEU E 356 -31.62 -19.70 -60.99
N TYR E 357 -31.12 -20.90 -61.31
CA TYR E 357 -30.71 -21.25 -62.60
C TYR E 357 -31.93 -21.96 -63.14
N ILE E 358 -32.31 -21.59 -64.38
CA ILE E 358 -33.51 -22.09 -65.02
C ILE E 358 -33.10 -22.88 -66.25
N HIS E 359 -33.38 -24.19 -66.19
CA HIS E 359 -32.91 -25.17 -67.17
C HIS E 359 -34.11 -25.85 -67.87
N ASP E 360 -33.79 -26.38 -69.04
CA ASP E 360 -34.66 -27.21 -69.82
C ASP E 360 -34.56 -28.60 -69.21
N ALA E 361 -35.67 -29.15 -68.74
CA ALA E 361 -35.60 -30.44 -68.03
C ALA E 361 -35.23 -31.65 -68.94
N GLU E 362 -35.43 -31.49 -70.23
CA GLU E 362 -35.24 -32.61 -71.19
C GLU E 362 -33.76 -32.71 -71.62
N SER E 363 -33.12 -31.57 -71.90
CA SER E 363 -31.73 -31.53 -72.34
C SER E 363 -30.78 -31.25 -71.18
N GLY E 364 -31.33 -30.71 -70.11
CA GLY E 364 -30.57 -30.22 -69.00
C GLY E 364 -29.84 -28.91 -69.19
N GLU E 365 -30.07 -28.23 -70.29
CA GLU E 365 -29.27 -27.03 -70.57
C GLU E 365 -29.79 -25.78 -69.79
N GLU E 366 -28.90 -24.97 -69.25
CA GLU E 366 -29.20 -23.72 -68.59
C GLU E 366 -29.69 -22.74 -69.62
N LEU E 367 -30.86 -22.17 -69.37
CA LEU E 367 -31.54 -21.26 -70.29
C LEU E 367 -31.29 -19.82 -69.92
N ARG E 368 -31.23 -19.55 -68.61
CA ARG E 368 -31.29 -18.20 -67.99
C ARG E 368 -31.22 -18.42 -66.46
N SER E 369 -31.04 -17.32 -65.74
CA SER E 369 -30.82 -17.33 -64.34
C SER E 369 -31.44 -16.02 -63.82
N VAL E 370 -31.82 -16.07 -62.53
CA VAL E 370 -32.29 -14.90 -61.79
C VAL E 370 -31.40 -14.82 -60.54
N ASN E 371 -30.61 -13.76 -60.39
CA ASN E 371 -29.75 -13.64 -59.21
C ASN E 371 -30.32 -12.73 -58.12
N GLN E 372 -29.54 -12.51 -57.07
CA GLN E 372 -29.91 -11.52 -56.05
C GLN E 372 -31.20 -11.91 -55.35
N LEU E 373 -31.33 -13.21 -55.12
CA LEU E 373 -32.52 -13.71 -54.47
C LEU E 373 -32.31 -13.80 -52.91
N GLY E 374 -32.20 -12.65 -52.25
CA GLY E 374 -32.02 -12.64 -50.79
C GLY E 374 -30.65 -13.08 -50.35
N HIS E 375 -30.61 -13.67 -49.15
CA HIS E 375 -29.31 -13.96 -48.47
C HIS E 375 -28.91 -15.42 -48.39
N GLY E 376 -29.89 -16.31 -48.36
CA GLY E 376 -29.71 -17.74 -48.58
C GLY E 376 -31.00 -18.47 -49.05
N PRO E 377 -31.40 -18.24 -50.30
CA PRO E 377 -32.58 -18.92 -50.85
C PRO E 377 -32.55 -20.44 -50.87
N GLN E 378 -33.70 -21.05 -50.54
CA GLN E 378 -33.69 -22.45 -50.28
C GLN E 378 -34.89 -23.19 -50.83
N VAL E 379 -36.01 -22.51 -51.01
CA VAL E 379 -37.20 -23.27 -51.33
C VAL E 379 -37.86 -22.77 -52.62
N ILE E 380 -38.06 -23.70 -53.55
CA ILE E 380 -38.70 -23.48 -54.84
C ILE E 380 -40.11 -24.09 -54.74
N THR E 381 -41.16 -23.30 -55.02
CA THR E 381 -42.50 -23.89 -55.12
C THR E 381 -43.14 -23.50 -56.48
N THR E 382 -43.86 -24.46 -57.07
CA THR E 382 -44.59 -24.27 -58.34
C THR E 382 -46.05 -24.68 -58.14
N ALA E 383 -46.99 -24.17 -58.93
CA ALA E 383 -48.35 -24.69 -58.88
C ALA E 383 -48.49 -25.73 -59.99
N ASP E 384 -49.10 -26.84 -59.68
CA ASP E 384 -49.45 -27.84 -60.72
C ASP E 384 -50.87 -27.50 -61.23
N MET E 385 -50.91 -26.73 -62.30
CA MET E 385 -52.19 -26.13 -62.71
C MET E 385 -52.89 -26.99 -63.74
N GLY E 386 -52.19 -27.99 -64.28
CA GLY E 386 -52.79 -28.96 -65.26
C GLY E 386 -53.83 -29.98 -64.75
N GLU F 5 41.79 24.87 48.17
CA GLU F 5 43.02 24.51 48.97
C GLU F 5 44.36 25.22 48.53
N ALA F 6 45.50 24.99 49.22
CA ALA F 6 46.85 25.56 48.85
C ALA F 6 47.08 26.00 47.35
N GLU F 7 47.41 27.26 47.08
CA GLU F 7 47.44 27.82 45.70
C GLU F 7 48.85 27.87 45.08
N THR F 8 49.03 27.31 43.89
CA THR F 8 50.36 27.39 43.25
C THR F 8 50.62 28.84 42.81
N GLN F 9 51.91 29.16 42.63
CA GLN F 9 52.32 30.49 42.17
C GLN F 9 51.68 30.85 40.84
N ALA F 10 51.65 29.86 39.94
CA ALA F 10 51.01 29.96 38.63
C ALA F 10 49.52 30.30 38.74
N GLN F 11 48.83 29.70 39.75
CA GLN F 11 47.38 29.92 40.05
C GLN F 11 47.04 31.35 40.48
N GLU F 12 47.90 31.87 41.36
CA GLU F 12 47.89 33.24 41.91
C GLU F 12 48.09 34.28 40.82
N THR F 13 49.18 34.16 40.06
CA THR F 13 49.41 35.02 38.89
C THR F 13 48.14 35.05 38.03
N GLN F 14 47.67 33.86 37.65
CA GLN F 14 46.59 33.71 36.69
C GLN F 14 45.29 34.22 37.34
N GLY F 15 45.05 33.82 38.59
CA GLY F 15 43.83 34.24 39.27
C GLY F 15 43.85 35.74 39.59
N GLN F 16 45.06 36.31 39.74
CA GLN F 16 45.18 37.75 39.94
C GLN F 16 45.00 38.49 38.65
N ALA F 17 45.62 38.04 37.56
CA ALA F 17 45.41 38.72 36.29
C ALA F 17 43.92 38.61 35.94
N ALA F 18 43.28 37.47 36.22
CA ALA F 18 41.85 37.30 35.93
C ALA F 18 40.97 38.26 36.79
N ALA F 19 41.26 38.36 38.08
CA ALA F 19 40.62 39.41 38.92
C ALA F 19 40.72 40.88 38.36
N ARG F 20 41.90 41.26 37.88
CA ARG F 20 42.09 42.61 37.32
C ARG F 20 41.32 42.84 36.03
N ALA F 21 41.31 41.84 35.16
CA ALA F 21 40.55 41.90 33.90
C ALA F 21 39.07 42.11 34.18
N ALA F 22 38.55 41.37 35.15
CA ALA F 22 37.13 41.43 35.53
C ALA F 22 36.73 42.80 36.17
N ALA F 23 37.61 43.36 37.01
CA ALA F 23 37.49 44.73 37.54
C ALA F 23 37.41 45.79 36.42
N ALA F 24 38.25 45.62 35.40
CA ALA F 24 38.25 46.47 34.23
C ALA F 24 36.95 46.38 33.38
N ASP F 25 36.45 45.15 33.16
CA ASP F 25 35.12 44.94 32.61
C ASP F 25 34.02 45.58 33.46
N LEU F 26 33.94 45.24 34.75
CA LEU F 26 32.91 45.88 35.59
C LEU F 26 32.96 47.47 35.59
N ALA F 27 34.14 48.03 35.79
CA ALA F 27 34.30 49.46 35.62
C ALA F 27 33.75 49.90 34.24
N ALA F 28 34.22 49.36 33.10
CA ALA F 28 33.71 49.85 31.79
C ALA F 28 32.23 49.53 31.55
N GLY F 29 31.56 49.10 32.62
CA GLY F 29 30.16 48.64 32.55
C GLY F 29 29.87 47.59 31.49
N GLN F 30 30.81 46.67 31.22
CA GLN F 30 30.62 45.56 30.26
C GLN F 30 29.95 44.37 30.97
N ASP F 31 28.72 44.08 30.55
CA ASP F 31 27.89 43.03 31.10
C ASP F 31 28.50 41.64 30.89
N ASP F 32 28.41 40.83 31.94
CA ASP F 32 28.76 39.41 31.89
C ASP F 32 27.73 38.66 31.08
N GLU F 33 28.20 38.01 30.01
CA GLU F 33 27.31 37.15 29.18
C GLU F 33 27.83 35.69 29.18
N PRO F 34 27.46 34.91 30.20
CA PRO F 34 28.00 33.52 30.27
C PRO F 34 27.82 32.67 28.99
N ARG F 35 28.88 31.98 28.60
CA ARG F 35 28.87 31.03 27.50
C ARG F 35 29.82 29.86 27.89
N ILE F 36 29.89 28.85 27.02
CA ILE F 36 30.76 27.70 27.21
C ILE F 36 32.07 27.92 26.38
N LEU F 37 33.21 27.85 27.07
CA LEU F 37 34.49 28.04 26.39
C LEU F 37 34.89 26.88 25.48
N GLU F 38 35.78 27.19 24.58
CA GLU F 38 36.55 26.17 23.83
C GLU F 38 37.97 26.24 24.39
N ALA F 39 38.67 25.09 24.44
CA ALA F 39 40.10 25.07 24.80
C ALA F 39 40.86 25.60 23.64
N PRO F 40 42.04 26.15 23.95
CA PRO F 40 42.91 26.64 22.85
C PRO F 40 43.29 25.45 21.93
N ALA F 41 43.70 25.74 20.70
CA ALA F 41 44.21 24.72 19.70
C ALA F 41 45.27 23.84 20.36
N PRO F 42 45.21 22.53 20.17
CA PRO F 42 46.34 21.74 20.72
C PRO F 42 47.75 22.25 20.26
N ASP F 43 48.75 22.16 21.11
CA ASP F 43 50.09 22.57 20.74
C ASP F 43 51.05 21.62 21.43
N ALA F 44 52.31 21.74 21.10
CA ALA F 44 53.36 20.88 21.68
C ALA F 44 53.39 20.82 23.21
N ARG F 45 52.96 21.88 23.88
CA ARG F 45 53.00 21.99 25.32
C ARG F 45 51.68 21.69 26.01
N ARG F 46 50.71 21.17 25.27
CA ARG F 46 49.54 20.60 25.86
C ARG F 46 49.98 19.32 26.46
N VAL F 47 49.50 19.07 27.68
CA VAL F 47 49.83 17.82 28.35
C VAL F 47 48.57 17.24 29.02
N TYR F 48 48.32 15.94 28.87
CA TYR F 48 47.22 15.30 29.55
C TYR F 48 47.70 14.54 30.74
N VAL F 49 46.94 14.67 31.81
CA VAL F 49 47.10 13.86 33.02
C VAL F 49 45.85 12.97 33.30
N ASN F 50 46.03 11.64 33.29
CA ASN F 50 44.93 10.78 33.65
C ASN F 50 45.07 10.35 35.08
N ASP F 51 43.95 10.35 35.78
CA ASP F 51 43.78 9.86 37.16
C ASP F 51 42.91 8.54 37.18
N PRO F 52 43.57 7.34 37.27
CA PRO F 52 42.91 6.06 37.58
C PRO F 52 42.28 6.03 39.01
N ALA F 53 42.60 7.04 39.79
CA ALA F 53 42.03 7.30 41.05
C ALA F 53 42.08 6.09 41.95
N HIS F 54 43.22 5.33 41.99
CA HIS F 54 43.34 4.14 42.89
C HIS F 54 42.18 3.09 42.75
N PHE F 55 41.76 2.87 41.51
CA PHE F 55 40.76 1.84 41.08
C PHE F 55 39.30 2.22 41.32
N ALA F 56 39.05 3.52 41.37
CA ALA F 56 37.72 4.02 41.49
C ALA F 56 36.96 3.71 40.25
N ALA F 57 35.63 3.62 40.43
CA ALA F 57 34.77 3.17 39.36
C ALA F 57 34.60 4.28 38.29
N VAL F 58 34.78 5.54 38.70
CA VAL F 58 34.86 6.68 37.81
C VAL F 58 36.22 7.39 37.94
N THR F 59 36.68 7.92 36.81
CA THR F 59 37.98 8.52 36.77
C THR F 59 37.91 9.86 35.98
N GLN F 60 39.00 10.63 36.02
CA GLN F 60 39.13 11.92 35.33
C GLN F 60 40.46 12.05 34.53
N GLN F 61 40.40 12.73 33.38
CA GLN F 61 41.59 13.25 32.69
C GLN F 61 41.62 14.79 32.83
N PHE F 62 42.80 15.36 33.06
CA PHE F 62 43.00 16.80 33.06
C PHE F 62 43.79 17.17 31.86
N VAL F 63 43.32 18.17 31.12
CA VAL F 63 43.98 18.66 29.92
C VAL F 63 44.61 19.94 30.37
N ILE F 64 45.90 20.09 30.14
CA ILE F 64 46.63 21.13 30.81
C ILE F 64 47.51 21.82 29.79
N ASP F 65 47.58 23.14 29.91
CA ASP F 65 48.53 23.94 29.16
C ASP F 65 49.82 23.91 30.00
N GLY F 66 50.84 23.21 29.49
CA GLY F 66 52.12 23.02 30.21
C GLY F 66 52.97 24.30 30.27
N GLU F 67 52.83 25.15 29.26
CA GLU F 67 53.51 26.46 29.23
C GLU F 67 52.99 27.38 30.36
N ALA F 68 51.71 27.35 30.65
CA ALA F 68 51.16 28.26 31.59
C ALA F 68 50.92 27.62 32.89
N GLY F 69 50.81 26.29 32.90
CA GLY F 69 50.41 25.60 34.13
C GLY F 69 48.94 25.82 34.42
N ARG F 70 48.12 25.72 33.37
CA ARG F 70 46.69 25.95 33.49
C ARG F 70 45.95 24.67 33.06
N VAL F 71 44.99 24.27 33.86
CA VAL F 71 43.93 23.36 33.44
C VAL F 71 43.05 24.00 32.36
N ILE F 72 43.10 23.45 31.15
CA ILE F 72 42.32 24.02 30.06
C ILE F 72 41.09 23.19 29.71
N GLY F 73 40.91 22.06 30.38
CA GLY F 73 39.76 21.26 30.17
C GLY F 73 39.84 19.99 30.93
N MET F 74 38.80 19.18 30.87
CA MET F 74 38.84 17.91 31.59
C MET F 74 38.04 16.95 30.78
N ILE F 75 38.22 15.62 30.97
CA ILE F 75 37.34 14.60 30.32
C ILE F 75 37.09 13.50 31.34
N ASP F 76 35.83 13.12 31.49
CA ASP F 76 35.44 12.04 32.39
C ASP F 76 35.71 10.62 31.80
N GLY F 77 35.98 9.62 32.65
CA GLY F 77 36.01 8.21 32.21
C GLY F 77 35.41 7.30 33.28
N GLY F 78 35.26 6.00 32.94
CA GLY F 78 34.72 5.03 33.86
C GLY F 78 35.87 4.33 34.57
N PHE F 79 35.90 3.02 34.47
CA PHE F 79 36.75 2.15 35.25
C PHE F 79 38.01 1.85 34.43
N LEU F 80 39.15 2.32 34.99
CA LEU F 80 40.50 2.14 34.48
C LEU F 80 40.68 2.44 32.94
N PRO F 81 40.23 3.63 32.48
CA PRO F 81 40.29 3.78 31.04
C PRO F 81 41.66 3.86 30.44
N ASN F 82 41.73 3.58 29.15
CA ASN F 82 42.95 3.76 28.41
C ASN F 82 42.89 4.98 27.50
N PRO F 83 43.68 6.05 27.81
CA PRO F 83 43.81 7.25 27.04
C PRO F 83 44.81 7.12 25.84
N VAL F 84 44.46 7.82 24.77
CA VAL F 84 45.26 7.99 23.56
C VAL F 84 45.04 9.40 23.13
N VAL F 85 46.02 9.92 22.42
CA VAL F 85 46.04 11.31 22.02
C VAL F 85 46.66 11.19 20.64
N ALA F 86 46.02 11.68 19.58
CA ALA F 86 46.62 11.66 18.24
C ALA F 86 47.81 12.62 18.24
N ASP F 87 48.92 12.22 17.60
CA ASP F 87 50.15 12.99 17.56
C ASP F 87 50.00 14.31 16.83
N ASP F 88 49.05 14.34 15.89
CA ASP F 88 48.79 15.57 15.11
C ASP F 88 47.81 16.54 15.74
N GLY F 89 47.39 16.30 16.98
CA GLY F 89 46.42 17.16 17.69
C GLY F 89 45.00 17.08 17.14
N SER F 90 44.68 16.10 16.31
CA SER F 90 43.34 16.12 15.68
C SER F 90 42.24 15.54 16.55
N PHE F 91 42.56 14.65 17.50
CA PHE F 91 41.54 14.12 18.37
C PHE F 91 42.14 13.49 19.61
N ILE F 92 41.33 13.23 20.61
CA ILE F 92 41.76 12.40 21.70
C ILE F 92 40.70 11.30 21.87
N ALA F 93 41.02 10.25 22.58
CA ALA F 93 40.09 9.13 22.65
C ALA F 93 40.50 8.29 23.84
N HIS F 94 39.54 7.50 24.36
CA HIS F 94 39.88 6.47 25.33
C HIS F 94 38.97 5.28 25.15
N ALA F 95 39.43 4.18 25.73
CA ALA F 95 38.73 2.98 25.79
C ALA F 95 38.26 2.94 27.25
N SER F 96 36.97 2.86 27.48
CA SER F 96 36.51 3.01 28.87
C SER F 96 35.46 1.91 29.20
N THR F 97 35.08 1.85 30.47
CA THR F 97 34.23 0.84 31.00
C THR F 97 33.28 1.43 32.02
N VAL F 98 31.99 1.25 31.77
CA VAL F 98 30.97 1.59 32.76
C VAL F 98 30.03 0.40 33.09
N PHE F 99 29.28 0.56 34.20
CA PHE F 99 28.35 -0.42 34.77
C PHE F 99 27.06 0.31 35.04
N SER F 100 25.96 -0.43 35.00
CA SER F 100 24.66 0.12 35.04
C SER F 100 24.27 0.52 36.46
N ARG F 101 24.90 -0.05 37.48
CA ARG F 101 24.64 0.34 38.87
C ARG F 101 25.94 0.63 39.58
N ILE F 102 26.63 1.66 39.06
CA ILE F 102 27.90 2.19 39.59
C ILE F 102 29.12 1.23 39.39
N ALA F 103 29.20 0.18 40.22
CA ALA F 103 30.25 -0.83 40.05
C ALA F 103 29.70 -2.21 39.87
N ARG F 104 28.41 -2.33 39.65
CA ARG F 104 27.85 -3.65 39.35
C ARG F 104 26.75 -3.53 38.31
N GLY F 105 26.14 -4.66 37.93
CA GLY F 105 25.17 -4.64 36.86
C GLY F 105 25.89 -4.83 35.53
N GLU F 106 25.19 -4.56 34.44
CA GLU F 106 25.73 -4.75 33.10
C GLU F 106 26.96 -3.85 32.86
N ARG F 107 27.96 -4.43 32.24
CA ARG F 107 29.20 -3.81 31.89
C ARG F 107 29.16 -3.33 30.45
N THR F 108 29.45 -2.04 30.23
CA THR F 108 29.68 -1.59 28.85
C THR F 108 31.11 -1.08 28.72
N ASP F 109 31.83 -1.68 27.75
CA ASP F 109 33.11 -1.22 27.25
C ASP F 109 32.82 -0.52 25.94
N TYR F 110 33.53 0.57 25.69
CA TYR F 110 33.21 1.47 24.62
C TYR F 110 34.43 2.32 24.42
N VAL F 111 34.57 2.84 23.19
CA VAL F 111 35.62 3.82 22.89
C VAL F 111 34.94 5.17 22.62
N GLU F 112 35.42 6.22 23.23
CA GLU F 112 34.94 7.55 22.92
C GLU F 112 36.02 8.38 22.30
N VAL F 113 35.68 9.12 21.23
CA VAL F 113 36.60 10.01 20.52
C VAL F 113 36.01 11.39 20.88
N PHE F 114 36.89 12.35 21.21
CA PHE F 114 36.52 13.75 21.51
C PHE F 114 37.19 14.71 20.57
N ASP F 115 36.51 15.82 20.32
CA ASP F 115 37.13 16.98 19.69
C ASP F 115 38.10 17.66 20.68
N PRO F 116 39.33 17.95 20.26
CA PRO F 116 40.26 18.43 21.27
C PRO F 116 40.14 19.96 21.59
N VAL F 117 39.24 20.70 20.91
CA VAL F 117 38.97 22.06 21.39
C VAL F 117 37.62 22.22 22.12
N THR F 118 36.62 21.51 21.66
CA THR F 118 35.35 21.59 22.30
C THR F 118 35.22 20.58 23.38
N LEU F 119 36.11 19.58 23.37
CA LEU F 119 36.03 18.36 24.18
C LEU F 119 34.71 17.56 24.08
N LEU F 120 33.88 17.83 23.07
CA LEU F 120 32.62 17.04 22.87
C LEU F 120 32.91 15.64 22.31
N PRO F 121 32.13 14.63 22.70
CA PRO F 121 32.41 13.33 22.05
C PRO F 121 32.01 13.33 20.58
N THR F 122 32.81 12.80 19.65
CA THR F 122 32.40 12.81 18.26
C THR F 122 32.09 11.31 17.80
N ALA F 123 32.32 10.34 18.68
CA ALA F 123 32.04 8.92 18.47
C ALA F 123 31.98 8.28 19.82
N ASP F 124 31.11 7.28 19.94
CA ASP F 124 30.97 6.46 21.07
C ASP F 124 30.68 5.11 20.45
N ILE F 125 31.65 4.22 20.59
CA ILE F 125 31.71 3.00 19.84
C ILE F 125 31.75 1.88 20.85
N GLU F 126 30.69 1.10 20.92
CA GLU F 126 30.64 -0.06 21.81
C GLU F 126 31.50 -1.22 21.32
N LEU F 127 32.13 -1.89 22.30
CA LEU F 127 32.99 -3.00 22.12
C LEU F 127 32.22 -4.21 22.64
N PRO F 128 31.81 -5.10 21.72
CA PRO F 128 30.96 -6.27 22.01
C PRO F 128 31.61 -7.16 23.08
N ASP F 129 30.81 -7.70 23.98
CA ASP F 129 31.26 -8.67 25.00
C ASP F 129 32.32 -8.19 26.01
N ALA F 130 32.25 -6.95 26.51
CA ALA F 130 33.24 -6.50 27.52
C ALA F 130 34.71 -7.06 27.34
N PRO F 131 35.39 -6.76 26.22
CA PRO F 131 36.67 -7.42 26.05
C PRO F 131 37.90 -6.61 26.52
N ARG F 132 37.71 -5.47 27.22
CA ARG F 132 38.90 -4.66 27.64
C ARG F 132 39.68 -5.38 28.78
N PHE F 133 40.98 -5.24 28.80
CA PHE F 133 41.79 -5.72 29.90
C PHE F 133 41.77 -4.71 31.05
N LEU F 134 41.15 -5.07 32.19
CA LEU F 134 41.14 -4.20 33.39
C LEU F 134 42.40 -4.32 34.23
N VAL F 135 43.25 -3.29 34.16
CA VAL F 135 44.61 -3.31 34.74
C VAL F 135 44.95 -1.87 35.04
N GLY F 136 45.65 -1.63 36.16
CA GLY F 136 46.30 -0.34 36.36
C GLY F 136 46.85 0.19 35.03
N THR F 137 46.81 1.49 34.81
CA THR F 137 46.81 1.95 33.47
C THR F 137 48.16 1.90 32.77
N TYR F 138 48.23 1.13 31.66
CA TYR F 138 49.50 1.08 30.84
C TYR F 138 49.21 1.76 29.54
N PRO F 139 49.84 2.87 29.27
CA PRO F 139 49.55 3.52 27.99
C PRO F 139 49.62 2.58 26.76
N TRP F 140 50.54 1.59 26.72
CA TRP F 140 50.70 0.77 25.47
C TRP F 140 49.84 -0.50 25.33
N MET F 141 48.87 -0.62 26.22
CA MET F 141 47.66 -1.47 26.20
C MET F 141 46.48 -1.01 25.31
N THR F 142 46.50 0.24 24.84
CA THR F 142 45.51 0.75 23.89
C THR F 142 46.32 1.74 23.01
N SER F 143 46.30 1.56 21.71
CA SER F 143 47.19 2.29 20.87
C SER F 143 46.51 2.69 19.58
N LEU F 144 46.75 3.92 19.16
CA LEU F 144 46.45 4.35 17.75
C LEU F 144 47.50 3.88 16.71
N THR F 145 47.03 3.66 15.49
CA THR F 145 47.88 3.52 14.32
C THR F 145 48.35 4.88 13.86
N PRO F 146 49.49 4.91 13.10
CA PRO F 146 50.08 6.20 12.70
C PRO F 146 49.17 7.17 11.94
N ASP F 147 48.18 6.67 11.21
CA ASP F 147 47.26 7.57 10.56
C ASP F 147 46.08 7.93 11.45
N GLY F 148 46.00 7.38 12.66
CA GLY F 148 44.91 7.68 13.60
C GLY F 148 43.56 7.08 13.26
N LYS F 149 43.50 6.18 12.25
CA LYS F 149 42.18 5.73 11.79
C LYS F 149 41.69 4.53 12.49
N THR F 150 42.59 3.90 13.20
CA THR F 150 42.35 2.67 13.97
C THR F 150 42.91 2.81 15.40
N LEU F 151 42.14 2.27 16.35
CA LEU F 151 42.53 2.06 17.70
C LEU F 151 42.58 0.52 17.93
N LEU F 152 43.70 0.07 18.50
CA LEU F 152 43.89 -1.35 18.92
C LEU F 152 43.93 -1.36 20.45
N PHE F 153 43.26 -2.27 21.10
CA PHE F 153 43.32 -2.40 22.53
C PHE F 153 43.60 -3.85 22.90
N TYR F 154 44.30 -4.07 24.01
CA TYR F 154 44.60 -5.42 24.42
C TYR F 154 43.47 -6.17 25.12
N GLN F 155 43.29 -7.44 24.76
CA GLN F 155 42.49 -8.32 25.60
C GLN F 155 43.31 -9.48 26.21
N PHE F 156 43.14 -9.70 27.51
CA PHE F 156 43.92 -10.63 28.29
C PHE F 156 43.24 -12.05 28.40
N SER F 157 42.00 -12.01 28.88
CA SER F 157 41.13 -13.10 29.19
C SER F 157 39.87 -13.03 28.25
N PRO F 158 39.30 -14.18 27.83
CA PRO F 158 39.81 -15.55 28.10
C PRO F 158 41.08 -15.95 27.30
N ALA F 159 41.44 -15.20 26.28
CA ALA F 159 42.61 -15.54 25.47
C ALA F 159 43.26 -14.21 25.04
N PRO F 160 44.58 -14.23 24.80
CA PRO F 160 45.21 -13.00 24.33
C PRO F 160 44.68 -12.63 22.99
N ALA F 161 44.27 -11.37 22.86
CA ALA F 161 43.68 -10.94 21.62
C ALA F 161 43.91 -9.46 21.50
N VAL F 162 43.83 -8.93 20.30
CA VAL F 162 43.86 -7.50 20.13
C VAL F 162 42.61 -7.09 19.34
N GLY F 163 41.83 -6.17 19.95
CA GLY F 163 40.63 -5.62 19.29
C GLY F 163 41.02 -4.56 18.31
N VAL F 164 40.36 -4.64 17.15
CA VAL F 164 40.48 -3.62 16.11
C VAL F 164 39.27 -2.72 16.08
N VAL F 165 39.51 -1.43 16.33
CA VAL F 165 38.44 -0.46 16.34
C VAL F 165 38.67 0.61 15.20
N ASP F 166 37.70 0.72 14.32
CA ASP F 166 37.80 1.62 13.18
C ASP F 166 37.21 2.92 13.71
N LEU F 167 38.08 3.92 13.98
CA LEU F 167 37.67 5.28 14.40
C LEU F 167 37.12 6.13 13.28
N GLU F 168 37.66 5.98 12.08
CA GLU F 168 37.22 6.73 10.94
C GLU F 168 35.78 6.31 10.54
N GLY F 169 35.48 5.00 10.53
CA GLY F 169 34.13 4.55 10.27
C GLY F 169 33.32 4.37 11.52
N LYS F 170 33.90 4.59 12.70
CA LYS F 170 33.10 4.57 13.97
C LYS F 170 32.39 3.25 14.25
N ALA F 171 33.16 2.17 14.08
CA ALA F 171 32.69 0.80 14.29
C ALA F 171 33.82 -0.13 14.76
N PHE F 172 33.43 -1.01 15.67
CA PHE F 172 34.27 -2.09 16.13
C PHE F 172 34.40 -3.07 14.97
N LYS F 173 35.61 -3.55 14.67
CA LYS F 173 35.81 -4.43 13.56
C LYS F 173 35.83 -5.87 14.00
N ARG F 174 36.91 -6.28 14.67
CA ARG F 174 37.05 -7.66 15.08
C ARG F 174 38.12 -7.76 16.11
N MET F 175 38.13 -8.88 16.80
CA MET F 175 39.25 -9.31 17.65
C MET F 175 40.31 -10.03 16.84
N LEU F 176 41.58 -9.62 16.92
CA LEU F 176 42.65 -10.50 16.39
C LEU F 176 43.24 -11.44 17.45
N ASP F 177 43.25 -12.76 17.19
CA ASP F 177 43.91 -13.72 18.09
C ASP F 177 45.44 -13.55 17.99
N VAL F 178 46.11 -13.51 19.14
CA VAL F 178 47.56 -13.28 19.11
C VAL F 178 48.23 -14.30 20.03
N PRO F 179 49.59 -14.44 19.97
CA PRO F 179 50.23 -15.31 20.97
C PRO F 179 50.17 -14.71 22.36
N ASP F 180 50.86 -15.36 23.31
CA ASP F 180 50.93 -14.90 24.66
C ASP F 180 51.92 -13.75 24.80
N CYS F 181 51.41 -12.56 24.44
CA CYS F 181 52.20 -11.40 24.32
C CYS F 181 51.32 -10.26 24.75
N TYR F 182 51.95 -9.15 25.15
CA TYR F 182 51.36 -8.03 25.89
C TYR F 182 51.92 -6.71 25.33
N HIS F 183 51.08 -5.66 25.41
CA HIS F 183 51.34 -4.30 24.85
C HIS F 183 51.24 -4.29 23.34
N ILE F 184 51.02 -3.10 22.78
CA ILE F 184 50.76 -2.97 21.39
C ILE F 184 51.47 -1.75 20.93
N PHE F 185 52.45 -1.91 20.03
CA PHE F 185 53.18 -0.80 19.40
C PHE F 185 52.99 -0.82 17.87
N PRO F 186 52.04 -0.06 17.41
CA PRO F 186 51.66 -0.06 16.03
C PRO F 186 52.66 0.63 15.18
N THR F 187 52.89 0.15 13.95
CA THR F 187 53.84 0.82 13.05
C THR F 187 53.23 1.24 11.75
N ALA F 188 51.99 0.79 11.53
CA ALA F 188 51.32 1.02 10.30
C ALA F 188 49.85 0.82 10.55
N PRO F 189 49.02 1.05 9.50
CA PRO F 189 47.58 0.80 9.62
C PRO F 189 47.29 -0.64 10.02
N ASP F 190 48.17 -1.58 9.65
CA ASP F 190 47.83 -2.95 9.91
C ASP F 190 48.99 -3.75 10.37
N THR F 191 49.93 -3.13 11.09
CA THR F 191 51.06 -3.88 11.70
C THR F 191 51.39 -3.37 13.08
N PHE F 192 51.62 -4.28 14.01
CA PHE F 192 51.98 -3.82 15.33
C PHE F 192 52.83 -4.87 16.05
N PHE F 193 53.60 -4.43 17.02
CA PHE F 193 54.49 -5.32 17.75
C PHE F 193 53.99 -5.40 19.15
N MET F 194 54.35 -6.51 19.79
CA MET F 194 53.89 -6.88 21.14
C MET F 194 55.11 -7.50 21.79
N HIS F 195 55.10 -7.52 23.12
CA HIS F 195 56.14 -8.18 23.86
C HIS F 195 55.64 -9.49 24.46
N CYS F 196 56.43 -10.58 24.30
CA CYS F 196 55.94 -11.95 24.57
C CYS F 196 56.47 -12.62 25.84
N ARG F 197 55.68 -13.51 26.46
CA ARG F 197 56.06 -14.25 27.69
C ARG F 197 57.53 -14.81 27.65
N ASP F 198 57.96 -15.16 26.43
CA ASP F 198 59.26 -15.81 26.21
C ASP F 198 60.40 -14.86 25.94
N GLY F 199 60.12 -13.57 25.88
CA GLY F 199 61.20 -12.57 25.79
C GLY F 199 61.49 -12.18 24.37
N SER F 200 60.64 -12.64 23.44
CA SER F 200 60.70 -12.24 22.06
C SER F 200 59.76 -11.04 21.87
N LEU F 201 59.86 -10.33 20.77
CA LEU F 201 58.75 -9.48 20.36
C LEU F 201 58.00 -10.27 19.28
N ALA F 202 56.68 -10.04 19.17
CA ALA F 202 55.90 -10.57 18.06
C ALA F 202 55.48 -9.42 17.19
N LYS F 203 55.71 -9.60 15.87
CA LYS F 203 55.20 -8.69 14.88
C LYS F 203 53.89 -9.34 14.46
N VAL F 204 52.83 -8.53 14.39
CA VAL F 204 51.51 -8.99 14.05
C VAL F 204 51.04 -8.11 12.93
N ALA F 205 50.73 -8.72 11.80
CA ALA F 205 50.28 -8.03 10.61
C ALA F 205 48.92 -8.62 10.23
N PHE F 206 47.91 -7.78 10.03
CA PHE F 206 46.55 -8.34 9.83
C PHE F 206 45.94 -7.76 8.59
N GLY F 207 45.22 -8.61 7.85
CA GLY F 207 44.37 -8.10 6.79
C GLY F 207 42.99 -7.68 7.27
N THR F 208 42.17 -7.26 6.30
CA THR F 208 40.67 -7.17 6.42
C THR F 208 39.98 -8.34 7.16
N GLU F 209 40.44 -9.55 6.90
CA GLU F 209 39.78 -10.68 7.47
C GLU F 209 40.84 -11.69 7.67
N GLY F 210 40.49 -12.72 8.43
CA GLY F 210 41.36 -13.86 8.63
C GLY F 210 42.34 -13.69 9.77
N THR F 211 42.98 -14.79 10.07
CA THR F 211 44.04 -14.88 11.04
C THR F 211 45.23 -13.93 10.71
N PRO F 212 45.78 -13.24 11.72
CA PRO F 212 46.93 -12.37 11.43
C PRO F 212 48.15 -13.17 11.09
N GLU F 213 49.12 -12.56 10.41
CA GLU F 213 50.43 -13.19 10.26
C GLU F 213 51.38 -12.83 11.45
N ILE F 214 51.91 -13.82 12.16
CA ILE F 214 52.74 -13.57 13.35
C ILE F 214 54.24 -13.95 13.22
N THR F 215 55.14 -12.98 13.34
CA THR F 215 56.56 -13.21 13.14
C THR F 215 57.29 -12.87 14.41
N HIS F 216 57.94 -13.83 15.05
CA HIS F 216 58.63 -13.58 16.31
C HIS F 216 60.07 -13.09 16.07
N THR F 217 60.60 -12.30 17.02
CA THR F 217 62.01 -11.91 16.96
C THR F 217 62.84 -12.98 17.70
N GLU F 218 64.17 -12.88 17.63
CA GLU F 218 65.02 -13.53 18.63
C GLU F 218 64.46 -13.12 20.02
N VAL F 219 64.63 -13.98 21.03
CA VAL F 219 64.50 -13.64 22.45
C VAL F 219 65.59 -12.58 22.82
N PHE F 220 65.23 -11.46 23.43
CA PHE F 220 66.18 -10.32 23.54
C PHE F 220 66.56 -9.99 24.97
N HIS F 221 65.98 -10.74 25.89
CA HIS F 221 66.31 -10.66 27.29
C HIS F 221 66.12 -12.01 27.92
N PRO F 222 66.91 -12.30 29.00
CA PRO F 222 66.77 -13.56 29.74
C PRO F 222 65.53 -13.46 30.59
N GLU F 223 65.16 -14.56 31.23
CA GLU F 223 63.91 -14.67 31.97
C GLU F 223 63.98 -14.06 33.35
N ASP F 224 65.19 -13.88 33.83
CA ASP F 224 65.43 -13.27 35.14
C ASP F 224 65.68 -11.74 35.01
N GLU F 225 65.53 -11.23 33.81
CA GLU F 225 65.65 -9.82 33.61
C GLU F 225 64.22 -9.23 33.37
N PHE F 226 63.75 -8.36 34.27
CA PHE F 226 62.35 -7.93 34.29
C PHE F 226 61.98 -6.59 33.61
N LEU F 227 61.28 -6.69 32.46
CA LEU F 227 60.93 -5.46 31.68
C LEU F 227 59.69 -4.76 32.17
N ILE F 228 59.81 -3.54 32.69
CA ILE F 228 58.68 -2.74 33.20
C ILE F 228 57.39 -2.67 32.29
N ASN F 229 56.26 -2.40 32.90
CA ASN F 229 55.02 -2.31 32.18
C ASN F 229 54.85 -0.98 31.48
N HIS F 230 55.75 -0.05 31.78
CA HIS F 230 55.68 1.29 31.19
C HIS F 230 56.89 1.67 30.27
N PRO F 231 57.09 0.90 29.18
CA PRO F 231 58.17 1.29 28.23
C PRO F 231 57.79 2.61 27.48
N ALA F 232 58.76 3.31 26.90
CA ALA F 232 58.41 4.46 26.05
C ALA F 232 58.46 4.06 24.59
N TYR F 233 57.53 4.60 23.81
CA TYR F 233 57.49 4.29 22.39
C TYR F 233 57.19 5.57 21.61
N SER F 234 58.10 5.95 20.73
CA SER F 234 57.86 7.04 19.84
C SER F 234 57.41 6.41 18.51
N GLN F 235 56.11 6.46 18.22
CA GLN F 235 55.58 5.92 16.99
C GLN F 235 56.25 6.60 15.80
N LYS F 236 56.43 7.93 15.85
CA LYS F 236 57.03 8.63 14.69
C LYS F 236 58.50 8.26 14.42
N ALA F 237 59.23 7.90 15.49
CA ALA F 237 60.63 7.44 15.44
C ALA F 237 60.72 5.89 15.26
N GLY F 238 59.66 5.20 15.64
CA GLY F 238 59.71 3.78 15.73
C GLY F 238 60.74 3.34 16.79
N ARG F 239 60.90 4.11 17.86
CA ARG F 239 61.85 3.72 18.94
C ARG F 239 61.11 3.18 20.13
N LEU F 240 61.39 1.97 20.49
CA LEU F 240 60.81 1.39 21.65
C LEU F 240 61.93 1.41 22.68
N VAL F 241 61.70 2.05 23.81
CA VAL F 241 62.69 2.14 24.84
C VAL F 241 62.17 1.38 26.05
N TRP F 242 62.78 0.24 26.34
CA TRP F 242 62.33 -0.63 27.39
C TRP F 242 63.36 -0.87 28.53
N PRO F 243 63.14 -0.21 29.69
CA PRO F 243 63.99 -0.43 30.86
C PRO F 243 63.65 -1.75 31.59
N THR F 244 64.66 -2.31 32.27
CA THR F 244 64.44 -3.45 33.20
C THR F 244 64.46 -2.90 34.63
N TYR F 245 64.19 -3.76 35.61
CA TYR F 245 64.22 -3.38 37.04
C TYR F 245 65.54 -2.74 37.49
N THR F 246 66.61 -2.97 36.75
CA THR F 246 67.92 -2.50 37.20
C THR F 246 68.39 -1.27 36.42
N GLY F 247 67.63 -0.83 35.40
CA GLY F 247 67.93 0.44 34.74
C GLY F 247 68.71 0.18 33.46
N LYS F 248 68.87 -1.08 33.15
CA LYS F 248 69.29 -1.48 31.83
C LYS F 248 68.16 -1.16 30.85
N ILE F 249 68.55 -0.76 29.65
CA ILE F 249 67.64 -0.24 28.70
C ILE F 249 67.85 -0.92 27.37
N HIS F 250 66.81 -1.63 26.95
CA HIS F 250 66.80 -2.25 25.63
C HIS F 250 66.18 -1.22 24.75
N GLN F 251 66.75 -1.00 23.59
CA GLN F 251 66.09 -0.22 22.57
C GLN F 251 65.80 -1.07 21.35
N ILE F 252 64.56 -1.01 20.86
CA ILE F 252 64.29 -1.69 19.60
C ILE F 252 63.91 -0.63 18.58
N ASP F 253 64.65 -0.55 17.47
CA ASP F 253 64.20 0.22 16.28
C ASP F 253 63.11 -0.49 15.37
N LEU F 254 61.86 0.01 15.40
CA LEU F 254 60.71 -0.60 14.67
C LEU F 254 60.36 0.31 13.51
N SER F 255 61.23 1.27 13.23
CA SER F 255 60.95 2.26 12.20
C SER F 255 60.75 1.61 10.83
N SER F 256 61.31 0.43 10.64
CA SER F 256 61.23 -0.17 9.34
C SER F 256 60.01 -1.12 9.24
N GLY F 257 59.28 -1.26 10.37
CA GLY F 257 58.26 -2.27 10.55
C GLY F 257 58.75 -3.70 10.76
N ASP F 258 60.07 -3.84 10.87
CA ASP F 258 60.75 -5.00 11.37
C ASP F 258 61.66 -4.49 12.51
N ALA F 259 61.95 -5.38 13.45
CA ALA F 259 62.64 -5.05 14.64
C ALA F 259 64.19 -5.12 14.43
N LYS F 260 64.87 -4.01 14.67
CA LYS F 260 66.31 -3.96 14.69
C LYS F 260 66.69 -3.59 16.09
N PHE F 261 67.28 -4.54 16.80
CA PHE F 261 67.76 -4.31 18.17
C PHE F 261 68.95 -3.45 18.11
N LEU F 262 68.99 -2.52 19.03
CA LEU F 262 70.07 -1.56 19.18
C LEU F 262 70.93 -1.98 20.36
N PRO F 263 72.21 -1.48 20.48
CA PRO F 263 72.94 -1.88 21.73
C PRO F 263 72.21 -1.45 23.01
N ALA F 264 72.21 -2.35 23.99
CA ALA F 264 71.84 -2.05 25.36
C ALA F 264 72.74 -0.95 25.96
N VAL F 265 72.22 -0.34 27.00
CA VAL F 265 72.73 0.88 27.54
C VAL F 265 72.28 0.68 28.97
N GLU F 266 73.17 0.98 29.91
CA GLU F 266 72.87 1.00 31.32
C GLU F 266 72.60 2.47 31.69
N ALA F 267 71.44 2.75 32.29
CA ALA F 267 71.06 4.11 32.67
C ALA F 267 71.74 4.52 33.98
N LEU F 268 72.08 3.51 34.78
CA LEU F 268 72.82 3.64 36.05
C LEU F 268 74.26 3.13 35.98
N THR F 269 75.15 3.71 36.79
CA THR F 269 76.55 3.27 36.74
C THR F 269 76.68 2.01 37.61
N GLU F 270 77.75 1.26 37.42
CA GLU F 270 78.04 0.13 38.32
C GLU F 270 78.11 0.56 39.81
N ALA F 271 78.77 1.69 40.06
CA ALA F 271 78.84 2.31 41.38
C ALA F 271 77.45 2.60 41.97
N GLU F 272 76.61 3.28 41.18
CA GLU F 272 75.21 3.53 41.61
C GLU F 272 74.45 2.25 41.85
N ARG F 273 74.60 1.31 40.92
CA ARG F 273 73.96 0.03 41.13
C ARG F 273 74.42 -0.72 42.38
N ALA F 274 75.74 -0.68 42.68
CA ALA F 274 76.22 -1.30 43.93
C ALA F 274 75.68 -0.51 45.16
N ASP F 275 75.37 0.75 44.94
CA ASP F 275 74.86 1.59 46.02
C ASP F 275 73.35 1.58 46.21
N GLY F 276 72.64 0.62 45.60
CA GLY F 276 71.17 0.59 45.76
C GLY F 276 70.25 1.40 44.80
N TRP F 277 70.82 2.00 43.76
CA TRP F 277 70.11 2.79 42.75
C TRP F 277 69.39 1.87 41.77
N ARG F 278 68.11 2.18 41.52
CA ARG F 278 67.23 1.48 40.57
C ARG F 278 66.14 2.45 40.12
N PRO F 279 65.57 2.22 38.91
CA PRO F 279 64.38 2.96 38.49
C PRO F 279 63.23 2.57 39.37
N GLY F 280 62.22 3.42 39.48
CA GLY F 280 61.05 3.09 40.22
C GLY F 280 60.01 4.15 39.96
N GLY F 281 58.77 3.71 39.88
CA GLY F 281 57.68 4.62 39.64
C GLY F 281 56.64 3.90 38.80
N TRP F 282 55.94 4.69 38.02
CA TRP F 282 54.87 4.18 37.16
C TRP F 282 55.42 4.38 35.73
N GLN F 283 55.19 5.55 35.13
CA GLN F 283 55.82 5.90 33.87
C GLN F 283 57.25 6.30 34.17
N GLN F 284 58.10 5.29 34.26
CA GLN F 284 59.47 5.49 34.70
C GLN F 284 60.36 6.08 33.65
N VAL F 285 59.98 6.01 32.39
CA VAL F 285 60.91 6.46 31.32
C VAL F 285 60.17 7.30 30.29
N ALA F 286 60.86 8.31 29.79
CA ALA F 286 60.43 9.12 28.65
C ALA F 286 61.54 9.12 27.55
N TYR F 287 61.11 9.41 26.33
CA TYR F 287 61.98 9.53 25.19
C TYR F 287 61.58 10.76 24.36
N HIS F 288 62.57 11.60 24.06
CA HIS F 288 62.40 12.77 23.25
C HIS F 288 62.93 12.37 21.88
N ARG F 289 62.03 12.43 20.91
CA ARG F 289 62.34 12.00 19.61
C ARG F 289 63.42 12.87 18.97
N ALA F 290 63.22 14.17 18.84
CA ALA F 290 64.21 15.03 18.11
C ALA F 290 65.59 15.11 18.76
N LEU F 291 65.64 15.07 20.08
CA LEU F 291 66.91 15.12 20.79
C LEU F 291 67.51 13.69 20.99
N ASP F 292 66.68 12.64 20.78
CA ASP F 292 67.13 11.25 20.92
C ASP F 292 67.65 11.03 22.32
N ARG F 293 66.84 11.48 23.31
CA ARG F 293 67.24 11.41 24.69
C ARG F 293 66.29 10.57 25.47
N ILE F 294 66.84 9.71 26.32
CA ILE F 294 66.08 8.97 27.34
C ILE F 294 66.16 9.65 28.75
N TYR F 295 65.05 9.59 29.49
CA TYR F 295 64.87 10.19 30.81
C TYR F 295 64.36 9.04 31.64
N LEU F 296 64.99 8.73 32.76
CA LEU F 296 64.47 7.63 33.55
C LEU F 296 64.36 8.04 35.02
N LEU F 297 63.26 7.69 35.72
CA LEU F 297 63.12 7.95 37.12
C LEU F 297 63.91 6.90 37.95
N VAL F 298 64.79 7.41 38.84
CA VAL F 298 65.70 6.56 39.62
C VAL F 298 65.83 7.07 41.03
N ASP F 299 66.08 6.14 41.94
CA ASP F 299 66.37 6.43 43.34
C ASP F 299 67.14 5.29 43.96
N GLN F 300 67.47 5.43 45.24
CA GLN F 300 67.98 4.36 46.06
C GLN F 300 66.73 3.72 46.72
N ARG F 301 66.61 2.42 46.52
CA ARG F 301 65.47 1.60 46.91
C ARG F 301 65.90 0.12 47.00
N ASP F 302 65.24 -0.59 47.90
CA ASP F 302 65.23 -2.04 47.88
C ASP F 302 64.80 -2.53 46.53
N GLU F 303 65.27 -3.71 46.12
CA GLU F 303 64.89 -4.29 44.82
C GLU F 303 63.39 -4.49 44.59
N TRP F 304 62.60 -4.66 45.65
CA TRP F 304 61.14 -4.87 45.38
C TRP F 304 60.23 -3.70 45.73
N ARG F 305 60.78 -2.48 45.74
CA ARG F 305 59.95 -1.28 45.83
C ARG F 305 60.00 -0.55 44.48
N HIS F 306 59.83 -1.31 43.40
CA HIS F 306 59.99 -0.78 42.07
C HIS F 306 58.79 0.14 41.61
N LYS F 307 57.71 0.25 42.43
CA LYS F 307 56.51 1.03 42.09
C LYS F 307 56.44 2.29 42.93
N THR F 308 57.43 2.49 43.80
CA THR F 308 57.45 3.64 44.72
C THR F 308 57.93 4.87 43.95
N ALA F 309 57.58 6.05 44.39
CA ALA F 309 58.13 7.22 43.71
C ALA F 309 59.67 7.36 43.78
N SER F 310 60.23 8.14 42.82
CA SER F 310 61.62 8.50 42.85
C SER F 310 61.82 10.01 42.91
N ARG F 311 63.00 10.42 43.39
CA ARG F 311 63.36 11.84 43.51
C ARG F 311 64.37 12.28 42.43
N PHE F 312 64.75 11.41 41.53
CA PHE F 312 65.74 11.83 40.57
C PHE F 312 65.37 11.37 39.16
N VAL F 313 65.98 12.02 38.17
CA VAL F 313 65.81 11.65 36.81
C VAL F 313 67.17 11.72 36.15
N VAL F 314 67.63 10.62 35.55
CA VAL F 314 68.88 10.66 34.79
C VAL F 314 68.52 10.86 33.31
N VAL F 315 69.34 11.60 32.59
CA VAL F 315 69.10 11.86 31.16
C VAL F 315 70.29 11.32 30.40
N LEU F 316 70.05 10.56 29.32
CA LEU F 316 71.11 9.94 28.56
C LEU F 316 70.85 10.00 27.06
N ASP F 317 71.96 10.13 26.33
CA ASP F 317 71.97 10.07 24.88
C ASP F 317 71.63 8.62 24.53
N ALA F 318 70.54 8.43 23.75
CA ALA F 318 70.04 7.08 23.40
C ALA F 318 71.02 6.39 22.44
N LYS F 319 71.74 7.17 21.66
CA LYS F 319 72.68 6.58 20.64
C LYS F 319 73.90 6.05 21.39
N THR F 320 74.56 6.86 22.24
CA THR F 320 75.78 6.41 22.93
C THR F 320 75.62 5.83 24.33
N GLY F 321 74.51 6.07 25.01
CA GLY F 321 74.39 5.77 26.43
C GLY F 321 75.13 6.74 27.31
N GLU F 322 75.75 7.76 26.74
CA GLU F 322 76.43 8.75 27.62
C GLU F 322 75.44 9.50 28.52
N ARG F 323 75.71 9.50 29.83
CA ARG F 323 74.93 10.32 30.76
C ARG F 323 75.07 11.84 30.46
N LEU F 324 73.94 12.55 30.36
CA LEU F 324 73.93 13.95 30.06
C LEU F 324 73.55 14.71 31.31
N ALA F 325 72.81 14.11 32.21
CA ALA F 325 72.30 14.87 33.37
C ALA F 325 71.74 13.94 34.38
N LYS F 326 71.71 14.40 35.61
CA LYS F 326 71.05 13.69 36.65
C LYS F 326 70.43 14.82 37.46
N PHE F 327 69.08 14.88 37.44
CA PHE F 327 68.33 15.90 38.15
C PHE F 327 67.78 15.39 39.43
N GLU F 328 67.91 16.21 40.46
CA GLU F 328 67.17 16.05 41.73
C GLU F 328 65.86 16.82 41.58
N MET F 329 64.77 16.10 41.73
CA MET F 329 63.46 16.61 41.41
C MET F 329 62.76 17.52 42.50
N GLY F 330 63.11 17.40 43.77
CA GLY F 330 62.41 18.24 44.75
C GLY F 330 61.13 17.65 45.29
N HIS F 331 60.69 16.52 44.72
CA HIS F 331 59.42 15.86 45.10
C HIS F 331 59.43 14.39 44.84
N GLU F 332 58.39 13.71 45.29
CA GLU F 332 58.21 12.31 45.04
C GLU F 332 57.49 12.14 43.74
N ILE F 333 58.22 11.68 42.71
CA ILE F 333 57.72 11.62 41.37
C ILE F 333 57.44 10.17 40.93
N ASP F 334 56.22 9.92 40.45
CA ASP F 334 55.86 8.59 39.97
C ASP F 334 56.00 8.39 38.45
N SER F 335 55.77 9.46 37.71
CA SER F 335 55.67 9.40 36.30
C SER F 335 56.34 10.63 35.72
N ILE F 336 57.15 10.37 34.67
CA ILE F 336 57.67 11.40 33.78
C ILE F 336 57.28 11.29 32.30
N ASN F 337 57.34 12.43 31.61
CA ASN F 337 57.14 12.53 30.16
C ASN F 337 57.77 13.86 29.78
N VAL F 338 57.87 14.13 28.48
CA VAL F 338 58.47 15.36 27.99
C VAL F 338 57.52 15.89 26.86
N SER F 339 57.57 17.19 26.54
CA SER F 339 56.96 17.68 25.35
C SER F 339 57.99 17.37 24.22
N GLN F 340 57.58 17.45 22.94
CA GLN F 340 58.41 16.91 21.85
C GLN F 340 58.91 18.03 20.96
N ASP F 341 58.78 19.24 21.46
CA ASP F 341 59.30 20.38 20.80
C ASP F 341 60.75 20.65 21.21
N GLU F 342 61.29 21.77 20.70
CA GLU F 342 62.73 21.98 20.62
C GLU F 342 63.51 22.05 21.95
N LYS F 343 62.82 22.70 22.93
CA LYS F 343 63.33 22.97 24.24
C LYS F 343 62.32 22.40 25.23
N PRO F 344 62.23 21.05 25.29
CA PRO F 344 61.07 20.39 25.84
C PRO F 344 60.84 20.74 27.29
N LEU F 345 59.63 20.55 27.77
CA LEU F 345 59.39 20.59 29.21
C LEU F 345 59.58 19.16 29.64
N LEU F 346 59.97 19.00 30.91
CA LEU F 346 60.00 17.72 31.61
C LEU F 346 58.86 17.70 32.62
N TYR F 347 57.92 16.78 32.41
CA TYR F 347 56.78 16.64 33.27
C TYR F 347 57.03 15.60 34.34
N ALA F 348 56.65 15.90 35.58
CA ALA F 348 56.98 15.06 36.63
C ALA F 348 55.73 14.97 37.53
N LEU F 349 55.10 13.80 37.57
CA LEU F 349 53.81 13.70 38.25
C LEU F 349 54.00 12.93 39.52
N SER F 350 53.46 13.47 40.60
CA SER F 350 53.40 12.87 41.88
C SER F 350 51.97 12.39 42.08
N THR F 351 51.80 11.08 42.20
CA THR F 351 50.55 10.51 42.53
C THR F 351 50.15 10.84 43.98
N GLY F 352 51.12 10.93 44.91
CA GLY F 352 50.76 11.19 46.33
C GLY F 352 50.35 12.64 46.49
N ASP F 353 51.02 13.57 45.81
CA ASP F 353 50.73 15.00 45.99
C ASP F 353 49.58 15.38 45.08
N LYS F 354 49.26 14.50 44.14
CA LYS F 354 48.27 14.79 43.06
C LYS F 354 48.62 16.05 42.34
N THR F 355 49.89 16.18 42.01
CA THR F 355 50.42 17.38 41.41
C THR F 355 51.30 17.07 40.22
N LEU F 356 51.11 17.83 39.15
CA LEU F 356 52.05 17.82 38.06
C LEU F 356 53.07 18.93 38.23
N TYR F 357 54.34 18.55 38.37
CA TYR F 357 55.44 19.47 38.45
C TYR F 357 55.96 19.61 37.02
N ILE F 358 56.11 20.85 36.58
CA ILE F 358 56.59 21.07 35.21
C ILE F 358 58.00 21.70 35.33
N HIS F 359 58.99 21.05 34.70
CA HIS F 359 60.39 21.42 34.77
C HIS F 359 60.94 21.70 33.38
N ASP F 360 62.00 22.49 33.36
CA ASP F 360 62.79 22.69 32.16
C ASP F 360 63.62 21.40 31.95
N ALA F 361 63.39 20.67 30.88
CA ALA F 361 64.19 19.43 30.61
C ALA F 361 65.73 19.56 30.54
N GLU F 362 66.21 20.71 30.07
CA GLU F 362 67.61 20.98 29.92
C GLU F 362 68.35 21.13 31.26
N SER F 363 67.86 22.00 32.13
CA SER F 363 68.53 22.34 33.42
C SER F 363 67.89 21.61 34.58
N GLY F 364 66.70 21.01 34.35
CA GLY F 364 66.03 20.28 35.43
C GLY F 364 65.22 21.15 36.39
N GLU F 365 65.14 22.45 36.14
CA GLU F 365 64.53 23.35 37.13
C GLU F 365 63.01 23.26 37.06
N GLU F 366 62.37 23.22 38.23
CA GLU F 366 60.95 23.29 38.34
C GLU F 366 60.51 24.69 37.96
N LEU F 367 59.67 24.80 36.92
CA LEU F 367 59.17 26.11 36.43
C LEU F 367 57.86 26.48 37.09
N ARG F 368 56.92 25.52 37.21
CA ARG F 368 55.58 25.81 37.72
C ARG F 368 54.98 24.47 38.09
N SER F 369 53.79 24.46 38.69
CA SER F 369 53.13 23.18 38.99
C SER F 369 51.62 23.35 38.87
N VAL F 370 50.93 22.23 38.92
CA VAL F 370 49.47 22.19 38.83
C VAL F 370 48.98 21.11 39.79
N ASN F 371 48.27 21.54 40.83
CA ASN F 371 47.85 20.60 41.85
C ASN F 371 46.42 20.18 41.65
N GLN F 372 45.92 19.37 42.57
CA GLN F 372 44.51 19.01 42.65
C GLN F 372 44.06 18.20 41.46
N LEU F 373 44.98 17.34 41.00
CA LEU F 373 44.74 16.48 39.83
C LEU F 373 44.12 15.14 40.22
N GLY F 374 42.91 15.18 40.78
CA GLY F 374 42.22 13.97 41.15
C GLY F 374 42.73 13.31 42.43
N HIS F 375 42.58 11.97 42.46
CA HIS F 375 42.79 11.13 43.63
C HIS F 375 44.18 10.43 43.66
N GLY F 376 44.64 10.03 42.48
CA GLY F 376 45.89 9.33 42.31
C GLY F 376 46.39 9.39 40.89
N PRO F 377 46.70 10.61 40.41
CA PRO F 377 47.03 10.70 38.96
C PRO F 377 48.30 9.92 38.63
N GLN F 378 48.33 9.29 37.48
CA GLN F 378 49.44 8.37 37.17
C GLN F 378 50.00 8.47 35.73
N VAL F 379 49.21 8.99 34.77
CA VAL F 379 49.60 8.85 33.37
C VAL F 379 49.64 10.19 32.73
N ILE F 380 50.78 10.45 32.09
CA ILE F 380 51.05 11.66 31.38
C ILE F 380 51.09 11.31 29.89
N THR F 381 50.36 12.08 29.06
CA THR F 381 50.33 11.85 27.65
C THR F 381 50.55 13.13 26.97
N THR F 382 51.45 13.10 25.98
CA THR F 382 51.71 14.29 25.12
C THR F 382 51.45 13.98 23.61
N ALA F 383 51.17 15.00 22.79
CA ALA F 383 51.18 14.84 21.34
C ALA F 383 52.57 15.11 20.76
N ASP F 384 52.96 14.30 19.81
CA ASP F 384 54.24 14.62 19.12
C ASP F 384 53.86 15.30 17.82
N MET F 385 53.64 16.61 17.91
CA MET F 385 53.14 17.41 16.78
C MET F 385 54.12 17.78 15.65
N GLY F 386 55.42 17.60 15.89
CA GLY F 386 56.46 18.08 14.97
C GLY F 386 56.93 17.27 13.75
N GLU G 5 -15.99 -14.76 -45.24
CA GLU G 5 -15.97 -16.11 -44.58
C GLU G 5 -14.59 -16.39 -43.93
N ALA G 6 -13.51 -16.01 -44.62
CA ALA G 6 -12.11 -16.07 -44.10
C ALA G 6 -11.84 -15.25 -42.81
N GLU G 7 -11.14 -15.85 -41.84
CA GLU G 7 -10.85 -15.21 -40.56
C GLU G 7 -9.85 -14.07 -40.66
N THR G 8 -9.97 -13.12 -39.74
CA THR G 8 -8.96 -12.09 -39.61
C THR G 8 -7.84 -12.63 -38.73
N GLN G 9 -6.72 -11.87 -38.70
CA GLN G 9 -5.60 -12.15 -37.81
C GLN G 9 -6.11 -12.12 -36.36
N ALA G 10 -6.81 -11.04 -35.98
CA ALA G 10 -7.36 -10.93 -34.61
C ALA G 10 -8.21 -12.14 -34.22
N GLN G 11 -9.24 -12.46 -35.02
CA GLN G 11 -10.08 -13.65 -34.86
C GLN G 11 -9.29 -14.93 -34.65
N GLU G 12 -8.34 -15.14 -35.58
CA GLU G 12 -7.50 -16.32 -35.66
C GLU G 12 -6.63 -16.46 -34.42
N THR G 13 -5.87 -15.42 -34.05
CA THR G 13 -5.09 -15.47 -32.78
C THR G 13 -5.94 -15.45 -31.49
N GLN G 14 -7.22 -15.09 -31.55
CA GLN G 14 -8.05 -15.25 -30.36
C GLN G 14 -8.91 -16.51 -30.43
N GLY G 15 -9.20 -17.00 -31.62
CA GLY G 15 -9.84 -18.30 -31.74
C GLY G 15 -8.94 -19.42 -31.24
N GLN G 16 -7.63 -19.27 -31.49
CA GLN G 16 -6.62 -20.27 -31.06
C GLN G 16 -6.27 -20.19 -29.56
N ALA G 17 -6.20 -19.00 -28.98
CA ALA G 17 -6.13 -18.88 -27.52
C ALA G 17 -7.30 -19.60 -26.89
N ALA G 18 -8.48 -19.47 -27.52
CA ALA G 18 -9.72 -20.00 -26.95
C ALA G 18 -9.76 -21.51 -27.00
N ALA G 19 -9.24 -22.10 -28.08
CA ALA G 19 -9.18 -23.54 -28.27
C ALA G 19 -8.20 -24.17 -27.25
N ARG G 20 -7.02 -23.56 -27.09
CA ARG G 20 -6.02 -23.94 -26.06
C ARG G 20 -6.62 -23.94 -24.66
N ALA G 21 -7.09 -22.77 -24.19
CA ALA G 21 -7.87 -22.62 -22.93
C ALA G 21 -8.90 -23.75 -22.74
N ALA G 22 -9.80 -23.86 -23.71
CA ALA G 22 -10.80 -24.91 -23.79
C ALA G 22 -10.27 -26.35 -23.63
N ALA G 23 -9.20 -26.69 -24.37
CA ALA G 23 -8.58 -28.05 -24.33
C ALA G 23 -7.85 -28.37 -23.01
N ALA G 24 -7.25 -27.32 -22.43
CA ALA G 24 -6.65 -27.35 -21.06
C ALA G 24 -7.72 -27.65 -20.02
N ASP G 25 -8.91 -27.03 -20.12
CA ASP G 25 -10.09 -27.38 -19.28
C ASP G 25 -10.54 -28.82 -19.35
N LEU G 26 -10.40 -29.41 -20.53
CA LEU G 26 -10.93 -30.73 -20.80
C LEU G 26 -9.93 -31.82 -20.32
N ALA G 27 -8.63 -31.58 -20.54
CA ALA G 27 -7.61 -32.47 -19.97
C ALA G 27 -7.65 -32.39 -18.42
N ALA G 28 -7.93 -31.19 -17.89
CA ALA G 28 -8.18 -31.01 -16.47
C ALA G 28 -9.51 -31.64 -16.01
N GLY G 29 -10.35 -32.08 -16.93
CA GLY G 29 -11.66 -32.65 -16.55
C GLY G 29 -12.65 -31.67 -15.91
N GLN G 30 -12.45 -30.37 -16.12
CA GLN G 30 -13.37 -29.32 -15.67
C GLN G 30 -14.62 -29.16 -16.57
N ASP G 31 -15.79 -29.41 -16.02
CA ASP G 31 -17.05 -29.40 -16.79
C ASP G 31 -17.54 -28.05 -17.36
N ASP G 32 -18.04 -28.13 -18.59
CA ASP G 32 -18.75 -27.02 -19.23
C ASP G 32 -20.09 -26.79 -18.53
N GLU G 33 -20.23 -25.57 -18.03
CA GLU G 33 -21.44 -25.17 -17.35
C GLU G 33 -21.86 -23.80 -17.98
N PRO G 34 -22.61 -23.86 -19.13
CA PRO G 34 -22.95 -22.71 -20.00
C PRO G 34 -23.85 -21.72 -19.28
N ARG G 35 -23.58 -20.44 -19.47
CA ARG G 35 -24.32 -19.32 -18.87
C ARG G 35 -24.39 -18.19 -19.92
N ILE G 36 -25.12 -17.12 -19.61
CA ILE G 36 -24.99 -15.86 -20.33
C ILE G 36 -23.86 -14.91 -19.82
N LEU G 37 -22.91 -14.61 -20.69
CA LEU G 37 -21.87 -13.65 -20.42
C LEU G 37 -22.38 -12.23 -20.21
N GLU G 38 -21.56 -11.41 -19.56
CA GLU G 38 -21.73 -9.95 -19.58
C GLU G 38 -20.55 -9.42 -20.32
N ALA G 39 -20.72 -8.27 -20.97
CA ALA G 39 -19.64 -7.65 -21.67
C ALA G 39 -18.63 -7.10 -20.65
N PRO G 40 -17.37 -6.86 -21.06
CA PRO G 40 -16.50 -6.10 -20.14
C PRO G 40 -17.09 -4.70 -19.90
N ALA G 41 -16.69 -4.08 -18.79
CA ALA G 41 -17.07 -2.70 -18.49
C ALA G 41 -16.85 -1.80 -19.72
N PRO G 42 -17.73 -0.82 -19.93
CA PRO G 42 -17.34 0.12 -20.99
C PRO G 42 -15.97 0.74 -20.67
N ASP G 43 -15.11 0.84 -21.68
CA ASP G 43 -13.85 1.55 -21.55
C ASP G 43 -13.67 2.39 -22.78
N ALA G 44 -12.62 3.18 -22.78
CA ALA G 44 -12.25 4.10 -23.85
C ALA G 44 -12.22 3.50 -25.28
N ARG G 45 -11.96 2.21 -25.36
CA ARG G 45 -11.60 1.59 -26.63
C ARG G 45 -12.72 0.65 -27.13
N ARG G 46 -13.84 0.67 -26.41
CA ARG G 46 -15.06 0.07 -26.91
C ARG G 46 -15.59 0.91 -28.06
N VAL G 47 -15.96 0.26 -29.16
CA VAL G 47 -16.56 0.98 -30.27
C VAL G 47 -17.82 0.24 -30.74
N TYR G 48 -18.90 1.00 -31.01
CA TYR G 48 -20.18 0.51 -31.61
C TYR G 48 -20.26 0.69 -33.10
N VAL G 49 -20.80 -0.31 -33.78
CA VAL G 49 -20.94 -0.26 -35.22
C VAL G 49 -22.42 -0.49 -35.58
N ASN G 50 -23.01 0.50 -36.23
CA ASN G 50 -24.34 0.37 -36.69
C ASN G 50 -24.36 0.05 -38.14
N ASP G 51 -25.20 -0.93 -38.42
CA ASP G 51 -25.44 -1.43 -39.75
C ASP G 51 -26.84 -1.08 -40.14
N PRO G 52 -27.06 0.12 -40.74
CA PRO G 52 -28.40 0.40 -41.34
C PRO G 52 -28.88 -0.62 -42.41
N ALA G 53 -28.00 -1.50 -42.84
CA ALA G 53 -28.27 -2.68 -43.73
C ALA G 53 -29.02 -2.29 -44.95
N HIS G 54 -28.66 -1.11 -45.48
CA HIS G 54 -29.14 -0.57 -46.74
C HIS G 54 -30.67 -0.47 -46.78
N PHE G 55 -31.27 0.00 -45.67
CA PHE G 55 -32.74 0.30 -45.59
C PHE G 55 -33.59 -0.95 -45.36
N ALA G 56 -32.96 -2.00 -44.84
CA ALA G 56 -33.71 -3.13 -44.36
C ALA G 56 -34.58 -2.74 -43.13
N ALA G 57 -35.66 -3.49 -42.96
CA ALA G 57 -36.65 -3.22 -41.94
C ALA G 57 -36.05 -3.50 -40.58
N VAL G 58 -35.03 -4.37 -40.53
CA VAL G 58 -34.40 -4.84 -39.27
C VAL G 58 -32.88 -4.59 -39.36
N THR G 59 -32.31 -4.14 -38.26
CA THR G 59 -30.93 -3.74 -38.30
C THR G 59 -30.13 -4.35 -37.11
N GLN G 60 -28.81 -4.26 -37.19
CA GLN G 60 -27.98 -4.69 -36.06
C GLN G 60 -26.97 -3.62 -35.64
N GLN G 61 -26.65 -3.65 -34.35
CA GLN G 61 -25.50 -2.90 -33.80
C GLN G 61 -24.53 -3.91 -33.30
N PHE G 62 -23.25 -3.67 -33.60
CA PHE G 62 -22.17 -4.46 -33.08
C PHE G 62 -21.38 -3.66 -31.95
N VAL G 63 -21.03 -4.34 -30.87
CA VAL G 63 -20.35 -3.72 -29.72
C VAL G 63 -19.05 -4.45 -29.71
N ILE G 64 -18.01 -3.64 -29.96
CA ILE G 64 -16.65 -4.13 -30.23
C ILE G 64 -15.67 -3.54 -29.21
N ASP G 65 -14.78 -4.41 -28.73
CA ASP G 65 -13.55 -3.92 -28.15
C ASP G 65 -12.55 -3.57 -29.24
N GLY G 66 -12.25 -2.28 -29.42
CA GLY G 66 -11.19 -1.86 -30.36
C GLY G 66 -9.75 -2.36 -30.05
N GLU G 67 -9.42 -2.44 -28.76
CA GLU G 67 -8.15 -2.96 -28.32
C GLU G 67 -7.92 -4.37 -28.86
N ALA G 68 -8.85 -5.28 -28.57
CA ALA G 68 -8.70 -6.67 -28.98
C ALA G 68 -9.18 -7.00 -30.39
N GLY G 69 -10.00 -6.12 -30.96
CA GLY G 69 -10.83 -6.44 -32.13
C GLY G 69 -11.81 -7.59 -31.85
N ARG G 70 -12.52 -7.54 -30.75
CA ARG G 70 -13.40 -8.63 -30.34
C ARG G 70 -14.85 -8.13 -30.26
N VAL G 71 -15.79 -8.80 -30.98
CA VAL G 71 -17.23 -8.56 -30.81
C VAL G 71 -17.60 -9.07 -29.45
N ILE G 72 -18.07 -8.13 -28.61
CA ILE G 72 -18.29 -8.37 -27.20
C ILE G 72 -19.78 -8.36 -26.87
N GLY G 73 -20.57 -7.92 -27.87
CA GLY G 73 -22.03 -8.02 -27.87
C GLY G 73 -22.71 -7.48 -29.13
N MET G 74 -24.03 -7.54 -29.15
CA MET G 74 -24.83 -6.98 -30.26
C MET G 74 -26.15 -6.45 -29.72
N ILE G 75 -26.72 -5.46 -30.43
CA ILE G 75 -28.10 -5.05 -30.20
C ILE G 75 -28.90 -4.96 -31.50
N ASP G 76 -30.04 -5.67 -31.52
CA ASP G 76 -31.07 -5.58 -32.63
C ASP G 76 -31.81 -4.23 -32.71
N GLY G 77 -31.99 -3.74 -33.94
CA GLY G 77 -32.77 -2.49 -34.18
C GLY G 77 -33.85 -2.67 -35.25
N GLY G 78 -34.77 -1.69 -35.36
CA GLY G 78 -35.77 -1.70 -36.41
C GLY G 78 -35.40 -1.04 -37.70
N PHE G 79 -36.35 -0.27 -38.25
CA PHE G 79 -36.12 0.49 -39.47
C PHE G 79 -35.32 1.74 -39.15
N LEU G 80 -34.16 1.85 -39.76
CA LEU G 80 -33.25 3.06 -39.64
C LEU G 80 -33.13 3.65 -38.22
N PRO G 81 -32.76 2.82 -37.24
CA PRO G 81 -32.63 3.35 -35.86
C PRO G 81 -31.48 4.36 -35.73
N ASN G 82 -31.62 5.27 -34.77
CA ASN G 82 -30.64 6.35 -34.47
C ASN G 82 -30.02 6.01 -33.14
N PRO G 83 -28.76 5.50 -33.13
CA PRO G 83 -28.19 5.04 -31.85
C PRO G 83 -27.56 6.21 -31.09
N VAL G 84 -27.53 6.08 -29.77
CA VAL G 84 -26.81 7.09 -28.94
C VAL G 84 -25.96 6.41 -27.86
N VAL G 85 -24.88 7.11 -27.49
CA VAL G 85 -23.91 6.56 -26.53
C VAL G 85 -23.62 7.55 -25.37
N ALA G 86 -24.08 7.23 -24.16
CA ALA G 86 -23.76 8.08 -23.01
C ALA G 86 -22.24 8.09 -22.88
N ASP G 87 -21.67 9.30 -23.05
CA ASP G 87 -20.21 9.62 -23.05
C ASP G 87 -19.60 9.21 -21.73
N ASP G 88 -20.34 9.61 -20.72
CA ASP G 88 -20.31 9.01 -19.41
C ASP G 88 -19.95 7.50 -19.42
N GLY G 89 -20.75 6.65 -20.10
CA GLY G 89 -20.47 5.21 -20.20
C GLY G 89 -21.45 4.28 -19.51
N SER G 90 -22.50 4.82 -18.90
CA SER G 90 -23.46 4.08 -18.05
C SER G 90 -24.66 3.41 -18.76
N PHE G 91 -24.94 3.87 -19.98
CA PHE G 91 -26.04 3.38 -20.79
C PHE G 91 -25.88 3.73 -22.27
N ILE G 92 -26.55 2.96 -23.10
CA ILE G 92 -26.66 3.28 -24.52
C ILE G 92 -28.16 3.19 -24.85
N ALA G 93 -28.54 3.73 -26.00
CA ALA G 93 -29.94 3.81 -26.31
C ALA G 93 -30.12 3.98 -27.80
N HIS G 94 -31.28 3.59 -28.30
CA HIS G 94 -31.64 4.01 -29.63
C HIS G 94 -33.10 4.41 -29.79
N ALA G 95 -33.36 5.21 -30.83
CA ALA G 95 -34.68 5.53 -31.32
C ALA G 95 -34.89 4.58 -32.51
N SER G 96 -35.96 3.81 -32.46
CA SER G 96 -36.15 2.74 -33.41
C SER G 96 -37.62 2.66 -33.86
N THR G 97 -37.91 1.82 -34.87
CA THR G 97 -39.24 1.74 -35.46
C THR G 97 -39.50 0.36 -35.96
N VAL G 98 -40.74 -0.14 -35.78
CA VAL G 98 -41.07 -1.49 -36.14
C VAL G 98 -42.50 -1.46 -36.60
N PHE G 99 -42.98 -2.54 -37.19
CA PHE G 99 -44.30 -2.57 -37.86
C PHE G 99 -44.94 -3.88 -37.47
N SER G 100 -46.27 -3.93 -37.38
CA SER G 100 -46.86 -5.21 -37.01
C SER G 100 -46.63 -6.39 -38.01
N ARG G 101 -46.36 -6.10 -39.27
CA ARG G 101 -46.18 -7.17 -40.26
C ARG G 101 -44.92 -6.89 -41.06
N ILE G 102 -43.77 -7.02 -40.39
CA ILE G 102 -42.42 -6.81 -41.01
C ILE G 102 -42.21 -5.35 -41.49
N ALA G 103 -42.70 -5.00 -42.66
CA ALA G 103 -42.48 -3.66 -43.17
C ALA G 103 -43.81 -2.95 -43.41
N ARG G 104 -44.91 -3.60 -43.05
CA ARG G 104 -46.21 -2.99 -43.09
C ARG G 104 -47.08 -3.23 -41.85
N GLY G 105 -48.19 -2.52 -41.84
CA GLY G 105 -49.19 -2.62 -40.76
C GLY G 105 -48.89 -1.49 -39.81
N GLU G 106 -49.20 -1.71 -38.54
CA GLU G 106 -49.14 -0.68 -37.53
C GLU G 106 -47.66 -0.35 -37.20
N ARG G 107 -47.31 0.93 -37.36
CA ARG G 107 -45.99 1.45 -37.05
C ARG G 107 -45.87 1.87 -35.57
N THR G 108 -44.81 1.39 -34.90
CA THR G 108 -44.50 1.83 -33.57
C THR G 108 -43.11 2.46 -33.57
N ASP G 109 -43.01 3.74 -33.23
CA ASP G 109 -41.67 4.32 -32.93
C ASP G 109 -41.44 4.28 -31.41
N TYR G 110 -40.20 3.98 -31.03
CA TYR G 110 -39.93 3.76 -29.62
C TYR G 110 -38.48 4.03 -29.33
N VAL G 111 -38.20 4.35 -28.07
CA VAL G 111 -36.86 4.50 -27.54
C VAL G 111 -36.55 3.35 -26.56
N GLU G 112 -35.40 2.71 -26.74
CA GLU G 112 -34.93 1.71 -25.79
C GLU G 112 -33.62 2.16 -25.18
N VAL G 113 -33.49 1.94 -23.87
CA VAL G 113 -32.25 2.15 -23.17
C VAL G 113 -31.70 0.76 -22.81
N PHE G 114 -30.38 0.58 -22.90
CA PHE G 114 -29.77 -0.71 -22.57
C PHE G 114 -28.61 -0.47 -21.57
N ASP G 115 -28.47 -1.43 -20.66
CA ASP G 115 -27.32 -1.55 -19.81
C ASP G 115 -26.09 -1.94 -20.65
N PRO G 116 -24.94 -1.25 -20.44
CA PRO G 116 -23.86 -1.50 -21.39
C PRO G 116 -23.02 -2.75 -21.11
N VAL G 117 -23.23 -3.43 -19.96
CA VAL G 117 -22.56 -4.72 -19.74
C VAL G 117 -23.48 -5.96 -19.86
N THR G 118 -24.76 -5.84 -19.48
CA THR G 118 -25.73 -6.91 -19.74
C THR G 118 -26.48 -6.77 -21.11
N LEU G 119 -26.62 -5.55 -21.66
CA LEU G 119 -27.17 -5.31 -23.02
C LEU G 119 -28.66 -5.59 -23.02
N LEU G 120 -29.18 -5.73 -21.79
CA LEU G 120 -30.59 -5.89 -21.48
C LEU G 120 -31.25 -4.50 -21.45
N PRO G 121 -32.48 -4.42 -22.05
CA PRO G 121 -33.24 -3.16 -22.08
C PRO G 121 -33.75 -2.78 -20.71
N THR G 122 -33.60 -1.50 -20.36
CA THR G 122 -33.92 -0.96 -19.04
C THR G 122 -35.08 0.03 -19.20
N ALA G 123 -35.17 0.62 -20.37
CA ALA G 123 -36.36 1.41 -20.73
C ALA G 123 -36.89 1.01 -22.12
N ASP G 124 -38.21 0.84 -22.23
CA ASP G 124 -38.88 0.82 -23.53
C ASP G 124 -39.90 1.96 -23.57
N ILE G 125 -39.55 3.04 -24.27
CA ILE G 125 -40.39 4.23 -24.32
C ILE G 125 -41.08 4.43 -25.69
N GLU G 126 -42.39 4.34 -25.74
CA GLU G 126 -43.08 4.51 -27.02
C GLU G 126 -43.30 6.00 -27.38
N LEU G 127 -42.90 6.38 -28.60
CA LEU G 127 -43.15 7.74 -29.12
C LEU G 127 -44.52 7.77 -29.85
N PRO G 128 -45.45 8.64 -29.37
CA PRO G 128 -46.80 8.73 -29.85
C PRO G 128 -46.75 9.19 -31.30
N ASP G 129 -47.70 8.68 -32.10
CA ASP G 129 -47.94 9.15 -33.50
C ASP G 129 -46.77 9.06 -34.50
N ALA G 130 -45.91 8.04 -34.38
CA ALA G 130 -44.89 7.81 -35.43
C ALA G 130 -44.03 9.06 -35.75
N PRO G 131 -43.34 9.61 -34.73
CA PRO G 131 -42.62 10.86 -34.96
C PRO G 131 -41.23 10.79 -35.60
N ARG G 132 -40.57 9.64 -35.56
CA ARG G 132 -39.19 9.54 -36.07
C ARG G 132 -39.03 9.92 -37.51
N PHE G 133 -37.89 10.56 -37.81
CA PHE G 133 -37.50 10.94 -39.19
C PHE G 133 -36.81 9.70 -39.84
N LEU G 134 -37.43 9.15 -40.89
CA LEU G 134 -36.87 7.99 -41.58
C LEU G 134 -35.93 8.48 -42.69
N VAL G 135 -34.62 8.29 -42.46
CA VAL G 135 -33.52 8.84 -43.21
C VAL G 135 -32.30 7.95 -43.02
N GLY G 136 -31.40 7.86 -44.01
CA GLY G 136 -30.08 7.28 -43.78
C GLY G 136 -29.44 7.83 -42.49
N THR G 137 -28.71 6.98 -41.77
CA THR G 137 -28.34 7.27 -40.41
C THR G 137 -27.34 8.46 -40.20
N TYR G 138 -27.89 9.61 -39.74
CA TYR G 138 -27.11 10.78 -39.25
C TYR G 138 -27.03 10.67 -37.74
N PRO G 139 -25.79 10.49 -37.20
CA PRO G 139 -25.63 10.50 -35.74
C PRO G 139 -26.35 11.66 -35.00
N TRP G 140 -26.34 12.88 -35.55
CA TRP G 140 -26.94 14.05 -34.83
C TRP G 140 -28.43 14.36 -35.10
N MET G 141 -29.17 13.34 -35.56
CA MET G 141 -30.61 13.42 -35.69
C MET G 141 -31.35 12.90 -34.43
N THR G 142 -30.57 12.35 -33.50
CA THR G 142 -31.10 11.90 -32.22
C THR G 142 -29.96 12.09 -31.26
N SER G 143 -30.21 12.78 -30.15
CA SER G 143 -29.11 13.28 -29.32
C SER G 143 -29.36 13.28 -27.80
N LEU G 144 -28.40 12.73 -27.05
CA LEU G 144 -28.45 12.80 -25.59
C LEU G 144 -28.11 14.20 -25.09
N THR G 145 -28.70 14.59 -23.96
CA THR G 145 -28.30 15.82 -23.26
C THR G 145 -26.98 15.58 -22.48
N PRO G 146 -26.25 16.68 -22.14
CA PRO G 146 -25.00 16.52 -21.34
C PRO G 146 -25.15 15.73 -20.03
N ASP G 147 -26.22 15.93 -19.28
CA ASP G 147 -26.49 15.08 -18.11
C ASP G 147 -27.00 13.67 -18.45
N GLY G 148 -27.45 13.45 -19.68
CA GLY G 148 -27.92 12.12 -20.11
C GLY G 148 -29.31 11.77 -19.58
N LYS G 149 -30.10 12.80 -19.30
CA LYS G 149 -31.41 12.60 -18.69
C LYS G 149 -32.46 12.50 -19.77
N THR G 150 -32.12 13.08 -20.91
CA THR G 150 -33.07 13.46 -21.96
C THR G 150 -32.55 13.13 -23.36
N LEU G 151 -33.38 12.44 -24.12
CA LEU G 151 -33.13 12.13 -25.51
C LEU G 151 -33.95 13.11 -26.38
N LEU G 152 -33.28 13.72 -27.33
CA LEU G 152 -33.91 14.61 -28.28
C LEU G 152 -33.77 14.01 -29.67
N PHE G 153 -34.84 14.06 -30.43
CA PHE G 153 -34.89 13.45 -31.76
C PHE G 153 -35.61 14.37 -32.73
N TYR G 154 -35.12 14.44 -33.97
CA TYR G 154 -35.79 15.21 -34.98
C TYR G 154 -37.05 14.52 -35.63
N GLN G 155 -38.07 15.35 -35.90
CA GLN G 155 -39.18 15.02 -36.81
C GLN G 155 -39.09 15.95 -38.03
N PHE G 156 -39.24 15.40 -39.24
CA PHE G 156 -39.24 16.17 -40.47
C PHE G 156 -40.64 16.55 -40.96
N SER G 157 -41.53 15.57 -40.96
CA SER G 157 -42.85 15.69 -41.50
C SER G 157 -43.87 15.24 -40.41
N PRO G 158 -45.04 15.88 -40.32
CA PRO G 158 -45.59 16.91 -41.22
C PRO G 158 -45.14 18.32 -40.98
N ALA G 159 -44.25 18.50 -39.98
CA ALA G 159 -43.64 19.78 -39.66
C ALA G 159 -42.30 19.56 -38.92
N PRO G 160 -41.35 20.52 -39.04
CA PRO G 160 -40.16 20.52 -38.19
C PRO G 160 -40.46 20.45 -36.68
N ALA G 161 -39.81 19.50 -36.03
CA ALA G 161 -40.03 19.33 -34.63
C ALA G 161 -38.95 18.48 -33.98
N VAL G 162 -38.92 18.57 -32.67
CA VAL G 162 -37.93 17.89 -31.90
C VAL G 162 -38.74 17.34 -30.75
N GLY G 163 -38.66 16.01 -30.57
CA GLY G 163 -39.43 15.35 -29.53
C GLY G 163 -38.58 15.27 -28.29
N VAL G 164 -39.21 15.40 -27.13
CA VAL G 164 -38.42 15.36 -25.91
C VAL G 164 -38.73 14.08 -25.18
N VAL G 165 -37.67 13.28 -25.07
CA VAL G 165 -37.76 12.05 -24.34
C VAL G 165 -36.99 12.16 -23.01
N ASP G 166 -37.73 11.94 -21.93
CA ASP G 166 -37.17 11.84 -20.62
C ASP G 166 -36.70 10.39 -20.25
N LEU G 167 -35.39 10.17 -20.32
CA LEU G 167 -34.81 8.86 -19.93
C LEU G 167 -34.91 8.52 -18.44
N GLU G 168 -34.53 9.44 -17.54
CA GLU G 168 -34.67 9.15 -16.09
C GLU G 168 -36.13 8.80 -15.76
N GLY G 169 -37.04 9.63 -16.26
CA GLY G 169 -38.48 9.39 -16.07
C GLY G 169 -39.08 8.28 -16.90
N LYS G 170 -38.37 7.85 -17.96
CA LYS G 170 -38.86 6.81 -18.91
C LYS G 170 -40.22 7.16 -19.49
N ALA G 171 -40.31 8.35 -20.04
CA ALA G 171 -41.55 8.85 -20.54
C ALA G 171 -41.22 9.75 -21.68
N PHE G 172 -42.11 9.79 -22.66
CA PHE G 172 -42.06 10.78 -23.71
C PHE G 172 -42.73 12.03 -23.17
N LYS G 173 -42.18 13.20 -23.51
CA LYS G 173 -42.67 14.44 -22.91
C LYS G 173 -43.48 15.24 -23.89
N ARG G 174 -42.82 15.71 -24.94
CA ARG G 174 -43.51 16.56 -25.92
C ARG G 174 -42.72 16.78 -27.19
N MET G 175 -43.43 17.25 -28.20
CA MET G 175 -42.84 17.69 -29.46
C MET G 175 -42.66 19.20 -29.33
N LEU G 176 -41.53 19.67 -29.81
CA LEU G 176 -41.24 21.08 -29.81
C LEU G 176 -41.27 21.54 -31.23
N ASP G 177 -42.03 22.60 -31.48
CA ASP G 177 -41.93 23.31 -32.76
C ASP G 177 -40.59 24.03 -32.88
N VAL G 178 -39.81 23.60 -33.87
CA VAL G 178 -38.61 24.30 -34.21
C VAL G 178 -38.84 24.92 -35.60
N PRO G 179 -37.98 25.83 -36.05
CA PRO G 179 -38.19 26.25 -37.44
C PRO G 179 -37.48 25.30 -38.41
N ASP G 180 -37.41 25.66 -39.70
CA ASP G 180 -36.70 24.90 -40.73
C ASP G 180 -35.22 24.66 -40.44
N CYS G 181 -34.94 23.87 -39.40
CA CYS G 181 -33.56 23.47 -39.04
C CYS G 181 -33.42 21.94 -38.83
N TYR G 182 -32.19 21.46 -38.79
CA TYR G 182 -31.91 20.02 -38.93
C TYR G 182 -30.71 19.64 -38.05
N HIS G 183 -30.75 18.45 -37.46
CA HIS G 183 -29.70 17.98 -36.53
C HIS G 183 -29.86 18.65 -35.18
N ILE G 184 -29.39 17.98 -34.16
CA ILE G 184 -29.67 18.38 -32.81
C ILE G 184 -28.36 18.26 -32.07
N PHE G 185 -27.84 19.41 -31.61
CA PHE G 185 -26.56 19.39 -30.89
C PHE G 185 -26.78 19.99 -29.50
N PRO G 186 -26.98 19.13 -28.48
CA PRO G 186 -27.26 19.64 -27.12
C PRO G 186 -26.03 20.21 -26.37
N THR G 187 -26.24 21.31 -25.66
CA THR G 187 -25.16 21.98 -24.91
C THR G 187 -25.45 22.00 -23.40
N ALA G 188 -26.70 21.74 -23.06
CA ALA G 188 -27.19 21.78 -21.70
C ALA G 188 -28.40 20.83 -21.51
N PRO G 189 -28.92 20.76 -20.25
CA PRO G 189 -30.14 20.02 -19.95
C PRO G 189 -31.38 20.52 -20.73
N ASP G 190 -31.38 21.81 -21.11
CA ASP G 190 -32.61 22.48 -21.59
C ASP G 190 -32.38 23.21 -22.91
N THR G 191 -31.28 22.87 -23.56
CA THR G 191 -30.76 23.66 -24.68
C THR G 191 -30.05 22.76 -25.65
N PHE G 192 -30.22 23.10 -26.93
CA PHE G 192 -29.54 22.43 -28.02
C PHE G 192 -29.52 23.34 -29.23
N PHE G 193 -28.61 23.07 -30.15
CA PHE G 193 -28.55 23.82 -31.39
C PHE G 193 -29.06 22.98 -32.59
N MET G 194 -29.28 23.63 -33.74
CA MET G 194 -29.63 22.99 -34.99
C MET G 194 -29.04 23.79 -36.13
N HIS G 195 -28.72 23.17 -37.26
CA HIS G 195 -28.34 23.95 -38.43
C HIS G 195 -29.56 24.22 -39.30
N CYS G 196 -29.71 25.48 -39.71
CA CYS G 196 -30.92 25.89 -40.41
C CYS G 196 -30.75 25.95 -41.93
N ARG G 197 -31.84 26.06 -42.68
CA ARG G 197 -31.81 26.11 -44.15
C ARG G 197 -31.17 27.40 -44.71
N ASP G 198 -31.33 28.53 -44.00
CA ASP G 198 -30.82 29.82 -44.49
C ASP G 198 -29.40 30.16 -44.08
N GLY G 199 -28.78 29.26 -43.33
CA GLY G 199 -27.33 29.28 -43.13
C GLY G 199 -26.89 29.44 -41.71
N SER G 200 -27.85 29.54 -40.79
CA SER G 200 -27.60 29.88 -39.39
C SER G 200 -27.59 28.64 -38.46
N LEU G 201 -27.16 28.80 -37.21
CA LEU G 201 -27.52 27.79 -36.20
C LEU G 201 -28.67 28.30 -35.34
N ALA G 202 -29.61 27.45 -34.93
CA ALA G 202 -30.66 27.91 -34.03
C ALA G 202 -30.44 27.33 -32.66
N LYS G 203 -30.44 28.22 -31.67
CA LYS G 203 -30.42 27.84 -30.27
C LYS G 203 -31.87 27.63 -29.90
N VAL G 204 -32.12 26.46 -29.32
CA VAL G 204 -33.43 26.19 -28.79
C VAL G 204 -33.19 25.83 -27.35
N ALA G 205 -33.91 26.55 -26.49
CA ALA G 205 -33.94 26.29 -25.08
C ALA G 205 -35.40 26.17 -24.70
N PHE G 206 -35.73 25.16 -23.91
CA PHE G 206 -37.11 24.72 -23.72
C PHE G 206 -37.37 24.32 -22.27
N GLY G 207 -38.54 24.68 -21.77
CA GLY G 207 -38.93 24.25 -20.43
C GLY G 207 -39.73 22.95 -20.49
N THR G 208 -40.52 22.71 -19.45
CA THR G 208 -41.44 21.57 -19.45
C THR G 208 -42.83 22.01 -19.97
N GLU G 209 -43.06 23.33 -20.02
CA GLU G 209 -44.29 23.93 -20.60
C GLU G 209 -44.04 24.95 -21.75
N GLY G 210 -45.10 25.30 -22.49
CA GLY G 210 -45.08 26.38 -23.51
C GLY G 210 -44.01 26.45 -24.64
N THR G 211 -44.06 27.57 -25.38
CA THR G 211 -43.27 27.84 -26.61
C THR G 211 -41.74 27.92 -26.43
N PRO G 212 -40.98 27.14 -27.21
CA PRO G 212 -39.51 27.24 -27.10
C PRO G 212 -38.97 28.67 -27.35
N GLU G 213 -37.82 29.01 -26.76
CA GLU G 213 -37.11 30.22 -27.12
C GLU G 213 -36.05 29.90 -28.14
N ILE G 214 -36.07 30.63 -29.25
CA ILE G 214 -35.27 30.28 -30.42
C ILE G 214 -34.44 31.49 -30.90
N THR G 215 -33.13 31.40 -30.69
CA THR G 215 -32.17 32.42 -31.11
C THR G 215 -31.52 31.93 -32.41
N HIS G 216 -31.42 32.79 -33.43
CA HIS G 216 -30.61 32.50 -34.62
C HIS G 216 -29.25 33.19 -34.59
N THR G 217 -28.16 32.42 -34.77
CA THR G 217 -26.88 32.99 -35.14
C THR G 217 -27.13 33.64 -36.51
N GLU G 218 -26.07 33.87 -37.29
CA GLU G 218 -26.27 34.31 -38.69
C GLU G 218 -25.62 33.34 -39.63
N VAL G 219 -25.95 33.50 -40.90
CA VAL G 219 -25.33 32.86 -42.04
C VAL G 219 -23.90 33.41 -42.19
N PHE G 220 -22.76 32.74 -41.90
CA PHE G 220 -22.34 31.37 -41.47
C PHE G 220 -21.74 30.58 -42.64
N HIS G 221 -22.55 30.35 -43.68
CA HIS G 221 -22.05 29.86 -44.97
C HIS G 221 -22.95 30.42 -46.06
N PRO G 222 -22.47 30.43 -47.32
CA PRO G 222 -23.37 30.78 -48.41
C PRO G 222 -24.28 29.62 -48.89
N GLU G 223 -25.21 29.97 -49.78
CA GLU G 223 -26.17 29.09 -50.46
C GLU G 223 -25.51 27.92 -51.20
N ASP G 224 -24.33 28.14 -51.76
CA ASP G 224 -23.60 27.16 -52.56
C ASP G 224 -22.36 26.55 -51.87
N GLU G 225 -22.23 26.80 -50.56
CA GLU G 225 -21.34 26.02 -49.72
C GLU G 225 -22.15 24.99 -48.92
N PHE G 226 -21.93 23.73 -49.27
CA PHE G 226 -22.76 22.58 -48.83
C PHE G 226 -22.16 21.82 -47.65
N LEU G 227 -22.87 21.83 -46.52
CA LEU G 227 -22.39 21.25 -45.25
C LEU G 227 -22.91 19.80 -45.04
N ILE G 228 -21.98 18.85 -44.87
CA ILE G 228 -22.26 17.42 -44.92
C ILE G 228 -23.26 17.00 -43.84
N ASN G 229 -23.88 15.83 -44.05
CA ASN G 229 -24.90 15.35 -43.12
C ASN G 229 -24.33 14.73 -41.84
N HIS G 230 -23.01 14.58 -41.83
CA HIS G 230 -22.27 13.95 -40.74
C HIS G 230 -21.14 14.81 -40.14
N PRO G 231 -21.50 15.99 -39.57
CA PRO G 231 -20.49 16.71 -38.79
C PRO G 231 -20.00 15.93 -37.56
N ALA G 232 -18.77 16.19 -37.08
CA ALA G 232 -18.38 15.66 -35.77
C ALA G 232 -18.89 16.59 -34.65
N TYR G 233 -19.22 16.01 -33.48
CA TYR G 233 -19.58 16.79 -32.28
C TYR G 233 -19.14 16.25 -30.90
N SER G 234 -18.14 16.94 -30.31
CA SER G 234 -17.69 16.66 -28.95
C SER G 234 -18.56 17.46 -28.02
N GLN G 235 -19.40 16.75 -27.29
CA GLN G 235 -20.33 17.44 -26.44
C GLN G 235 -19.60 17.95 -25.19
N LYS G 236 -18.59 17.19 -24.76
CA LYS G 236 -17.74 17.59 -23.64
C LYS G 236 -16.96 18.89 -23.94
N ALA G 237 -16.29 18.94 -25.09
CA ALA G 237 -15.51 20.10 -25.53
C ALA G 237 -16.39 21.25 -26.02
N GLY G 238 -17.68 20.96 -26.16
CA GLY G 238 -18.62 21.88 -26.81
C GLY G 238 -18.33 22.24 -28.27
N ARG G 239 -17.61 21.37 -28.98
CA ARG G 239 -17.08 21.68 -30.32
C ARG G 239 -17.81 20.94 -31.46
N LEU G 240 -18.10 21.69 -32.52
CA LEU G 240 -18.87 21.25 -33.64
C LEU G 240 -17.98 21.46 -34.87
N VAL G 241 -17.31 20.38 -35.31
CA VAL G 241 -16.52 20.38 -36.56
C VAL G 241 -17.50 20.08 -37.70
N TRP G 242 -17.59 21.01 -38.66
CA TRP G 242 -18.57 20.88 -39.73
C TRP G 242 -18.04 21.04 -41.15
N PRO G 243 -17.53 19.93 -41.77
CA PRO G 243 -16.87 20.02 -43.08
C PRO G 243 -17.84 20.38 -44.18
N THR G 244 -17.34 20.94 -45.28
CA THR G 244 -18.19 21.19 -46.45
C THR G 244 -17.79 20.16 -47.48
N TYR G 245 -18.46 20.14 -48.64
CA TYR G 245 -18.13 19.18 -49.71
C TYR G 245 -16.65 19.26 -50.11
N THR G 246 -16.02 20.42 -49.92
CA THR G 246 -14.67 20.63 -50.43
C THR G 246 -13.64 20.43 -49.33
N GLY G 247 -14.12 20.35 -48.09
CA GLY G 247 -13.27 20.31 -46.91
C GLY G 247 -13.00 21.66 -46.24
N LYS G 248 -13.82 22.67 -46.52
CA LYS G 248 -13.68 24.02 -45.93
C LYS G 248 -14.08 24.02 -44.44
N ILE G 249 -13.72 22.94 -43.76
CA ILE G 249 -14.10 22.68 -42.37
C ILE G 249 -14.46 23.86 -41.45
N HIS G 250 -15.76 24.03 -41.19
CA HIS G 250 -16.21 25.06 -40.22
C HIS G 250 -16.03 24.55 -38.79
N GLN G 251 -15.88 25.49 -37.87
CA GLN G 251 -15.91 25.18 -36.46
C GLN G 251 -16.82 26.15 -35.72
N ILE G 252 -17.46 25.62 -34.67
CA ILE G 252 -18.27 26.39 -33.74
C ILE G 252 -18.10 25.77 -32.35
N ASP G 253 -17.83 26.62 -31.36
CA ASP G 253 -17.73 26.22 -29.96
C ASP G 253 -19.03 26.57 -29.20
N LEU G 254 -19.73 25.57 -28.67
CA LEU G 254 -21.06 25.82 -28.09
C LEU G 254 -21.13 25.68 -26.56
N SER G 255 -19.98 25.37 -25.96
CA SER G 255 -19.76 25.45 -24.50
C SER G 255 -19.98 26.85 -23.93
N SER G 256 -19.79 27.86 -24.77
CA SER G 256 -19.90 29.28 -24.38
C SER G 256 -21.32 29.73 -24.01
N GLY G 257 -22.18 28.74 -23.74
CA GLY G 257 -23.63 28.91 -23.75
C GLY G 257 -24.12 29.15 -25.17
N ASP G 258 -23.34 29.94 -25.92
CA ASP G 258 -23.66 30.35 -27.28
C ASP G 258 -22.52 30.13 -28.28
N ALA G 259 -22.84 30.31 -29.55
CA ALA G 259 -21.98 29.99 -30.67
C ALA G 259 -20.95 31.11 -30.98
N LYS G 260 -19.69 30.69 -31.05
CA LYS G 260 -18.60 31.54 -31.51
C LYS G 260 -17.88 30.83 -32.67
N PHE G 261 -18.02 31.38 -33.87
CA PHE G 261 -17.27 30.90 -35.03
C PHE G 261 -15.74 30.92 -34.81
N LEU G 262 -15.12 29.75 -34.85
CA LEU G 262 -13.66 29.66 -34.88
C LEU G 262 -13.09 29.80 -36.32
N PRO G 263 -11.74 29.93 -36.48
CA PRO G 263 -11.19 30.16 -37.83
C PRO G 263 -11.60 29.11 -38.88
N ALA G 264 -12.02 29.58 -40.07
CA ALA G 264 -12.39 28.69 -41.18
C ALA G 264 -11.16 28.06 -41.82
N VAL G 265 -11.18 26.72 -41.90
CA VAL G 265 -9.99 25.96 -42.15
C VAL G 265 -10.17 24.99 -43.31
N GLU G 266 -9.40 25.16 -44.39
CA GLU G 266 -9.49 24.24 -45.52
C GLU G 266 -8.60 23.01 -45.21
N ALA G 267 -9.13 21.79 -45.40
CA ALA G 267 -8.38 20.54 -45.07
C ALA G 267 -7.62 19.92 -46.26
N LEU G 268 -7.94 20.36 -47.48
CA LEU G 268 -7.11 20.09 -48.65
C LEU G 268 -6.44 21.39 -49.16
N THR G 269 -5.20 21.28 -49.62
CA THR G 269 -4.47 22.45 -50.15
C THR G 269 -5.16 22.95 -51.43
N GLU G 270 -4.81 24.14 -51.92
CA GLU G 270 -5.48 24.67 -53.12
C GLU G 270 -5.16 23.81 -54.36
N ALA G 271 -3.97 23.19 -54.32
CA ALA G 271 -3.48 22.34 -55.43
C ALA G 271 -4.08 20.92 -55.43
N GLU G 272 -4.41 20.45 -54.23
CA GLU G 272 -5.09 19.19 -54.04
C GLU G 272 -6.49 19.32 -54.59
N ARG G 273 -7.18 20.36 -54.17
CA ARG G 273 -8.49 20.69 -54.74
C ARG G 273 -8.44 20.84 -56.25
N ALA G 274 -7.31 21.30 -56.78
CA ALA G 274 -7.11 21.46 -58.24
C ALA G 274 -6.95 20.12 -58.99
N ASP G 275 -6.10 19.25 -58.45
CA ASP G 275 -5.84 17.93 -58.97
C ASP G 275 -7.18 17.16 -58.99
N GLY G 276 -7.87 17.16 -57.86
CA GLY G 276 -9.27 16.78 -57.87
C GLY G 276 -9.74 16.28 -56.53
N TRP G 277 -8.97 16.55 -55.49
CA TRP G 277 -9.22 15.93 -54.20
C TRP G 277 -10.42 16.53 -53.53
N ARG G 278 -11.30 15.63 -53.07
CA ARG G 278 -12.48 16.00 -52.25
C ARG G 278 -12.71 15.05 -51.07
N PRO G 279 -13.36 15.52 -49.99
CA PRO G 279 -13.78 14.57 -48.96
C PRO G 279 -14.94 13.70 -49.49
N GLY G 280 -15.20 12.55 -48.86
CA GLY G 280 -16.19 11.62 -49.42
C GLY G 280 -16.47 10.48 -48.49
N GLY G 281 -17.64 9.84 -48.63
CA GLY G 281 -18.09 8.80 -47.69
C GLY G 281 -19.23 9.24 -46.79
N TRP G 282 -19.25 8.70 -45.58
CA TRP G 282 -20.45 8.78 -44.77
C TRP G 282 -20.20 9.67 -43.55
N GLN G 283 -19.66 9.09 -42.46
CA GLN G 283 -18.99 9.89 -41.43
C GLN G 283 -17.59 10.24 -41.92
N GLN G 284 -17.51 11.29 -42.70
CA GLN G 284 -16.30 11.72 -43.35
C GLN G 284 -15.27 12.30 -42.38
N VAL G 285 -15.75 12.76 -41.23
CA VAL G 285 -14.97 13.53 -40.29
C VAL G 285 -15.02 13.07 -38.83
N ALA G 286 -13.86 13.00 -38.18
CA ALA G 286 -13.78 12.62 -36.79
C ALA G 286 -13.08 13.72 -36.06
N TYR G 287 -13.29 13.79 -34.77
CA TYR G 287 -12.67 14.82 -33.95
C TYR G 287 -12.13 14.17 -32.69
N HIS G 288 -10.86 14.46 -32.38
CA HIS G 288 -10.27 14.01 -31.12
C HIS G 288 -10.23 15.17 -30.13
N ARG G 289 -10.66 14.94 -28.89
CA ARG G 289 -10.87 16.02 -27.95
C ARG G 289 -9.60 16.49 -27.21
N ALA G 290 -8.99 15.56 -26.47
CA ALA G 290 -7.75 15.80 -25.74
C ALA G 290 -6.62 16.26 -26.70
N LEU G 291 -6.28 15.43 -27.69
CA LEU G 291 -5.27 15.81 -28.69
C LEU G 291 -5.73 16.96 -29.57
N ASP G 292 -6.99 17.37 -29.40
CA ASP G 292 -7.64 18.39 -30.24
C ASP G 292 -7.24 18.37 -31.71
N ARG G 293 -7.68 17.34 -32.42
CA ARG G 293 -7.35 17.16 -33.84
C ARG G 293 -8.52 16.66 -34.75
N ILE G 294 -8.41 16.99 -36.03
CA ILE G 294 -9.41 16.67 -36.99
C ILE G 294 -8.91 15.62 -37.98
N TYR G 295 -9.69 14.56 -38.13
CA TYR G 295 -9.48 13.54 -39.11
C TYR G 295 -10.59 13.59 -40.18
N LEU G 296 -10.19 13.63 -41.45
CA LEU G 296 -11.12 13.74 -42.58
C LEU G 296 -10.82 12.69 -43.65
N LEU G 297 -11.87 11.96 -44.08
CA LEU G 297 -11.88 11.08 -45.26
C LEU G 297 -11.89 11.85 -46.58
N VAL G 298 -10.86 11.61 -47.40
CA VAL G 298 -10.63 12.39 -48.63
C VAL G 298 -10.07 11.48 -49.69
N ASP G 299 -10.22 11.88 -50.95
CA ASP G 299 -9.66 11.07 -52.03
C ASP G 299 -9.87 11.91 -53.27
N GLN G 300 -9.39 11.41 -54.40
CA GLN G 300 -9.71 12.01 -55.69
C GLN G 300 -10.99 11.45 -56.27
N ARG G 301 -11.91 12.37 -56.49
CA ARG G 301 -13.26 12.06 -56.95
C ARG G 301 -13.71 13.29 -57.71
N ASP G 302 -14.62 13.12 -58.66
CA ASP G 302 -15.43 14.20 -59.18
C ASP G 302 -16.41 14.67 -58.09
N GLU G 303 -17.04 15.81 -58.33
CA GLU G 303 -17.68 16.55 -57.23
C GLU G 303 -18.96 15.88 -56.73
N TRP G 304 -19.70 15.24 -57.64
CA TRP G 304 -20.98 14.66 -57.27
C TRP G 304 -20.85 13.18 -56.96
N ARG G 305 -19.73 12.82 -56.35
CA ARG G 305 -19.38 11.46 -56.02
C ARG G 305 -19.01 11.48 -54.54
N HIS G 306 -19.77 12.26 -53.79
CA HIS G 306 -19.42 12.59 -52.43
C HIS G 306 -19.76 11.55 -51.35
N LYS G 307 -20.57 10.53 -51.72
CA LYS G 307 -20.94 9.47 -50.77
C LYS G 307 -20.11 8.18 -51.05
N THR G 308 -19.20 8.22 -52.01
CA THR G 308 -18.27 7.11 -52.28
C THR G 308 -17.25 6.93 -51.14
N ALA G 309 -16.72 5.71 -50.97
CA ALA G 309 -15.66 5.43 -50.01
C ALA G 309 -14.42 6.20 -50.44
N SER G 310 -13.55 6.48 -49.48
CA SER G 310 -12.29 7.15 -49.75
C SER G 310 -11.12 6.27 -49.28
N ARG G 311 -9.98 6.33 -49.94
CA ARG G 311 -8.84 5.58 -49.41
C ARG G 311 -7.79 6.41 -48.68
N PHE G 312 -8.09 7.67 -48.38
CA PHE G 312 -7.10 8.48 -47.67
C PHE G 312 -7.65 9.26 -46.45
N VAL G 313 -6.81 9.45 -45.44
CA VAL G 313 -7.18 10.27 -44.25
C VAL G 313 -6.17 11.43 -43.94
N VAL G 314 -6.62 12.68 -44.07
CA VAL G 314 -5.75 13.84 -43.83
C VAL G 314 -6.01 14.40 -42.43
N VAL G 315 -5.02 14.21 -41.54
CA VAL G 315 -5.10 14.52 -40.10
C VAL G 315 -4.57 15.93 -39.89
N LEU G 316 -5.28 16.72 -39.07
CA LEU G 316 -4.91 18.10 -38.86
C LEU G 316 -5.24 18.62 -37.47
N ASP G 317 -4.56 19.72 -37.13
CA ASP G 317 -4.77 20.34 -35.83
C ASP G 317 -5.96 21.33 -35.88
N ALA G 318 -6.89 21.17 -34.92
CA ALA G 318 -8.12 22.00 -34.81
C ALA G 318 -7.87 23.52 -34.70
N LYS G 319 -6.69 23.86 -34.16
CA LYS G 319 -6.30 25.26 -33.89
C LYS G 319 -5.90 26.00 -35.15
N THR G 320 -4.88 25.50 -35.84
CA THR G 320 -4.21 26.29 -36.87
C THR G 320 -4.73 25.88 -38.22
N GLY G 321 -5.10 24.60 -38.30
CA GLY G 321 -5.60 24.00 -39.53
C GLY G 321 -4.45 23.57 -40.40
N GLU G 322 -3.47 22.89 -39.79
CA GLU G 322 -2.27 22.48 -40.50
C GLU G 322 -2.12 20.97 -40.45
N ARG G 323 -1.78 20.42 -41.61
CA ARG G 323 -1.79 19.00 -41.73
C ARG G 323 -0.78 18.42 -40.80
N LEU G 324 -1.16 17.35 -40.10
CA LEU G 324 -0.23 16.56 -39.33
C LEU G 324 0.14 15.26 -40.03
N ALA G 325 -0.78 14.77 -40.86
CA ALA G 325 -0.55 13.55 -41.63
C ALA G 325 -1.50 13.43 -42.81
N LYS G 326 -1.11 12.56 -43.73
CA LYS G 326 -1.99 11.98 -44.73
C LYS G 326 -1.74 10.47 -44.66
N PHE G 327 -2.78 9.72 -44.29
CA PHE G 327 -2.68 8.27 -44.20
C PHE G 327 -3.29 7.66 -45.46
N GLU G 328 -2.67 6.58 -45.92
CA GLU G 328 -3.18 5.72 -46.95
C GLU G 328 -3.90 4.69 -46.16
N MET G 329 -5.18 4.52 -46.46
CA MET G 329 -6.00 3.66 -45.63
C MET G 329 -5.84 2.27 -46.13
N GLY G 330 -5.61 2.14 -47.43
CA GLY G 330 -5.42 0.83 -48.08
C GLY G 330 -6.71 0.01 -48.23
N HIS G 331 -7.81 0.55 -47.75
CA HIS G 331 -9.13 -0.07 -48.00
C HIS G 331 -10.14 0.96 -48.44
N GLU G 332 -11.30 0.45 -48.90
CA GLU G 332 -12.48 1.24 -49.22
C GLU G 332 -13.22 1.63 -47.95
N ILE G 333 -13.07 2.89 -47.58
CA ILE G 333 -13.44 3.36 -46.25
C ILE G 333 -14.53 4.39 -46.33
N ASP G 334 -15.61 4.14 -45.62
CA ASP G 334 -16.76 5.03 -45.68
C ASP G 334 -16.87 5.90 -44.47
N SER G 335 -16.56 5.31 -43.32
CA SER G 335 -16.77 6.03 -42.08
C SER G 335 -15.53 6.00 -41.23
N ILE G 336 -15.19 7.14 -40.61
CA ILE G 336 -14.07 7.20 -39.66
C ILE G 336 -14.58 7.72 -38.31
N ASN G 337 -13.95 7.27 -37.24
CA ASN G 337 -14.12 7.86 -35.90
C ASN G 337 -12.85 7.67 -35.08
N VAL G 338 -12.74 8.36 -33.95
CA VAL G 338 -11.61 8.07 -33.05
C VAL G 338 -11.95 7.67 -31.60
N SER G 339 -11.12 6.81 -31.00
CA SER G 339 -11.24 6.51 -29.56
C SER G 339 -10.68 7.69 -28.82
N GLN G 340 -11.32 8.03 -27.69
CA GLN G 340 -11.07 9.34 -27.05
C GLN G 340 -9.88 9.40 -26.06
N ASP G 341 -9.35 8.22 -25.74
CA ASP G 341 -8.21 8.08 -24.88
C ASP G 341 -6.96 8.61 -25.62
N GLU G 342 -5.86 8.83 -24.91
CA GLU G 342 -4.82 9.70 -25.46
C GLU G 342 -3.76 8.98 -26.31
N LYS G 343 -3.87 7.65 -26.42
CA LYS G 343 -3.15 6.92 -27.46
C LYS G 343 -4.22 6.42 -28.44
N PRO G 344 -4.78 7.34 -29.27
CA PRO G 344 -6.07 7.03 -29.91
C PRO G 344 -6.05 6.10 -31.12
N LEU G 345 -7.09 5.29 -31.17
CA LEU G 345 -7.37 4.45 -32.30
C LEU G 345 -7.99 5.28 -33.41
N LEU G 346 -7.54 5.02 -34.63
CA LEU G 346 -8.32 5.42 -35.79
C LEU G 346 -9.26 4.28 -36.35
N TYR G 347 -10.57 4.53 -36.30
CA TYR G 347 -11.63 3.60 -36.76
C TYR G 347 -12.02 3.81 -38.22
N ALA G 348 -11.75 2.83 -39.09
CA ALA G 348 -11.96 2.93 -40.55
C ALA G 348 -13.04 1.92 -41.04
N LEU G 349 -14.30 2.34 -41.15
CA LEU G 349 -15.42 1.42 -41.51
C LEU G 349 -15.63 1.32 -43.00
N SER G 350 -15.49 0.10 -43.53
CA SER G 350 -15.93 -0.15 -44.91
C SER G 350 -17.32 -0.71 -44.95
N THR G 351 -18.24 0.09 -45.49
CA THR G 351 -19.57 -0.41 -45.86
C THR G 351 -19.53 -1.60 -46.89
N GLY G 352 -18.70 -1.48 -47.94
CA GLY G 352 -18.61 -2.51 -48.99
C GLY G 352 -17.98 -3.83 -48.53
N ASP G 353 -16.99 -3.76 -47.63
CA ASP G 353 -16.32 -4.94 -47.03
C ASP G 353 -17.04 -5.42 -45.78
N LYS G 354 -17.92 -4.57 -45.24
CA LYS G 354 -18.61 -4.83 -43.96
C LYS G 354 -17.59 -5.07 -42.84
N THR G 355 -16.50 -4.28 -42.88
CA THR G 355 -15.34 -4.52 -42.02
C THR G 355 -14.92 -3.25 -41.31
N LEU G 356 -14.69 -3.34 -40.01
CA LEU G 356 -14.06 -2.25 -39.28
C LEU G 356 -12.55 -2.50 -39.20
N TYR G 357 -11.76 -1.62 -39.83
CA TYR G 357 -10.29 -1.62 -39.69
C TYR G 357 -9.93 -0.65 -38.60
N ILE G 358 -9.17 -1.16 -37.66
CA ILE G 358 -8.76 -0.40 -36.50
C ILE G 358 -7.26 -0.07 -36.66
N HIS G 359 -6.96 1.23 -36.78
CA HIS G 359 -5.59 1.74 -36.98
C HIS G 359 -5.07 2.48 -35.74
N ASP G 360 -3.77 2.71 -35.75
CA ASP G 360 -3.17 3.61 -34.78
C ASP G 360 -3.36 5.00 -35.35
N ALA G 361 -4.03 5.89 -34.62
CA ALA G 361 -4.30 7.25 -35.13
C ALA G 361 -2.97 8.06 -35.34
N GLU G 362 -1.94 7.76 -34.52
CA GLU G 362 -0.60 8.37 -34.63
C GLU G 362 0.15 7.95 -35.91
N SER G 363 0.57 6.68 -35.96
CA SER G 363 1.25 6.08 -37.14
C SER G 363 0.37 5.82 -38.37
N GLY G 364 -0.92 5.60 -38.16
CA GLY G 364 -1.88 5.28 -39.24
C GLY G 364 -1.84 3.83 -39.65
N GLU G 365 -0.91 3.08 -39.05
CA GLU G 365 -0.78 1.67 -39.34
C GLU G 365 -2.10 0.92 -39.02
N GLU G 366 -2.41 -0.15 -39.75
CA GLU G 366 -3.58 -0.93 -39.38
C GLU G 366 -3.17 -1.97 -38.39
N LEU G 367 -3.81 -1.93 -37.22
CA LEU G 367 -3.50 -2.89 -36.16
C LEU G 367 -4.32 -4.19 -36.30
N ARG G 368 -5.62 -4.06 -36.53
CA ARG G 368 -6.49 -5.21 -36.54
C ARG G 368 -7.73 -4.95 -37.39
N SER G 369 -8.57 -5.98 -37.50
CA SER G 369 -9.92 -5.81 -38.09
C SER G 369 -10.97 -6.76 -37.56
N VAL G 370 -12.21 -6.34 -37.67
CA VAL G 370 -13.38 -7.15 -37.38
C VAL G 370 -14.25 -7.18 -38.64
N ASN G 371 -14.55 -8.38 -39.12
CA ASN G 371 -15.31 -8.44 -40.36
C ASN G 371 -16.69 -8.98 -40.08
N GLN G 372 -17.51 -9.17 -41.13
CA GLN G 372 -18.88 -9.74 -41.04
C GLN G 372 -19.78 -8.89 -40.13
N LEU G 373 -19.67 -7.56 -40.28
CA LEU G 373 -20.48 -6.61 -39.51
C LEU G 373 -21.78 -6.18 -40.23
N GLY G 374 -22.66 -7.15 -40.46
CA GLY G 374 -23.93 -6.90 -41.06
C GLY G 374 -23.84 -6.74 -42.55
N HIS G 375 -24.76 -5.93 -43.06
CA HIS G 375 -25.03 -5.90 -44.48
C HIS G 375 -24.52 -4.68 -45.16
N GLY G 376 -24.65 -3.52 -44.53
CA GLY G 376 -24.00 -2.27 -45.02
C GLY G 376 -23.70 -1.34 -43.85
N PRO G 377 -22.69 -1.71 -43.02
CA PRO G 377 -22.46 -0.94 -41.80
C PRO G 377 -21.98 0.46 -42.13
N GLN G 378 -22.46 1.45 -41.37
CA GLN G 378 -22.19 2.82 -41.74
C GLN G 378 -21.76 3.76 -40.64
N VAL G 379 -22.21 3.52 -39.41
CA VAL G 379 -22.04 4.48 -38.34
C VAL G 379 -21.17 3.94 -37.21
N ILE G 380 -20.02 4.62 -36.99
CA ILE G 380 -19.12 4.41 -35.83
C ILE G 380 -19.45 5.43 -34.76
N THR G 381 -19.65 4.96 -33.53
CA THR G 381 -19.99 5.83 -32.41
C THR G 381 -19.03 5.47 -31.27
N THR G 382 -18.37 6.47 -30.68
CA THR G 382 -17.56 6.17 -29.48
C THR G 382 -18.11 6.86 -28.24
N ALA G 383 -17.66 6.43 -27.04
CA ALA G 383 -17.90 7.18 -25.77
C ALA G 383 -16.70 8.10 -25.40
N ASP G 384 -17.00 9.35 -25.04
CA ASP G 384 -15.96 10.24 -24.51
C ASP G 384 -15.93 10.07 -23.01
N MET G 385 -15.13 9.08 -22.57
CA MET G 385 -15.17 8.56 -21.20
C MET G 385 -14.20 9.20 -20.24
N GLY G 386 -13.07 9.70 -20.75
CA GLY G 386 -12.17 10.54 -19.95
C GLY G 386 -12.71 11.97 -19.86
N GLU H 5 44.73 11.19 57.94
CA GLU H 5 44.35 10.07 58.86
C GLU H 5 44.97 8.69 58.51
N ALA H 6 45.51 8.02 59.55
CA ALA H 6 46.21 6.71 59.46
C ALA H 6 45.44 5.52 60.12
N GLU H 7 45.79 5.14 61.36
CA GLU H 7 45.08 4.05 62.09
C GLU H 7 44.58 4.53 63.45
N THR H 8 43.28 4.46 63.67
CA THR H 8 42.69 4.84 64.95
C THR H 8 43.06 3.81 66.05
N GLN H 9 42.74 4.11 67.32
CA GLN H 9 42.93 3.17 68.46
C GLN H 9 42.07 1.88 68.32
N ALA H 10 40.78 2.06 68.01
CA ALA H 10 39.84 0.95 67.73
C ALA H 10 40.31 0.02 66.57
N GLN H 11 40.95 0.59 65.54
CA GLN H 11 41.54 -0.14 64.39
C GLN H 11 42.73 -0.98 64.80
N GLU H 12 43.68 -0.37 65.52
CA GLU H 12 44.86 -1.08 66.08
C GLU H 12 44.43 -2.26 66.91
N THR H 13 43.64 -2.02 67.96
CA THR H 13 43.11 -3.13 68.79
C THR H 13 42.27 -4.15 67.99
N GLN H 14 41.41 -3.71 67.06
CA GLN H 14 40.69 -4.63 66.16
C GLN H 14 41.60 -5.40 65.21
N GLY H 15 42.64 -4.74 64.71
CA GLY H 15 43.58 -5.35 63.75
C GLY H 15 44.64 -6.26 64.37
N GLN H 16 44.99 -6.00 65.63
CA GLN H 16 45.84 -6.97 66.36
C GLN H 16 45.02 -8.17 66.91
N ALA H 17 43.83 -7.92 67.48
CA ALA H 17 43.00 -9.05 67.84
C ALA H 17 42.86 -9.95 66.60
N ALA H 18 42.62 -9.35 65.42
CA ALA H 18 42.54 -10.08 64.13
C ALA H 18 43.78 -10.92 63.81
N ALA H 19 44.94 -10.31 63.94
CA ALA H 19 46.24 -10.93 63.63
C ALA H 19 46.61 -12.14 64.53
N ARG H 20 46.20 -12.07 65.79
CA ARG H 20 46.38 -13.20 66.71
C ARG H 20 45.53 -14.38 66.26
N ALA H 21 44.23 -14.11 65.97
CA ALA H 21 43.24 -15.15 65.61
C ALA H 21 43.72 -15.89 64.39
N ALA H 22 44.09 -15.10 63.39
CA ALA H 22 44.62 -15.61 62.16
C ALA H 22 45.88 -16.46 62.38
N ALA H 23 46.85 -15.96 63.16
CA ALA H 23 48.10 -16.67 63.50
C ALA H 23 47.86 -18.04 64.20
N ALA H 24 46.91 -18.08 65.16
CA ALA H 24 46.49 -19.34 65.79
C ALA H 24 45.96 -20.31 64.72
N ASP H 25 45.08 -19.83 63.84
CA ASP H 25 44.49 -20.65 62.78
C ASP H 25 45.58 -21.30 61.93
N LEU H 26 46.64 -20.53 61.69
CA LEU H 26 47.74 -20.96 60.85
C LEU H 26 48.54 -22.03 61.63
N ALA H 27 48.99 -21.67 62.85
CA ALA H 27 49.75 -22.54 63.73
C ALA H 27 49.01 -23.90 63.83
N ALA H 28 47.69 -23.85 63.99
CA ALA H 28 46.86 -25.06 64.17
C ALA H 28 46.43 -25.79 62.87
N GLY H 29 47.05 -25.47 61.74
CA GLY H 29 46.77 -26.14 60.45
C GLY H 29 45.41 -25.90 59.80
N GLN H 30 44.64 -24.94 60.34
CA GLN H 30 43.31 -24.55 59.84
C GLN H 30 43.38 -23.79 58.49
N ASP H 31 43.15 -24.51 57.38
CA ASP H 31 43.21 -23.92 56.04
C ASP H 31 42.29 -22.69 55.84
N ASP H 32 42.73 -21.84 54.93
CA ASP H 32 41.99 -20.65 54.58
C ASP H 32 41.05 -21.00 53.43
N GLU H 33 39.77 -20.81 53.72
CA GLU H 33 38.68 -21.11 52.78
C GLU H 33 37.83 -19.86 52.58
N PRO H 34 38.22 -18.97 51.64
CA PRO H 34 37.48 -17.69 51.47
C PRO H 34 35.98 -17.79 51.12
N ARG H 35 35.20 -16.89 51.68
CA ARG H 35 33.78 -16.75 51.37
C ARG H 35 33.40 -15.27 51.54
N ILE H 36 32.16 -14.92 51.19
CA ILE H 36 31.59 -13.61 51.43
C ILE H 36 30.92 -13.56 52.82
N LEU H 37 31.31 -12.58 53.64
CA LEU H 37 30.63 -12.46 54.96
C LEU H 37 29.20 -11.88 54.96
N GLU H 38 28.57 -11.92 56.13
CA GLU H 38 27.31 -11.26 56.38
C GLU H 38 27.61 -10.29 57.49
N ALA H 39 26.88 -9.19 57.51
CA ALA H 39 26.93 -8.22 58.60
C ALA H 39 26.14 -8.72 59.85
N PRO H 40 26.58 -8.29 61.04
CA PRO H 40 25.77 -8.74 62.17
C PRO H 40 24.36 -8.21 61.98
N ALA H 41 23.40 -8.74 62.75
CA ALA H 41 22.04 -8.24 62.73
C ALA H 41 22.02 -6.75 63.10
N PRO H 42 21.10 -5.98 62.50
CA PRO H 42 20.84 -4.59 62.86
C PRO H 42 20.45 -4.41 64.32
N ASP H 43 21.29 -3.65 65.04
CA ASP H 43 20.95 -3.29 66.38
C ASP H 43 20.97 -1.78 66.55
N ALA H 44 20.81 -1.33 67.79
CA ALA H 44 20.57 0.06 68.05
C ALA H 44 21.82 0.92 67.84
N ARG H 45 23.01 0.29 67.84
CA ARG H 45 24.25 1.04 67.78
C ARG H 45 24.80 1.05 66.34
N ARG H 46 24.04 0.46 65.41
CA ARG H 46 24.43 0.38 64.03
C ARG H 46 24.20 1.75 63.51
N VAL H 47 25.22 2.32 62.89
CA VAL H 47 25.13 3.67 62.36
C VAL H 47 25.52 3.66 60.84
N TYR H 48 24.77 4.45 60.05
CA TYR H 48 25.04 4.70 58.63
C TYR H 48 25.66 6.10 58.47
N VAL H 49 26.76 6.12 57.71
CA VAL H 49 27.43 7.34 57.26
C VAL H 49 27.38 7.42 55.73
N ASN H 50 26.65 8.41 55.24
CA ASN H 50 26.61 8.67 53.83
C ASN H 50 27.55 9.79 53.53
N ASP H 51 28.32 9.54 52.45
CA ASP H 51 29.33 10.42 51.86
C ASP H 51 28.83 10.95 50.49
N PRO H 52 28.18 12.13 50.45
CA PRO H 52 27.78 12.78 49.19
C PRO H 52 28.97 13.10 48.25
N ALA H 53 30.16 12.90 48.80
CA ALA H 53 31.42 13.11 48.15
C ALA H 53 31.59 14.48 47.52
N HIS H 54 31.14 15.56 48.18
CA HIS H 54 31.31 16.91 47.55
C HIS H 54 30.74 17.04 46.10
N PHE H 55 29.63 16.33 45.83
CA PHE H 55 28.91 16.40 44.54
C PHE H 55 29.45 15.50 43.44
N ALA H 56 30.17 14.47 43.85
CA ALA H 56 30.72 13.51 42.92
C ALA H 56 29.55 12.64 42.42
N ALA H 57 29.70 12.20 41.19
CA ALA H 57 28.72 11.44 40.44
C ALA H 57 28.42 10.10 41.07
N VAL H 58 29.41 9.55 41.80
CA VAL H 58 29.21 8.30 42.58
C VAL H 58 29.61 8.54 44.01
N THR H 59 28.85 7.93 44.91
CA THR H 59 28.96 8.16 46.35
C THR H 59 29.07 6.80 47.12
N GLN H 60 29.35 6.84 48.42
CA GLN H 60 29.42 5.64 49.24
C GLN H 60 28.69 5.80 50.58
N GLN H 61 28.07 4.69 51.01
CA GLN H 61 27.52 4.63 52.35
C GLN H 61 28.39 3.70 53.17
N PHE H 62 28.69 4.12 54.40
CA PHE H 62 29.47 3.28 55.34
C PHE H 62 28.51 2.73 56.39
N VAL H 63 28.50 1.42 56.53
CA VAL H 63 27.66 0.77 57.57
C VAL H 63 28.55 0.38 58.81
N ILE H 64 28.24 1.01 59.96
CA ILE H 64 29.13 1.07 61.08
C ILE H 64 28.44 0.52 62.33
N ASP H 65 29.16 -0.39 62.99
CA ASP H 65 28.94 -0.83 64.35
C ASP H 65 29.54 0.21 65.26
N GLY H 66 28.67 1.06 65.79
CA GLY H 66 29.10 2.16 66.63
C GLY H 66 29.66 1.74 67.99
N GLU H 67 29.28 0.54 68.46
CA GLU H 67 29.81 -0.02 69.72
C GLU H 67 31.32 -0.30 69.63
N ALA H 68 31.75 -0.93 68.54
CA ALA H 68 33.14 -1.29 68.31
C ALA H 68 33.86 -0.23 67.49
N GLY H 69 33.09 0.58 66.77
CA GLY H 69 33.70 1.53 65.85
C GLY H 69 34.32 0.69 64.74
N ARG H 70 33.50 -0.19 64.17
CA ARG H 70 33.95 -1.07 63.09
C ARG H 70 32.98 -0.93 61.92
N VAL H 71 33.56 -0.74 60.72
CA VAL H 71 32.85 -0.83 59.44
C VAL H 71 32.41 -2.29 59.20
N ILE H 72 31.09 -2.48 59.21
CA ILE H 72 30.55 -3.83 58.98
C ILE H 72 30.17 -4.06 57.52
N GLY H 73 30.13 -2.95 56.75
CA GLY H 73 29.76 -2.99 55.35
C GLY H 73 29.75 -1.62 54.68
N MET H 74 29.40 -1.65 53.39
CA MET H 74 29.28 -0.43 52.61
C MET H 74 28.20 -0.63 51.61
N ILE H 75 27.63 0.48 51.15
CA ILE H 75 26.72 0.43 49.99
C ILE H 75 27.11 1.50 48.95
N ASP H 76 27.24 1.11 47.71
CA ASP H 76 27.57 2.11 46.69
C ASP H 76 26.30 2.81 46.27
N GLY H 77 26.44 4.11 45.97
CA GLY H 77 25.34 4.81 45.29
C GLY H 77 25.74 5.80 44.22
N GLY H 78 24.72 6.48 43.68
CA GLY H 78 24.92 7.36 42.57
C GLY H 78 25.15 8.78 43.00
N PHE H 79 24.55 9.68 42.26
CA PHE H 79 24.77 11.10 42.45
C PHE H 79 23.80 11.57 43.53
N LEU H 80 24.36 12.21 44.55
CA LEU H 80 23.57 12.70 45.69
C LEU H 80 22.39 11.83 46.11
N PRO H 81 22.60 10.51 46.40
CA PRO H 81 21.40 9.74 46.70
C PRO H 81 20.82 10.02 48.07
N ASN H 82 19.57 9.63 48.29
CA ASN H 82 18.89 9.84 49.59
C ASN H 82 18.71 8.52 50.34
N PRO H 83 19.50 8.29 51.45
CA PRO H 83 19.42 7.10 52.31
C PRO H 83 18.19 7.09 53.27
N VAL H 84 17.51 5.96 53.27
CA VAL H 84 16.52 5.67 54.30
C VAL H 84 16.89 4.37 54.97
N VAL H 85 16.51 4.28 56.24
CA VAL H 85 16.76 3.09 57.05
C VAL H 85 15.51 2.81 57.89
N ALA H 86 14.93 1.62 57.69
CA ALA H 86 13.72 1.20 58.42
C ALA H 86 14.05 1.08 59.92
N ASP H 87 13.20 1.71 60.74
CA ASP H 87 13.43 1.86 62.19
C ASP H 87 13.50 0.52 62.85
N ASP H 88 12.88 -0.46 62.22
CA ASP H 88 12.68 -1.77 62.79
C ASP H 88 13.76 -2.73 62.37
N GLY H 89 14.78 -2.24 61.65
CA GLY H 89 15.94 -3.07 61.32
C GLY H 89 15.76 -4.03 60.16
N SER H 90 14.62 -3.98 59.49
CA SER H 90 14.27 -4.99 58.49
C SER H 90 14.84 -4.76 57.09
N PHE H 91 15.14 -3.51 56.72
CA PHE H 91 15.80 -3.21 55.42
C PHE H 91 16.37 -1.80 55.42
N ILE H 92 17.24 -1.54 54.45
CA ILE H 92 17.65 -0.20 54.10
C ILE H 92 17.38 0.04 52.60
N ALA H 93 17.24 1.31 52.22
CA ALA H 93 16.93 1.65 50.87
C ALA H 93 17.56 2.98 50.56
N HIS H 94 17.77 3.24 49.26
CA HIS H 94 18.01 4.61 48.88
C HIS H 94 17.33 5.01 47.56
N ALA H 95 17.21 6.31 47.32
CA ALA H 95 16.81 6.77 46.04
C ALA H 95 18.09 7.36 45.41
N SER H 96 18.39 7.01 44.16
CA SER H 96 19.74 7.24 43.64
C SER H 96 19.59 7.64 42.20
N THR H 97 20.61 8.25 41.64
CA THR H 97 20.61 8.66 40.27
C THR H 97 21.91 8.24 39.58
N VAL H 98 21.84 7.65 38.35
CA VAL H 98 23.02 7.27 37.52
C VAL H 98 22.84 7.81 36.12
N PHE H 99 23.91 7.80 35.32
CA PHE H 99 23.91 8.37 33.96
C PHE H 99 24.60 7.34 33.14
N SER H 100 24.33 7.24 31.84
CA SER H 100 24.86 6.16 31.02
C SER H 100 26.32 6.32 30.71
N ARG H 101 26.81 7.55 30.87
CA ARG H 101 28.22 7.91 30.58
C ARG H 101 28.82 8.72 31.73
N ILE H 102 28.86 8.12 32.93
CA ILE H 102 29.36 8.72 34.17
C ILE H 102 28.48 9.86 34.66
N ALA H 103 28.64 11.04 34.06
CA ALA H 103 27.95 12.27 34.51
C ALA H 103 27.12 12.91 33.41
N ARG H 104 27.14 12.28 32.25
CA ARG H 104 26.27 12.67 31.20
C ARG H 104 25.59 11.50 30.52
N GLY H 105 24.71 11.83 29.56
CA GLY H 105 23.99 10.83 28.76
C GLY H 105 22.69 10.54 29.47
N GLU H 106 22.07 9.41 29.20
CA GLU H 106 20.77 9.16 29.79
C GLU H 106 20.79 9.02 31.30
N ARG H 107 19.88 9.70 31.97
CA ARG H 107 19.78 9.68 33.42
C ARG H 107 18.75 8.63 33.83
N THR H 108 19.03 7.87 34.88
CA THR H 108 18.06 6.99 35.53
C THR H 108 17.99 7.31 37.02
N ASP H 109 16.82 7.68 37.53
CA ASP H 109 16.56 7.67 38.98
C ASP H 109 15.85 6.35 39.30
N TYR H 110 16.15 5.80 40.48
CA TYR H 110 15.69 4.50 40.87
C TYR H 110 15.68 4.43 42.39
N VAL H 111 14.92 3.47 42.92
CA VAL H 111 15.01 3.12 44.34
C VAL H 111 15.55 1.68 44.43
N GLU H 112 16.63 1.49 45.20
CA GLU H 112 17.11 0.19 45.61
C GLU H 112 16.76 -0.06 47.06
N VAL H 113 16.41 -1.31 47.33
CA VAL H 113 16.17 -1.77 48.66
C VAL H 113 17.20 -2.87 48.88
N PHE H 114 17.75 -2.95 50.09
CA PHE H 114 18.83 -3.91 50.40
C PHE H 114 18.47 -4.68 51.65
N ASP H 115 18.81 -5.96 51.62
CA ASP H 115 18.94 -6.75 52.82
C ASP H 115 20.00 -6.18 53.81
N PRO H 116 19.60 -5.81 55.05
CA PRO H 116 20.50 -5.14 55.95
C PRO H 116 21.58 -6.08 56.59
N VAL H 117 21.61 -7.36 56.22
CA VAL H 117 22.76 -8.27 56.60
C VAL H 117 23.53 -8.82 55.40
N THR H 118 22.87 -9.11 54.30
CA THR H 118 23.62 -9.53 53.11
C THR H 118 24.08 -8.32 52.31
N LEU H 119 23.43 -7.19 52.55
CA LEU H 119 23.57 -5.96 51.78
C LEU H 119 23.19 -6.15 50.30
N LEU H 120 22.61 -7.30 49.96
CA LEU H 120 22.24 -7.54 48.57
C LEU H 120 20.99 -6.73 48.24
N PRO H 121 20.95 -6.14 47.03
CA PRO H 121 19.73 -5.44 46.61
C PRO H 121 18.56 -6.41 46.46
N THR H 122 17.43 -6.16 47.15
CA THR H 122 16.24 -7.03 47.02
C THR H 122 15.15 -6.42 46.13
N ALA H 123 15.31 -5.13 45.82
CA ALA H 123 14.44 -4.36 44.90
C ALA H 123 15.26 -3.33 44.09
N ASP H 124 14.94 -3.20 42.81
CA ASP H 124 15.49 -2.11 42.00
C ASP H 124 14.32 -1.49 41.24
N ILE H 125 13.93 -0.27 41.61
CA ILE H 125 12.66 0.29 41.23
C ILE H 125 12.91 1.62 40.54
N GLU H 126 12.62 1.65 39.25
CA GLU H 126 12.98 2.78 38.48
C GLU H 126 11.93 3.86 38.59
N LEU H 127 12.40 5.09 38.78
CA LEU H 127 11.50 6.25 38.86
C LEU H 127 11.38 6.90 37.48
N PRO H 128 10.16 6.98 36.91
CA PRO H 128 10.07 7.55 35.59
C PRO H 128 10.29 9.06 35.51
N ASP H 129 10.87 9.48 34.40
CA ASP H 129 11.09 10.87 34.09
C ASP H 129 11.99 11.62 35.04
N ALA H 130 12.90 10.90 35.68
CA ALA H 130 13.98 11.55 36.45
C ALA H 130 13.45 12.57 37.46
N PRO H 131 12.60 12.12 38.37
CA PRO H 131 11.97 13.16 39.23
C PRO H 131 12.68 13.57 40.56
N ARG H 132 13.81 12.99 40.88
CA ARG H 132 14.41 13.28 42.16
C ARG H 132 14.96 14.71 42.23
N PHE H 133 14.91 15.31 43.41
CA PHE H 133 15.52 16.60 43.62
C PHE H 133 17.02 16.42 43.93
N LEU H 134 17.86 16.96 43.04
CA LEU H 134 19.31 16.92 43.23
C LEU H 134 19.77 18.14 44.06
N VAL H 135 20.02 17.82 45.34
CA VAL H 135 20.32 18.82 46.33
C VAL H 135 21.30 18.12 47.26
N GLY H 136 22.23 18.84 47.89
CA GLY H 136 23.08 18.30 48.96
C GLY H 136 22.19 17.64 49.98
N THR H 137 22.67 16.56 50.61
CA THR H 137 21.76 15.56 51.18
C THR H 137 20.97 15.97 52.42
N TYR H 138 19.63 16.08 52.27
CA TYR H 138 18.67 16.38 53.39
C TYR H 138 17.92 15.09 53.68
N PRO H 139 18.23 14.45 54.81
CA PRO H 139 17.56 13.18 55.14
C PRO H 139 15.99 13.14 54.93
N TRP H 140 15.33 14.26 55.15
CA TRP H 140 13.87 14.26 55.14
C TRP H 140 13.30 14.66 53.74
N MET H 141 14.17 14.64 52.71
CA MET H 141 13.73 14.75 51.28
C MET H 141 13.34 13.41 50.68
N THR H 142 13.46 12.36 51.48
CA THR H 142 13.05 11.03 51.10
C THR H 142 12.85 10.21 52.38
N SER H 143 11.70 9.56 52.45
CA SER H 143 11.17 9.06 53.71
C SER H 143 10.30 7.82 53.50
N LEU H 144 10.35 6.97 54.52
CA LEU H 144 9.47 5.83 54.70
C LEU H 144 8.20 6.21 55.52
N THR H 145 7.11 5.56 55.14
CA THR H 145 5.92 5.61 55.90
C THR H 145 6.17 4.70 57.09
N PRO H 146 5.44 4.92 58.22
CA PRO H 146 5.62 4.18 59.48
C PRO H 146 5.50 2.65 59.35
N ASP H 147 4.77 2.17 58.35
CA ASP H 147 4.62 0.74 58.07
C ASP H 147 5.75 0.13 57.27
N GLY H 148 6.76 0.95 56.95
CA GLY H 148 7.88 0.65 56.01
C GLY H 148 7.53 0.30 54.59
N LYS H 149 6.25 0.46 54.22
CA LYS H 149 5.77 -0.08 52.94
C LYS H 149 5.85 0.89 51.76
N THR H 150 6.02 2.16 52.03
CA THR H 150 6.05 3.23 50.99
C THR H 150 7.29 4.10 51.23
N LEU H 151 7.95 4.45 50.13
CA LEU H 151 8.99 5.48 50.12
C LEU H 151 8.39 6.70 49.40
N LEU H 152 8.53 7.86 50.03
CA LEU H 152 8.13 9.16 49.45
C LEU H 152 9.38 10.01 49.13
N PHE H 153 9.46 10.63 47.94
CA PHE H 153 10.59 11.52 47.70
C PHE H 153 10.08 12.84 47.11
N TYR H 154 10.88 13.90 47.33
CA TYR H 154 10.53 15.23 46.91
C TYR H 154 11.05 15.46 45.46
N GLN H 155 10.21 16.06 44.60
CA GLN H 155 10.56 16.60 43.32
C GLN H 155 10.44 18.14 43.43
N PHE H 156 11.44 18.88 43.01
CA PHE H 156 11.42 20.34 43.13
C PHE H 156 10.94 20.99 41.83
N SER H 157 11.52 20.54 40.72
CA SER H 157 11.24 21.04 39.41
C SER H 157 10.80 19.84 38.53
N PRO H 158 9.90 20.03 37.56
CA PRO H 158 9.31 21.29 37.12
C PRO H 158 8.25 21.93 38.02
N ALA H 159 7.79 21.28 39.05
CA ALA H 159 6.77 21.79 39.91
C ALA H 159 6.92 20.89 41.12
N PRO H 160 6.53 21.37 42.31
CA PRO H 160 6.49 20.61 43.57
C PRO H 160 5.62 19.38 43.55
N ALA H 161 6.17 18.29 44.04
CA ALA H 161 5.52 17.00 43.89
C ALA H 161 6.20 16.05 44.81
N VAL H 162 5.50 15.00 45.16
CA VAL H 162 6.06 13.98 46.01
C VAL H 162 5.77 12.62 45.32
N GLY H 163 6.83 11.84 45.13
CA GLY H 163 6.68 10.55 44.56
C GLY H 163 6.40 9.47 45.58
N VAL H 164 5.48 8.59 45.16
CA VAL H 164 5.03 7.46 45.97
C VAL H 164 5.57 6.17 45.38
N VAL H 165 6.36 5.44 46.17
CA VAL H 165 7.00 4.23 45.67
C VAL H 165 6.51 3.14 46.59
N ASP H 166 5.80 2.18 46.00
CA ASP H 166 5.42 0.95 46.69
C ASP H 166 6.65 -0.01 46.81
N LEU H 167 7.27 -0.04 47.99
CA LEU H 167 8.32 -1.00 48.31
C LEU H 167 7.78 -2.43 48.48
N GLU H 168 6.56 -2.57 48.95
CA GLU H 168 6.03 -3.92 49.07
C GLU H 168 5.80 -4.58 47.72
N GLY H 169 5.14 -3.87 46.82
CA GLY H 169 4.91 -4.41 45.48
C GLY H 169 6.06 -4.12 44.53
N LYS H 170 7.06 -3.37 45.05
CA LYS H 170 8.29 -3.07 44.31
C LYS H 170 7.96 -2.34 43.02
N ALA H 171 7.18 -1.27 43.14
CA ALA H 171 6.77 -0.50 41.95
C ALA H 171 6.60 0.98 42.23
N PHE H 172 6.94 1.81 41.25
CA PHE H 172 6.65 3.24 41.37
C PHE H 172 5.16 3.34 41.24
N LYS H 173 4.53 4.10 42.12
CA LYS H 173 3.08 4.31 42.08
C LYS H 173 2.71 5.56 41.25
N ARG H 174 2.99 6.74 41.78
CA ARG H 174 2.63 7.98 41.12
C ARG H 174 3.29 9.23 41.74
N MET H 175 3.12 10.37 41.07
CA MET H 175 3.51 11.67 41.62
C MET H 175 2.27 12.32 42.25
N LEU H 176 2.44 12.92 43.44
CA LEU H 176 1.39 13.74 44.07
C LEU H 176 1.73 15.22 43.93
N ASP H 177 0.88 16.04 43.25
CA ASP H 177 1.08 17.50 43.13
C ASP H 177 0.87 18.03 44.51
N VAL H 178 1.72 18.93 44.97
CA VAL H 178 1.69 19.43 46.35
C VAL H 178 1.89 20.95 46.31
N PRO H 179 1.60 21.68 47.42
CA PRO H 179 1.75 23.11 47.22
C PRO H 179 3.21 23.42 47.40
N ASP H 180 3.55 24.70 47.56
CA ASP H 180 4.95 25.13 47.50
C ASP H 180 5.70 24.84 48.79
N CYS H 181 5.90 23.55 49.07
CA CYS H 181 6.42 23.04 50.35
C CYS H 181 7.59 22.06 50.13
N TYR H 182 8.27 21.66 51.22
CA TYR H 182 9.66 21.06 51.17
C TYR H 182 9.82 20.10 52.31
N HIS H 183 10.61 19.03 52.14
CA HIS H 183 10.74 17.96 53.17
C HIS H 183 9.40 17.20 53.36
N ILE H 184 9.52 16.00 53.93
CA ILE H 184 8.49 14.98 53.91
C ILE H 184 8.62 14.25 55.24
N PHE H 185 7.61 14.50 56.11
CA PHE H 185 7.51 13.94 57.43
C PHE H 185 6.20 13.14 57.53
N PRO H 186 6.29 11.82 57.24
CA PRO H 186 5.13 10.91 57.23
C PRO H 186 4.73 10.57 58.67
N THR H 187 3.42 10.41 58.90
CA THR H 187 2.90 10.22 60.26
C THR H 187 2.05 8.97 60.28
N ALA H 188 1.48 8.64 59.12
CA ALA H 188 0.64 7.44 58.90
C ALA H 188 1.06 6.80 57.55
N PRO H 189 0.62 5.53 57.28
CA PRO H 189 0.76 4.89 55.96
C PRO H 189 0.32 5.79 54.77
N ASP H 190 -0.44 6.83 55.07
CA ASP H 190 -1.13 7.59 54.00
C ASP H 190 -0.99 9.08 54.18
N THR H 191 -0.15 9.50 55.12
CA THR H 191 -0.12 10.88 55.50
C THR H 191 1.27 11.33 55.80
N PHE H 192 1.54 12.57 55.39
CA PHE H 192 2.80 13.24 55.67
C PHE H 192 2.66 14.76 55.73
N PHE H 193 3.60 15.39 56.44
CA PHE H 193 3.70 16.86 56.53
C PHE H 193 4.88 17.44 55.76
N MET H 194 4.68 18.64 55.23
CA MET H 194 5.73 19.31 54.49
C MET H 194 5.87 20.66 55.15
N HIS H 195 6.98 21.34 54.94
CA HIS H 195 7.11 22.72 55.37
C HIS H 195 6.97 23.70 54.17
N CYS H 196 6.19 24.78 54.34
CA CYS H 196 5.89 25.71 53.22
C CYS H 196 6.62 27.07 53.18
N ARG H 197 6.85 27.61 51.96
CA ARG H 197 7.42 28.98 51.72
C ARG H 197 6.75 30.04 52.64
N ASP H 198 5.42 30.22 52.51
CA ASP H 198 4.67 31.05 53.48
C ASP H 198 4.90 30.79 55.01
N GLY H 199 5.60 29.72 55.43
CA GLY H 199 5.85 29.46 56.86
C GLY H 199 4.81 28.63 57.60
N SER H 200 3.94 27.95 56.84
CA SER H 200 2.94 27.02 57.43
C SER H 200 3.38 25.56 57.33
N LEU H 201 2.48 24.64 57.63
CA LEU H 201 2.76 23.24 57.25
C LEU H 201 1.63 22.74 56.41
N ALA H 202 1.94 21.84 55.49
CA ALA H 202 0.88 21.22 54.74
C ALA H 202 0.78 19.84 55.31
N LYS H 203 -0.45 19.34 55.48
CA LYS H 203 -0.71 17.91 55.67
C LYS H 203 -1.22 17.35 54.35
N VAL H 204 -0.72 16.17 53.95
CA VAL H 204 -1.05 15.52 52.69
C VAL H 204 -1.45 14.10 53.06
N ALA H 205 -2.69 13.77 52.80
CA ALA H 205 -3.22 12.43 52.94
C ALA H 205 -3.44 11.96 51.54
N PHE H 206 -3.02 10.75 51.22
CA PHE H 206 -3.14 10.31 49.84
C PHE H 206 -3.69 8.92 49.86
N GLY H 207 -4.56 8.64 48.90
CA GLY H 207 -5.10 7.28 48.71
C GLY H 207 -4.44 6.60 47.51
N THR H 208 -4.90 5.38 47.26
CA THR H 208 -4.57 4.57 46.11
C THR H 208 -4.42 5.39 44.80
N GLU H 209 -5.47 6.15 44.43
CA GLU H 209 -5.40 7.17 43.37
C GLU H 209 -6.24 8.45 43.71
N GLY H 210 -6.28 9.42 42.81
CA GLY H 210 -7.00 10.68 43.06
C GLY H 210 -6.16 11.79 43.69
N THR H 211 -6.53 13.05 43.40
CA THR H 211 -6.03 14.25 44.09
C THR H 211 -5.91 14.00 45.58
N PRO H 212 -4.68 14.19 46.17
CA PRO H 212 -4.47 13.95 47.61
C PRO H 212 -5.18 15.07 48.40
N GLU H 213 -5.45 14.85 49.69
CA GLU H 213 -6.20 15.85 50.44
C GLU H 213 -5.19 16.68 51.19
N ILE H 214 -5.16 17.97 50.89
CA ILE H 214 -4.12 18.81 51.43
C ILE H 214 -4.66 19.94 52.27
N THR H 215 -4.48 19.86 53.57
CA THR H 215 -4.84 21.03 54.39
C THR H 215 -3.58 21.82 54.77
N HIS H 216 -3.75 23.08 55.17
CA HIS H 216 -2.64 23.83 55.76
C HIS H 216 -2.90 24.16 57.22
N THR H 217 -1.80 24.28 57.96
CA THR H 217 -1.84 24.87 59.30
C THR H 217 -1.64 26.41 59.20
N GLU H 218 -1.71 27.13 60.32
CA GLU H 218 -1.27 28.53 60.34
C GLU H 218 0.22 28.60 60.12
N VAL H 219 0.64 29.77 59.65
CA VAL H 219 2.01 30.17 59.65
C VAL H 219 2.50 30.19 61.09
N PHE H 220 3.51 29.40 61.39
CA PHE H 220 4.14 29.36 62.72
C PHE H 220 5.50 30.10 62.90
N HIS H 221 6.02 30.66 61.82
CA HIS H 221 7.19 31.50 61.95
C HIS H 221 7.14 32.74 61.06
N PRO H 222 7.87 33.80 61.48
CA PRO H 222 8.18 34.99 60.69
C PRO H 222 9.00 34.62 59.44
N GLU H 223 8.88 35.49 58.41
CA GLU H 223 9.52 35.34 57.10
C GLU H 223 11.04 35.52 57.21
N ASP H 224 11.44 36.16 58.28
CA ASP H 224 12.81 36.53 58.49
C ASP H 224 13.42 35.68 59.61
N GLU H 225 12.68 34.65 60.01
CA GLU H 225 13.19 33.60 60.90
C GLU H 225 13.44 32.33 60.04
N PHE H 226 14.70 31.92 59.95
CA PHE H 226 15.12 30.92 58.97
C PHE H 226 15.33 29.51 59.56
N LEU H 227 14.45 28.62 59.12
CA LEU H 227 14.39 27.26 59.65
C LEU H 227 15.30 26.41 58.78
N ILE H 228 16.16 25.64 59.43
CA ILE H 228 17.24 24.99 58.73
C ILE H 228 16.80 23.77 57.85
N ASN H 229 17.70 23.36 56.94
CA ASN H 229 17.44 22.24 56.05
C ASN H 229 17.58 20.90 56.73
N HIS H 230 18.19 20.85 57.89
CA HIS H 230 18.28 19.53 58.59
C HIS H 230 17.53 19.41 59.92
N PRO H 231 16.17 19.46 59.92
CA PRO H 231 15.49 19.31 61.23
C PRO H 231 15.62 17.89 61.71
N ALA H 232 15.38 17.65 63.00
CA ALA H 232 15.33 16.29 63.54
C ALA H 232 13.87 15.85 63.54
N TYR H 233 13.61 14.58 63.20
CA TYR H 233 12.24 14.12 63.17
C TYR H 233 12.23 12.72 63.68
N SER H 234 11.60 12.53 64.85
CA SER H 234 11.30 11.19 65.34
C SER H 234 9.91 10.80 64.85
N GLN H 235 9.84 9.76 64.00
CA GLN H 235 8.57 9.36 63.38
C GLN H 235 7.66 8.59 64.36
N LYS H 236 8.29 7.75 65.17
CA LYS H 236 7.60 7.03 66.25
C LYS H 236 6.99 8.03 67.27
N ALA H 237 7.77 9.02 67.70
CA ALA H 237 7.30 10.02 68.65
C ALA H 237 6.42 11.07 67.97
N GLY H 238 6.53 11.16 66.65
CA GLY H 238 5.94 12.23 65.87
C GLY H 238 6.45 13.56 66.38
N ARG H 239 7.68 13.60 66.88
CA ARG H 239 8.30 14.89 67.20
C ARG H 239 9.16 15.48 66.08
N LEU H 240 8.78 16.69 65.64
CA LEU H 240 9.55 17.45 64.68
C LEU H 240 10.23 18.60 65.41
N VAL H 241 11.55 18.63 65.37
CA VAL H 241 12.37 19.62 66.06
C VAL H 241 13.05 20.52 65.03
N TRP H 242 12.71 21.82 65.00
CA TRP H 242 13.24 22.67 63.97
C TRP H 242 14.02 23.90 64.45
N PRO H 243 15.38 23.82 64.51
CA PRO H 243 16.18 25.01 64.80
C PRO H 243 16.10 26.11 63.74
N THR H 244 16.37 27.34 64.17
CA THR H 244 16.56 28.42 63.22
C THR H 244 18.06 28.74 63.23
N TYR H 245 18.44 29.74 62.42
CA TYR H 245 19.83 30.19 62.39
C TYR H 245 20.31 30.65 63.78
N THR H 246 19.38 31.03 64.64
CA THR H 246 19.76 31.65 65.91
C THR H 246 19.79 30.64 67.06
N GLY H 247 19.32 29.40 66.81
CA GLY H 247 19.21 28.36 67.86
C GLY H 247 17.81 28.30 68.52
N LYS H 248 16.95 29.27 68.17
CA LYS H 248 15.52 29.20 68.55
C LYS H 248 14.91 27.92 67.93
N ILE H 249 14.04 27.26 68.68
CA ILE H 249 13.57 25.92 68.27
C ILE H 249 12.05 25.82 68.16
N HIS H 250 11.56 25.48 66.97
CA HIS H 250 10.14 25.21 66.86
C HIS H 250 9.88 23.74 67.02
N GLN H 251 9.07 23.34 68.00
CA GLN H 251 8.66 21.94 68.00
C GLN H 251 7.24 21.77 67.62
N ILE H 252 7.00 20.71 66.86
CA ILE H 252 5.67 20.33 66.44
C ILE H 252 5.46 18.84 66.72
N ASP H 253 4.45 18.53 67.52
CA ASP H 253 4.10 17.12 67.74
C ASP H 253 2.96 16.71 66.81
N LEU H 254 3.17 15.57 66.17
CA LEU H 254 2.41 15.11 65.01
C LEU H 254 1.90 13.71 65.30
N SER H 255 2.23 13.18 66.48
CA SER H 255 1.63 11.93 67.08
C SER H 255 0.10 11.71 66.92
N SER H 256 -0.67 12.79 67.05
CA SER H 256 -2.14 12.74 66.96
C SER H 256 -2.59 12.60 65.52
N GLY H 257 -1.72 13.02 64.60
CA GLY H 257 -2.04 13.00 63.17
C GLY H 257 -2.34 14.39 62.67
N ASP H 258 -2.37 15.33 63.61
CA ASP H 258 -2.52 16.73 63.28
C ASP H 258 -1.44 17.51 63.99
N ALA H 259 -1.18 18.70 63.46
CA ALA H 259 -0.02 19.50 63.89
C ALA H 259 -0.32 20.32 65.12
N LYS H 260 0.34 19.95 66.21
CA LYS H 260 0.34 20.72 67.44
C LYS H 260 1.72 21.39 67.71
N PHE H 261 1.78 22.69 67.40
CA PHE H 261 2.93 23.56 67.68
C PHE H 261 3.06 23.79 69.19
N LEU H 262 4.23 23.49 69.72
CA LEU H 262 4.55 23.57 71.16
C LEU H 262 5.25 24.91 71.45
N PRO H 263 5.31 25.32 72.73
CA PRO H 263 6.11 26.51 73.03
C PRO H 263 7.57 26.48 72.52
N ALA H 264 7.91 27.59 71.83
CA ALA H 264 9.24 27.85 71.27
C ALA H 264 10.25 27.84 72.40
N VAL H 265 11.44 27.36 72.09
CA VAL H 265 12.54 27.25 73.06
C VAL H 265 13.78 27.93 72.45
N GLU H 266 14.59 28.58 73.27
CA GLU H 266 15.92 29.02 72.81
C GLU H 266 17.04 28.09 73.29
N ALA H 267 17.88 27.64 72.35
CA ALA H 267 18.95 26.68 72.67
C ALA H 267 20.22 27.40 73.12
N LEU H 268 20.28 28.68 72.78
CA LEU H 268 21.31 29.57 73.34
C LEU H 268 20.70 30.63 74.30
N THR H 269 21.47 30.94 75.35
CA THR H 269 21.11 32.00 76.33
C THR H 269 21.20 33.35 75.63
N GLU H 270 20.56 34.36 76.19
CA GLU H 270 20.63 35.69 75.61
C GLU H 270 22.09 36.21 75.58
N ALA H 271 22.86 35.83 76.60
CA ALA H 271 24.29 36.18 76.72
C ALA H 271 25.12 35.60 75.56
N GLU H 272 25.04 34.27 75.39
CA GLU H 272 25.59 33.48 74.28
C GLU H 272 25.30 34.09 72.92
N ARG H 273 24.02 34.29 72.61
CA ARG H 273 23.60 35.06 71.41
C ARG H 273 24.33 36.42 71.17
N ALA H 274 24.42 37.25 72.21
CA ALA H 274 25.18 38.50 72.11
C ALA H 274 26.72 38.27 72.07
N ASP H 275 27.21 37.19 72.66
CA ASP H 275 28.62 36.89 72.54
C ASP H 275 28.94 36.02 71.28
N GLY H 276 28.08 36.12 70.25
CA GLY H 276 28.34 35.53 68.93
C GLY H 276 27.93 34.07 68.70
N TRP H 277 27.45 33.36 69.74
CA TRP H 277 27.09 31.94 69.55
C TRP H 277 25.87 31.75 68.67
N ARG H 278 25.98 30.73 67.81
CA ARG H 278 24.99 30.38 66.81
C ARG H 278 25.13 28.91 66.53
N PRO H 279 24.05 28.23 66.15
CA PRO H 279 24.32 26.91 65.60
C PRO H 279 24.92 26.98 64.12
N GLY H 280 25.71 25.97 63.78
CA GLY H 280 26.36 25.87 62.50
C GLY H 280 26.73 24.41 62.19
N GLY H 281 26.66 24.07 60.91
CA GLY H 281 26.93 22.70 60.45
C GLY H 281 25.99 22.23 59.37
N TRP H 282 25.92 20.90 59.26
CA TRP H 282 25.08 20.23 58.29
C TRP H 282 23.93 19.66 59.16
N GLN H 283 24.00 18.40 59.59
CA GLN H 283 23.02 17.93 60.57
C GLN H 283 23.31 18.55 61.96
N GLN H 284 22.77 19.75 62.18
CA GLN H 284 23.06 20.54 63.36
C GLN H 284 22.28 20.08 64.60
N VAL H 285 21.23 19.30 64.38
CA VAL H 285 20.29 18.98 65.46
C VAL H 285 20.02 17.48 65.52
N ALA H 286 19.96 16.96 66.73
CA ALA H 286 19.58 15.57 66.98
C ALA H 286 18.49 15.64 68.05
N TYR H 287 17.75 14.54 68.23
CA TYR H 287 16.62 14.48 69.15
C TYR H 287 16.56 13.05 69.60
N HIS H 288 16.63 12.83 70.91
CA HIS H 288 16.55 11.47 71.47
C HIS H 288 15.11 11.30 71.97
N ARG H 289 14.44 10.24 71.51
CA ARG H 289 13.03 10.05 71.79
C ARG H 289 12.83 9.66 73.29
N ALA H 290 13.44 8.54 73.73
CA ALA H 290 13.25 8.10 75.11
C ALA H 290 13.51 9.24 76.11
N LEU H 291 14.61 9.96 75.94
CA LEU H 291 14.92 11.03 76.87
C LEU H 291 14.29 12.42 76.55
N ASP H 292 13.57 12.58 75.43
CA ASP H 292 12.96 13.87 75.10
C ASP H 292 14.06 14.96 75.14
N ARG H 293 15.20 14.67 74.51
CA ARG H 293 16.32 15.61 74.53
C ARG H 293 16.65 16.08 73.14
N ILE H 294 17.22 17.27 73.03
CA ILE H 294 17.62 17.89 71.81
C ILE H 294 19.07 18.26 71.90
N TYR H 295 19.81 17.90 70.85
CA TYR H 295 21.27 18.14 70.78
C TYR H 295 21.49 19.08 69.64
N LEU H 296 22.42 19.99 69.83
CA LEU H 296 22.61 21.02 68.84
C LEU H 296 24.06 21.49 68.64
N LEU H 297 24.57 21.41 67.40
CA LEU H 297 25.92 21.94 67.14
C LEU H 297 25.88 23.43 67.13
N VAL H 298 26.74 24.00 67.95
CA VAL H 298 26.76 25.42 68.20
C VAL H 298 28.22 25.83 68.35
N ASP H 299 28.48 27.12 68.12
CA ASP H 299 29.83 27.65 68.25
C ASP H 299 29.76 29.18 68.09
N GLN H 300 30.87 29.89 68.22
CA GLN H 300 30.86 31.34 67.97
C GLN H 300 31.14 31.62 66.47
N ARG H 301 30.27 32.38 65.80
CA ARG H 301 30.40 32.56 64.37
C ARG H 301 29.70 33.83 63.86
N ASP H 302 30.14 34.38 62.74
CA ASP H 302 29.36 35.42 62.06
C ASP H 302 28.05 34.77 61.58
N GLU H 303 26.96 35.56 61.51
CA GLU H 303 25.67 35.03 61.15
C GLU H 303 25.68 34.11 59.91
N TRP H 304 26.41 34.51 58.87
CA TRP H 304 26.36 33.81 57.61
C TRP H 304 27.43 32.70 57.42
N ARG H 305 27.87 32.12 58.53
CA ARG H 305 28.74 30.97 58.55
C ARG H 305 27.98 29.81 59.09
N HIS H 306 26.73 29.70 58.67
CA HIS H 306 25.85 28.68 59.26
C HIS H 306 26.06 27.21 58.85
N LYS H 307 26.90 26.98 57.82
CA LYS H 307 27.21 25.63 57.30
C LYS H 307 28.61 25.15 57.71
N THR H 308 29.33 26.00 58.45
CA THR H 308 30.68 25.69 58.88
C THR H 308 30.54 24.79 60.07
N ALA H 309 31.55 23.97 60.31
CA ALA H 309 31.58 23.04 61.41
C ALA H 309 31.59 23.77 62.77
N SER H 310 31.08 23.08 63.78
CA SER H 310 31.04 23.61 65.17
C SER H 310 31.82 22.67 66.10
N ARG H 311 32.35 23.22 67.21
CA ARG H 311 33.10 22.40 68.14
C ARG H 311 32.31 22.04 69.42
N PHE H 312 31.10 22.62 69.54
CA PHE H 312 30.28 22.41 70.71
C PHE H 312 28.89 21.84 70.37
N VAL H 313 28.39 21.09 71.35
CA VAL H 313 27.06 20.49 71.37
C VAL H 313 26.35 20.86 72.69
N VAL H 314 25.27 21.65 72.59
CA VAL H 314 24.46 21.93 73.77
C VAL H 314 23.34 20.90 73.82
N VAL H 315 22.95 20.52 75.03
CA VAL H 315 21.94 19.48 75.22
C VAL H 315 20.86 20.08 76.09
N LEU H 316 19.61 19.88 75.71
CA LEU H 316 18.52 20.49 76.43
C LEU H 316 17.32 19.59 76.43
N ASP H 317 16.57 19.69 77.53
CA ASP H 317 15.27 19.13 77.74
C ASP H 317 14.28 19.73 76.74
N ALA H 318 13.59 18.88 75.96
CA ALA H 318 12.66 19.34 74.92
C ALA H 318 11.38 19.95 75.47
N LYS H 319 10.97 19.53 76.67
CA LYS H 319 9.78 20.04 77.36
C LYS H 319 10.04 21.35 78.09
N THR H 320 11.00 21.31 78.99
CA THR H 320 11.29 22.50 79.81
C THR H 320 12.12 23.58 79.04
N GLY H 321 12.92 23.13 78.04
CA GLY H 321 13.87 23.96 77.29
C GLY H 321 15.17 24.17 78.05
N GLU H 322 15.24 23.64 79.26
CA GLU H 322 16.36 23.87 80.17
C GLU H 322 17.58 23.17 79.63
N ARG H 323 18.72 23.86 79.64
CA ARG H 323 20.01 23.24 79.28
C ARG H 323 20.34 22.18 80.30
N LEU H 324 20.91 21.07 79.84
CA LEU H 324 21.43 19.98 80.67
C LEU H 324 22.95 19.95 80.65
N ALA H 325 23.52 20.25 79.47
CA ALA H 325 24.95 20.02 79.16
C ALA H 325 25.45 20.81 77.95
N LYS H 326 26.75 21.06 77.95
CA LYS H 326 27.45 21.68 76.85
C LYS H 326 28.78 20.98 76.78
N PHE H 327 29.02 20.33 75.64
CA PHE H 327 30.27 19.56 75.42
C PHE H 327 31.16 20.30 74.45
N GLU H 328 32.47 20.23 74.72
CA GLU H 328 33.45 20.53 73.68
C GLU H 328 33.98 19.25 73.06
N MET H 329 33.62 19.10 71.78
CA MET H 329 33.81 17.85 71.04
C MET H 329 35.26 17.66 70.71
N GLY H 330 36.00 18.77 70.65
CA GLY H 330 37.41 18.76 70.38
C GLY H 330 37.80 18.49 68.93
N HIS H 331 36.81 18.50 68.02
CA HIS H 331 37.06 18.47 66.58
C HIS H 331 36.10 19.40 65.86
N GLU H 332 36.34 19.54 64.54
CA GLU H 332 35.46 20.26 63.63
C GLU H 332 34.36 19.28 63.18
N ILE H 333 33.16 19.45 63.74
CA ILE H 333 32.02 18.52 63.58
C ILE H 333 30.98 19.11 62.66
N ASP H 334 30.50 18.31 61.72
CA ASP H 334 29.49 18.87 60.81
C ASP H 334 28.13 18.33 61.14
N SER H 335 28.15 17.09 61.53
CA SER H 335 26.95 16.36 61.74
C SER H 335 26.96 15.68 63.12
N ILE H 336 25.76 15.72 63.72
CA ILE H 336 25.43 14.90 64.89
C ILE H 336 24.16 14.05 64.64
N ASN H 337 24.19 12.80 65.11
CA ASN H 337 22.97 12.05 65.41
C ASN H 337 23.14 11.31 66.76
N VAL H 338 22.12 10.57 67.18
CA VAL H 338 22.23 9.78 68.43
C VAL H 338 21.66 8.39 68.19
N SER H 339 22.24 7.36 68.80
CA SER H 339 21.50 6.11 68.87
C SER H 339 20.27 6.29 69.80
N GLN H 340 19.22 5.49 69.54
CA GLN H 340 17.90 5.76 70.12
C GLN H 340 17.58 4.90 71.36
N ASP H 341 18.58 4.09 71.73
CA ASP H 341 18.60 3.26 72.93
C ASP H 341 18.90 4.05 74.24
N GLU H 342 18.93 3.30 75.34
CA GLU H 342 18.86 3.79 76.74
C GLU H 342 20.03 4.69 77.23
N LYS H 343 21.27 4.28 77.02
CA LYS H 343 22.43 5.16 77.25
C LYS H 343 23.11 5.41 75.88
N PRO H 344 22.61 6.42 75.15
CA PRO H 344 22.87 6.47 73.72
C PRO H 344 24.21 7.06 73.39
N LEU H 345 24.66 6.82 72.16
CA LEU H 345 25.87 7.48 71.71
C LEU H 345 25.53 8.78 71.03
N LEU H 346 26.48 9.70 71.15
CA LEU H 346 26.50 10.91 70.33
C LEU H 346 27.49 10.64 69.19
N TYR H 347 26.96 10.65 67.97
CA TYR H 347 27.76 10.48 66.77
C TYR H 347 28.16 11.84 66.33
N ALA H 348 29.43 12.05 66.03
CA ALA H 348 29.90 13.36 65.62
C ALA H 348 30.80 13.24 64.35
N LEU H 349 30.28 13.73 63.22
CA LEU H 349 30.93 13.44 61.92
C LEU H 349 31.66 14.64 61.46
N SER H 350 32.95 14.52 61.21
CA SER H 350 33.68 15.60 60.61
C SER H 350 33.79 15.43 59.10
N THR H 351 33.10 16.24 58.33
CA THR H 351 33.26 16.16 56.86
C THR H 351 34.73 16.37 56.45
N GLY H 352 35.40 17.37 57.04
CA GLY H 352 36.83 17.65 56.82
C GLY H 352 37.83 16.54 57.15
N ASP H 353 37.64 15.85 58.28
CA ASP H 353 38.55 14.77 58.68
C ASP H 353 38.10 13.43 58.09
N LYS H 354 36.84 13.41 57.59
CA LYS H 354 36.26 12.20 57.00
C LYS H 354 36.29 11.13 58.09
N THR H 355 35.95 11.53 59.31
CA THR H 355 36.00 10.65 60.46
C THR H 355 34.75 10.79 61.25
N LEU H 356 34.17 9.66 61.60
CA LEU H 356 33.02 9.66 62.52
C LEU H 356 33.57 9.60 63.97
N TYR H 357 33.35 10.64 64.78
CA TYR H 357 33.71 10.57 66.22
C TYR H 357 32.53 10.05 67.08
N ILE H 358 32.80 9.00 67.86
CA ILE H 358 31.80 8.25 68.62
C ILE H 358 31.84 8.65 70.15
N HIS H 359 30.79 9.32 70.60
CA HIS H 359 30.81 9.89 71.96
C HIS H 359 29.77 9.21 72.89
N ASP H 360 30.12 9.21 74.17
CA ASP H 360 29.18 8.91 75.24
C ASP H 360 28.31 10.15 75.23
N ALA H 361 27.01 9.98 75.00
CA ALA H 361 26.08 11.12 74.99
C ALA H 361 25.96 11.69 76.39
N GLU H 362 26.01 10.81 77.39
CA GLU H 362 25.86 11.18 78.81
C GLU H 362 26.93 12.19 79.26
N SER H 363 28.19 11.79 79.13
CA SER H 363 29.32 12.63 79.48
C SER H 363 29.73 13.69 78.43
N GLY H 364 29.29 13.52 77.18
CA GLY H 364 30.00 14.20 76.05
C GLY H 364 31.44 13.76 75.75
N GLU H 365 31.89 12.63 76.30
CA GLU H 365 33.27 12.18 76.19
C GLU H 365 33.52 11.34 74.95
N GLU H 366 34.67 11.54 74.30
CA GLU H 366 35.00 10.75 73.10
C GLU H 366 35.51 9.32 73.40
N LEU H 367 34.73 8.30 73.01
CA LEU H 367 35.06 6.87 73.18
C LEU H 367 35.87 6.24 72.09
N ARG H 368 35.61 6.60 70.82
CA ARG H 368 36.35 6.01 69.67
C ARG H 368 36.05 6.79 68.40
N SER H 369 36.63 6.35 67.28
CA SER H 369 36.57 7.12 66.02
C SER H 369 36.80 6.17 64.83
N VAL H 370 36.14 6.49 63.71
CA VAL H 370 36.25 5.75 62.44
C VAL H 370 36.58 6.75 61.33
N ASN H 371 37.76 6.58 60.75
CA ASN H 371 38.28 7.50 59.76
C ASN H 371 38.18 6.98 58.33
N GLN H 372 38.77 7.72 57.39
CA GLN H 372 38.70 7.33 55.96
C GLN H 372 37.25 7.07 55.56
N LEU H 373 36.35 7.98 55.92
CA LEU H 373 34.98 7.74 55.55
C LEU H 373 34.59 8.43 54.24
N GLY H 374 35.20 7.98 53.14
CA GLY H 374 35.03 8.58 51.80
C GLY H 374 35.63 9.98 51.74
N HIS H 375 34.97 10.84 51.00
CA HIS H 375 35.64 12.09 50.61
C HIS H 375 35.06 13.30 51.28
N GLY H 376 33.75 13.27 51.54
CA GLY H 376 33.12 14.38 52.17
C GLY H 376 31.85 14.02 52.93
N PRO H 377 31.96 13.11 53.93
CA PRO H 377 30.85 12.53 54.67
C PRO H 377 29.97 13.56 55.47
N GLN H 378 28.66 13.45 55.33
CA GLN H 378 27.83 14.51 55.86
C GLN H 378 26.65 13.94 56.68
N VAL H 379 26.32 12.67 56.42
CA VAL H 379 25.03 12.16 56.84
C VAL H 379 25.12 10.92 57.71
N ILE H 380 24.59 11.08 58.92
CA ILE H 380 24.46 10.05 59.95
C ILE H 380 23.01 9.64 60.06
N THR H 381 22.78 8.35 59.90
CA THR H 381 21.47 7.77 60.01
C THR H 381 21.46 6.54 60.97
N THR H 382 20.53 6.56 61.90
CA THR H 382 20.31 5.41 62.79
C THR H 382 18.88 4.88 62.70
N ALA H 383 18.64 3.71 63.25
CA ALA H 383 17.30 3.15 63.34
C ALA H 383 16.78 3.33 64.79
N ASP H 384 15.49 3.60 64.94
CA ASP H 384 14.91 3.64 66.30
C ASP H 384 14.24 2.29 66.53
N MET H 385 14.99 1.31 67.06
CA MET H 385 14.49 -0.08 67.12
C MET H 385 13.64 -0.40 68.38
N GLY H 386 13.86 0.37 69.45
CA GLY H 386 13.07 0.22 70.69
C GLY H 386 11.63 0.71 70.54
N THR I 7 -16.86 0.80 -62.65
CA THR I 7 -16.25 0.12 -61.44
C THR I 7 -15.46 1.08 -60.55
N ASP I 8 -14.77 2.06 -61.12
CA ASP I 8 -14.11 3.12 -60.32
C ASP I 8 -15.19 4.03 -59.71
N PRO I 9 -15.40 3.92 -58.39
CA PRO I 9 -16.52 4.56 -57.73
C PRO I 9 -16.40 6.08 -57.67
N ARG I 10 -15.16 6.58 -57.65
CA ARG I 10 -14.86 7.99 -57.45
C ARG I 10 -14.86 8.80 -58.76
N ALA I 11 -14.74 8.10 -59.89
CA ALA I 11 -14.80 8.74 -61.21
C ALA I 11 -16.17 9.32 -61.41
N LYS I 12 -16.24 10.41 -62.17
CA LYS I 12 -17.47 11.03 -62.60
C LYS I 12 -18.48 10.03 -63.16
N TRP I 13 -19.75 10.18 -62.77
CA TRP I 13 -20.85 9.29 -63.24
C TRP I 13 -21.15 9.56 -64.72
N VAL I 14 -21.22 8.50 -65.51
CA VAL I 14 -21.45 8.58 -66.98
C VAL I 14 -22.76 7.88 -67.37
N PRO I 15 -23.77 8.67 -67.80
CA PRO I 15 -25.09 8.09 -68.10
C PRO I 15 -25.21 7.34 -69.41
N GLN I 16 -26.18 6.41 -69.48
CA GLN I 16 -26.52 5.68 -70.71
C GLN I 16 -28.03 5.58 -70.90
N ASP I 17 -28.41 5.22 -72.11
CA ASP I 17 -29.82 5.13 -72.46
C ASP I 17 -30.07 3.76 -73.08
N ASN I 18 -29.35 2.76 -72.59
CA ASN I 18 -29.65 1.39 -73.06
C ASN I 18 -30.10 0.32 -72.06
N ASP I 19 -29.96 0.58 -70.77
CA ASP I 19 -30.31 -0.45 -69.80
C ASP I 19 -30.76 0.08 -68.49
N ILE I 20 -32.06 -0.02 -68.23
CA ILE I 20 -32.64 0.60 -67.03
C ILE I 20 -32.34 -0.14 -65.73
N GLN I 21 -31.85 -1.37 -65.81
CA GLN I 21 -31.42 -2.17 -64.65
C GLN I 21 -30.00 -1.95 -64.14
N ALA I 22 -29.32 -0.95 -64.71
CA ALA I 22 -27.93 -0.65 -64.45
C ALA I 22 -27.86 0.68 -63.76
N CYS I 23 -26.91 0.80 -62.85
CA CYS I 23 -26.79 2.02 -62.06
C CYS I 23 -26.49 3.27 -62.84
N ASP I 24 -25.87 3.13 -64.01
CA ASP I 24 -25.57 4.28 -64.87
C ASP I 24 -26.69 4.62 -65.84
N TYR I 25 -27.83 3.94 -65.77
CA TYR I 25 -28.92 4.37 -66.60
C TYR I 25 -29.17 5.84 -66.28
N TRP I 26 -29.47 6.60 -67.33
CA TRP I 26 -29.51 8.08 -67.25
C TRP I 26 -30.47 8.62 -66.23
N ARG I 27 -31.65 7.99 -66.06
CA ARG I 27 -32.71 8.55 -65.19
C ARG I 27 -32.37 8.36 -63.71
N HIS I 28 -31.37 7.54 -63.47
CA HIS I 28 -31.00 7.16 -62.11
C HIS I 28 -29.95 8.08 -61.49
N CYS I 29 -29.88 9.33 -61.97
CA CYS I 29 -28.68 10.14 -61.67
C CYS I 29 -28.62 10.52 -60.22
N SER I 30 -29.74 10.37 -59.49
CA SER I 30 -29.76 10.63 -58.06
C SER I 30 -30.65 9.66 -57.31
N ILE I 31 -30.72 8.42 -57.81
CA ILE I 31 -31.43 7.32 -57.16
C ILE I 31 -30.65 6.81 -55.92
N ASP I 32 -31.40 6.55 -54.85
CA ASP I 32 -30.82 5.95 -53.71
C ASP I 32 -31.68 4.72 -53.30
N GLY I 33 -31.07 3.55 -53.34
CA GLY I 33 -31.75 2.37 -52.92
C GLY I 33 -31.68 1.29 -53.95
N ASN I 34 -32.81 1.03 -54.59
CA ASN I 34 -33.01 -0.16 -55.43
C ASN I 34 -33.88 0.15 -56.68
N ILE I 35 -33.51 -0.33 -57.85
CA ILE I 35 -34.29 -0.10 -59.09
C ILE I 35 -35.58 -0.95 -59.05
N CYS I 36 -36.75 -0.30 -59.08
CA CYS I 36 -38.02 -1.04 -59.00
C CYS I 36 -38.24 -2.04 -60.12
N ASP I 37 -37.65 -1.78 -61.28
CA ASP I 37 -37.71 -2.74 -62.35
C ASP I 37 -37.17 -4.15 -61.99
N CYS I 38 -36.38 -4.24 -60.92
CA CYS I 38 -35.73 -5.49 -60.57
C CYS I 38 -36.54 -6.28 -59.53
N SER I 39 -37.63 -5.72 -59.04
CA SER I 39 -38.41 -6.47 -58.12
C SER I 39 -39.94 -6.56 -58.55
N GLY I 40 -40.20 -6.44 -59.86
CA GLY I 40 -41.57 -6.55 -60.37
C GLY I 40 -42.32 -5.26 -60.61
N GLY I 41 -41.63 -4.14 -60.38
CA GLY I 41 -42.03 -2.83 -60.86
C GLY I 41 -41.58 -2.55 -62.29
N SER I 42 -41.62 -1.28 -62.70
CA SER I 42 -41.07 -0.93 -63.99
C SER I 42 -40.22 0.32 -63.76
N LEU I 43 -39.70 0.93 -64.83
CA LEU I 43 -39.04 2.19 -64.71
C LEU I 43 -39.77 3.19 -63.84
N THR I 44 -41.11 3.22 -63.99
CA THR I 44 -41.93 4.35 -63.51
C THR I 44 -43.15 3.87 -62.75
N ASN I 45 -43.23 2.56 -62.53
CA ASN I 45 -44.30 1.93 -61.74
C ASN I 45 -43.79 1.07 -60.55
N CYS I 46 -44.62 0.95 -59.53
CA CYS I 46 -44.29 0.25 -58.33
C CYS I 46 -44.60 -1.26 -58.48
N PRO I 47 -43.84 -2.11 -57.76
CA PRO I 47 -44.23 -3.57 -57.74
C PRO I 47 -45.57 -3.81 -57.07
N PRO I 48 -46.25 -4.89 -57.50
CA PRO I 48 -47.51 -5.24 -56.85
C PRO I 48 -47.28 -5.41 -55.31
N GLY I 49 -48.27 -4.97 -54.52
CA GLY I 49 -48.28 -5.16 -53.08
C GLY I 49 -47.63 -3.95 -52.40
N THR I 50 -46.83 -3.21 -53.14
CA THR I 50 -46.17 -2.03 -52.56
C THR I 50 -47.06 -0.81 -52.73
N LYS I 51 -46.61 0.29 -52.14
CA LYS I 51 -47.43 1.50 -52.00
C LYS I 51 -46.62 2.62 -52.57
N LEU I 52 -47.30 3.36 -53.43
CA LEU I 52 -46.65 4.42 -54.22
C LEU I 52 -46.62 5.83 -53.56
N ALA I 53 -45.41 6.32 -53.28
CA ALA I 53 -45.21 7.68 -52.76
C ALA I 53 -45.71 8.72 -53.73
N THR I 54 -46.28 9.79 -53.16
CA THR I 54 -46.56 10.97 -53.93
C THR I 54 -45.51 12.08 -53.82
N ALA I 55 -44.59 12.01 -52.85
CA ALA I 55 -43.60 13.09 -52.62
C ALA I 55 -42.18 12.54 -52.53
N SER I 56 -41.23 13.25 -53.15
CA SER I 56 -39.82 12.80 -53.37
C SER I 56 -38.78 13.95 -53.44
N TQQ I 57 -37.53 13.60 -53.21
CA TQQ I 57 -36.43 14.38 -53.75
C TQQ I 57 -36.45 14.22 -55.30
O TQQ I 57 -36.94 13.19 -55.84
CB TQQ I 57 -35.15 13.93 -53.09
CG TQQ I 57 -34.65 12.58 -53.60
CD1 TQQ I 57 -33.79 12.40 -54.68
CD2 TQQ I 57 -34.86 11.19 -53.13
NE1 TQQ I 57 -33.46 11.10 -54.93
CE2 TQQ I 57 -34.09 10.35 -54.04
CE3 TQQ I 57 -35.61 10.55 -52.07
CZ2 TQQ I 57 -34.09 8.90 -53.84
CZ3 TQQ I 57 -35.60 9.17 -51.88
CH2 TQQ I 57 -34.87 8.33 -52.73
O2 TQQ I 57 -33.40 8.10 -54.64
N2 TQQ I 57 -34.88 6.99 -52.59
N VAL I 58 -35.96 15.25 -56.00
CA VAL I 58 -35.87 15.29 -57.46
C VAL I 58 -34.42 15.51 -57.81
N ALA I 59 -34.10 15.40 -59.10
CA ALA I 59 -32.77 15.76 -59.54
C ALA I 59 -32.91 15.92 -61.02
N SER I 60 -32.12 16.83 -61.57
CA SER I 60 -32.07 17.08 -63.01
C SER I 60 -31.07 16.11 -63.63
N CYS I 61 -31.50 15.34 -64.61
CA CYS I 61 -30.66 14.28 -65.13
C CYS I 61 -30.45 14.47 -66.58
N TYR I 62 -29.19 14.43 -66.98
CA TYR I 62 -28.85 14.56 -68.38
C TYR I 62 -29.28 13.34 -69.21
N ASN I 63 -30.07 13.60 -70.25
CA ASN I 63 -30.34 12.56 -71.19
C ASN I 63 -29.44 12.58 -72.46
N PRO I 64 -28.51 11.59 -72.56
CA PRO I 64 -27.51 11.59 -73.62
C PRO I 64 -28.10 11.32 -75.00
N THR I 65 -29.36 10.94 -75.03
CA THR I 65 -29.99 10.54 -76.27
C THR I 65 -30.52 11.75 -77.05
N ASP I 66 -31.08 12.72 -76.33
CA ASP I 66 -31.62 13.92 -76.96
C ASP I 66 -30.89 15.23 -76.56
N GLY I 67 -29.90 15.13 -75.68
CA GLY I 67 -29.17 16.30 -75.21
C GLY I 67 -29.81 17.08 -74.08
N GLN I 68 -30.94 16.57 -73.57
CA GLN I 68 -31.80 17.33 -72.62
C GLN I 68 -31.69 16.87 -71.19
N SER I 69 -31.65 17.81 -70.25
CA SER I 69 -31.78 17.51 -68.84
C SER I 69 -33.26 17.36 -68.51
N TYR I 70 -33.61 16.39 -67.65
CA TYR I 70 -35.00 16.20 -67.22
C TYR I 70 -35.12 16.11 -65.71
N LEU I 71 -36.17 16.71 -65.17
CA LEU I 71 -36.49 16.55 -63.74
C LEU I 71 -37.08 15.15 -63.50
N ILE I 72 -36.36 14.35 -62.69
CA ILE I 72 -36.76 13.01 -62.23
C ILE I 72 -37.27 13.14 -60.80
N ALA I 73 -38.48 12.71 -60.54
CA ALA I 73 -38.95 12.61 -59.16
C ALA I 73 -38.77 11.16 -58.67
N TYR I 74 -37.85 11.02 -57.72
CA TYR I 74 -37.50 9.77 -57.08
C TYR I 74 -38.50 9.33 -55.98
N ARG I 75 -39.74 9.10 -56.42
CA ARG I 75 -40.74 8.49 -55.59
C ARG I 75 -40.35 7.01 -55.26
N ASP I 76 -40.35 6.72 -53.95
CA ASP I 76 -40.09 5.40 -53.49
C ASP I 76 -41.44 4.59 -53.52
N CYS I 77 -41.31 3.26 -53.58
CA CYS I 77 -42.37 2.28 -53.44
C CYS I 77 -42.10 1.68 -52.09
N CYS I 78 -43.17 1.57 -51.30
CA CYS I 78 -43.06 1.51 -49.83
C CYS I 78 -43.92 0.38 -49.24
N GLY I 79 -43.64 0.01 -48.00
CA GLY I 79 -44.48 -0.91 -47.27
C GLY I 79 -43.98 -2.34 -47.42
N TYR I 80 -42.79 -2.52 -48.03
CA TYR I 80 -42.10 -3.80 -48.14
C TYR I 80 -40.68 -3.54 -47.65
N ASN I 81 -40.02 -4.59 -47.21
CA ASN I 81 -38.62 -4.55 -46.87
C ASN I 81 -37.87 -4.37 -48.20
N VAL I 82 -36.67 -3.84 -48.11
CA VAL I 82 -35.87 -3.47 -49.29
C VAL I 82 -35.70 -4.69 -50.13
N SER I 83 -35.80 -4.52 -51.44
CA SER I 83 -35.85 -5.64 -52.34
C SER I 83 -34.53 -6.41 -52.35
N GLY I 84 -33.42 -5.72 -52.05
CA GLY I 84 -32.09 -6.30 -52.27
C GLY I 84 -31.69 -6.51 -53.76
N ARG I 85 -32.48 -6.11 -54.74
CA ARG I 85 -32.05 -6.34 -56.10
C ARG I 85 -31.71 -5.00 -56.77
N CYS I 86 -30.63 -4.98 -57.60
CA CYS I 86 -30.24 -3.82 -58.35
C CYS I 86 -30.03 -2.61 -57.40
N PRO I 87 -29.17 -2.75 -56.37
CA PRO I 87 -28.87 -1.66 -55.45
C PRO I 87 -28.05 -0.64 -56.20
N CYS I 88 -28.45 0.64 -56.14
CA CYS I 88 -27.66 1.74 -56.67
C CYS I 88 -27.64 2.90 -55.72
N LEU I 89 -26.54 3.68 -55.81
CA LEU I 89 -26.44 4.98 -55.14
C LEU I 89 -25.71 6.06 -55.99
N ASN I 90 -26.48 6.99 -56.56
CA ASN I 90 -25.91 8.12 -57.30
C ASN I 90 -26.28 9.42 -56.63
N THR I 91 -25.49 10.48 -56.88
CA THR I 91 -25.69 11.76 -56.19
C THR I 91 -25.55 13.00 -57.10
N GLU I 92 -26.01 12.94 -58.34
CA GLU I 92 -25.81 14.05 -59.26
C GLU I 92 -26.69 15.16 -58.77
N GLY I 93 -26.12 16.35 -58.51
CA GLY I 93 -26.85 17.49 -57.96
C GLY I 93 -27.39 17.31 -56.52
N GLU I 94 -26.97 16.28 -55.81
CA GLU I 94 -27.62 15.95 -54.56
C GLU I 94 -27.17 16.87 -53.44
N LEU I 95 -28.14 17.49 -52.75
CA LEU I 95 -27.78 18.39 -51.64
C LEU I 95 -28.06 17.81 -50.24
N PRO I 96 -27.35 18.36 -49.22
CA PRO I 96 -27.44 17.88 -47.85
C PRO I 96 -28.88 18.01 -47.27
N VAL I 97 -29.13 17.41 -46.11
CA VAL I 97 -30.52 17.24 -45.65
C VAL I 97 -31.34 18.52 -45.49
N TYR I 98 -30.66 19.61 -45.13
CA TYR I 98 -31.22 20.94 -45.01
C TYR I 98 -31.68 21.50 -46.35
N ARG I 99 -31.24 20.88 -47.45
CA ARG I 99 -31.94 21.11 -48.72
C ARG I 99 -32.81 19.87 -49.15
N PRO I 100 -33.89 19.58 -48.43
CA PRO I 100 -34.54 18.27 -48.63
C PRO I 100 -35.13 18.05 -50.04
N GLU I 101 -35.67 19.07 -50.68
CA GLU I 101 -36.08 18.99 -52.11
C GLU I 101 -35.13 18.21 -53.07
N PHE I 102 -33.87 18.09 -52.67
CA PHE I 102 -32.79 17.61 -53.47
C PHE I 102 -31.97 16.57 -52.72
N ALA I 103 -32.39 16.25 -51.50
CA ALA I 103 -31.64 15.32 -50.62
C ALA I 103 -32.18 13.87 -50.74
N ASN I 104 -31.27 12.92 -51.00
CA ASN I 104 -31.62 11.52 -51.28
C ASN I 104 -31.36 10.42 -50.21
N ASP I 105 -31.03 10.77 -48.95
CA ASP I 105 -30.94 9.70 -47.90
C ASP I 105 -32.26 9.50 -47.24
N ILE I 106 -33.13 10.50 -47.38
CA ILE I 106 -34.46 10.53 -46.80
C ILE I 106 -35.23 9.35 -47.47
N ILE I 107 -36.05 8.65 -46.69
CA ILE I 107 -37.10 7.72 -47.25
C ILE I 107 -38.24 8.52 -47.89
N TRP I 108 -38.22 8.63 -49.20
CA TRP I 108 -39.29 9.37 -49.83
C TRP I 108 -40.58 8.54 -50.03
N CYS I 109 -41.29 8.29 -48.92
CA CYS I 109 -42.46 7.46 -48.89
C CYS I 109 -43.69 8.27 -48.59
N PHE I 110 -43.52 9.54 -48.22
CA PHE I 110 -44.67 10.40 -47.93
C PHE I 110 -45.72 10.41 -49.06
N GLY I 111 -46.97 10.28 -48.65
CA GLY I 111 -48.16 10.24 -49.47
C GLY I 111 -48.59 8.85 -49.92
N ALA I 112 -47.79 7.84 -49.62
CA ALA I 112 -48.06 6.49 -50.13
C ALA I 112 -49.32 5.97 -49.46
N GLU I 113 -50.09 5.13 -50.14
CA GLU I 113 -51.33 4.54 -49.56
C GLU I 113 -51.02 3.82 -48.22
N ASP I 114 -52.02 3.71 -47.35
CA ASP I 114 -51.92 3.10 -46.01
C ASP I 114 -50.83 3.58 -45.09
N ASP I 115 -50.28 4.77 -45.35
CA ASP I 115 -49.15 5.33 -44.60
C ASP I 115 -47.91 4.46 -44.63
N ALA I 116 -47.70 3.76 -45.75
CA ALA I 116 -46.54 2.89 -45.83
C ALA I 116 -45.33 3.81 -45.80
N MET I 117 -44.33 3.42 -45.01
CA MET I 117 -43.12 4.27 -44.85
C MET I 117 -41.81 3.48 -44.96
N THR I 118 -41.87 2.14 -45.07
CA THR I 118 -40.67 1.38 -45.29
C THR I 118 -40.20 1.45 -46.76
N TYR I 119 -38.90 1.25 -46.97
CA TYR I 119 -38.28 1.46 -48.26
C TYR I 119 -38.22 0.13 -49.01
N HIS I 120 -38.74 0.12 -50.24
CA HIS I 120 -38.62 -1.08 -51.04
C HIS I 120 -37.66 -0.82 -52.18
N CYS I 121 -37.97 0.16 -53.00
CA CYS I 121 -37.28 0.46 -54.25
C CYS I 121 -37.75 1.85 -54.72
N THR I 122 -37.13 2.38 -55.79
CA THR I 122 -37.33 3.73 -56.22
C THR I 122 -37.58 3.73 -57.71
N ILE I 123 -38.58 4.50 -58.14
CA ILE I 123 -38.92 4.54 -59.53
C ILE I 123 -38.28 5.80 -60.15
N SER I 124 -38.15 5.83 -61.47
CA SER I 124 -37.51 7.01 -62.08
C SER I 124 -38.36 7.75 -63.13
N PRO I 125 -39.53 8.30 -62.71
CA PRO I 125 -40.37 8.97 -63.69
C PRO I 125 -39.89 10.42 -63.96
N ILE I 126 -40.07 10.86 -65.18
CA ILE I 126 -39.81 12.23 -65.59
C ILE I 126 -40.99 13.10 -65.22
N VAL I 127 -40.71 14.20 -64.55
CA VAL I 127 -41.71 15.25 -64.36
C VAL I 127 -41.81 16.11 -65.64
N GLY I 128 -40.70 16.79 -65.96
CA GLY I 128 -40.68 17.67 -67.10
C GLY I 128 -39.31 17.97 -67.64
N LYS I 129 -39.31 18.81 -68.67
CA LYS I 129 -38.23 18.89 -69.66
C LYS I 129 -36.97 19.65 -69.25
N ALA I 130 -36.83 20.04 -67.96
CA ALA I 130 -35.51 20.57 -67.53
C ALA I 130 -35.26 20.82 -66.04
N SER I 131 -35.67 22.01 -65.57
CA SER I 131 -35.02 22.75 -64.45
C SER I 131 -33.51 23.08 -64.77
N THR J 7 57.05 5.31 56.86
CA THR J 7 57.37 6.60 56.16
C THR J 7 58.49 6.59 55.07
N ASP J 8 59.46 5.67 55.09
CA ASP J 8 60.46 5.69 53.96
C ASP J 8 60.03 4.73 52.87
N PRO J 9 59.41 5.26 51.80
CA PRO J 9 58.74 4.38 50.86
C PRO J 9 59.73 3.47 50.17
N ARG J 10 61.00 3.89 50.05
CA ARG J 10 62.01 3.14 49.27
C ARG J 10 62.76 2.04 50.04
N ALA J 11 62.61 2.03 51.36
CA ALA J 11 63.27 1.06 52.25
C ALA J 11 62.73 -0.35 52.04
N LYS J 12 63.58 -1.37 52.18
CA LYS J 12 63.12 -2.75 52.16
C LYS J 12 61.83 -2.94 52.99
N TRP J 13 60.89 -3.75 52.48
CA TRP J 13 59.69 -4.16 53.25
C TRP J 13 60.03 -4.95 54.48
N VAL J 14 59.43 -4.59 55.60
CA VAL J 14 59.70 -5.29 56.88
C VAL J 14 58.34 -5.73 57.41
N PRO J 15 58.01 -7.04 57.28
CA PRO J 15 56.72 -7.62 57.65
C PRO J 15 56.54 -7.78 59.14
N GLN J 16 55.33 -7.54 59.65
CA GLN J 16 54.95 -7.83 61.00
C GLN J 16 53.77 -8.81 61.04
N ASP J 17 53.55 -9.43 62.19
CA ASP J 17 52.49 -10.40 62.40
C ASP J 17 51.69 -9.98 63.59
N ASN J 18 51.58 -8.67 63.84
CA ASN J 18 50.64 -8.19 64.89
C ASN J 18 49.38 -7.40 64.47
N ASP J 19 49.33 -6.88 63.23
CA ASP J 19 48.22 -5.97 62.84
C ASP J 19 47.88 -6.06 61.33
N ILE J 20 46.72 -6.64 61.03
CA ILE J 20 46.35 -6.97 59.65
C ILE J 20 45.82 -5.74 58.92
N GLN J 21 45.45 -4.69 59.66
CA GLN J 21 44.92 -3.47 59.04
C GLN J 21 46.06 -2.53 58.63
N ALA J 22 47.30 -2.89 58.98
CA ALA J 22 48.47 -2.16 58.51
C ALA J 22 49.12 -2.81 57.27
N CYS J 23 49.71 -1.96 56.42
CA CYS J 23 50.25 -2.38 55.08
C CYS J 23 51.52 -3.19 55.21
N ASP J 24 52.11 -3.19 56.40
CA ASP J 24 53.26 -4.05 56.70
C ASP J 24 52.92 -5.41 57.36
N TYR J 25 51.65 -5.79 57.36
CA TYR J 25 51.29 -7.12 57.82
C TYR J 25 51.77 -8.12 56.81
N TRP J 26 52.40 -9.21 57.30
CA TRP J 26 53.29 -10.03 56.45
C TRP J 26 52.56 -10.62 55.26
N ARG J 27 51.29 -11.04 55.41
CA ARG J 27 50.52 -11.56 54.24
C ARG J 27 50.27 -10.53 53.10
N HIS J 28 50.51 -9.25 53.39
CA HIS J 28 50.13 -8.15 52.47
C HIS J 28 51.29 -7.82 51.55
N CYS J 29 52.22 -8.75 51.42
CA CYS J 29 53.50 -8.49 50.74
C CYS J 29 53.43 -8.17 49.23
N SER J 30 52.34 -8.54 48.61
CA SER J 30 52.11 -8.15 47.24
C SER J 30 50.62 -7.78 47.04
N ILE J 31 50.04 -7.17 48.07
CA ILE J 31 48.71 -6.62 48.00
C ILE J 31 48.76 -5.33 47.17
N ASP J 32 47.85 -5.21 46.20
CA ASP J 32 47.62 -3.96 45.47
C ASP J 32 46.15 -3.54 45.73
N GLY J 33 45.94 -2.38 46.35
CA GLY J 33 44.59 -1.98 46.57
C GLY J 33 44.21 -1.67 47.99
N ASN J 34 43.20 -2.38 48.50
CA ASN J 34 42.74 -2.11 49.86
C ASN J 34 42.57 -3.36 50.70
N ILE J 35 42.91 -3.26 51.97
CA ILE J 35 42.76 -4.44 52.88
C ILE J 35 41.27 -4.73 53.15
N CYS J 36 40.72 -5.86 52.70
CA CYS J 36 39.30 -6.08 52.95
C CYS J 36 38.85 -5.98 54.40
N ASP J 37 39.70 -6.34 55.38
CA ASP J 37 39.29 -6.26 56.78
C ASP J 37 38.81 -4.88 57.19
N CYS J 38 39.23 -3.81 56.47
CA CYS J 38 38.78 -2.44 56.73
C CYS J 38 37.44 -2.01 56.18
N SER J 39 36.72 -2.88 55.47
CA SER J 39 35.46 -2.44 54.89
C SER J 39 34.41 -3.51 55.05
N GLY J 40 34.58 -4.31 56.09
CA GLY J 40 33.56 -5.28 56.53
C GLY J 40 33.77 -6.71 56.11
N GLY J 41 34.93 -7.00 55.53
CA GLY J 41 35.34 -8.35 55.23
C GLY J 41 36.27 -8.78 56.37
N SER J 42 37.17 -9.72 56.09
CA SER J 42 38.19 -10.08 57.07
C SER J 42 39.46 -10.37 56.32
N LEU J 43 40.50 -10.78 57.03
CA LEU J 43 41.74 -11.15 56.40
C LEU J 43 41.57 -12.00 55.15
N THR J 44 40.63 -12.95 55.21
CA THR J 44 40.48 -13.97 54.15
C THR J 44 39.03 -14.06 53.63
N ASN J 45 38.18 -13.12 54.02
CA ASN J 45 36.82 -13.08 53.45
C ASN J 45 36.37 -11.72 52.91
N CYS J 46 35.52 -11.77 51.88
CA CYS J 46 34.94 -10.60 51.29
C CYS J 46 33.89 -9.97 52.17
N PRO J 47 33.75 -8.64 52.06
CA PRO J 47 32.72 -7.85 52.77
C PRO J 47 31.32 -8.18 52.24
N PRO J 48 30.29 -8.03 53.10
CA PRO J 48 28.94 -8.32 52.70
C PRO J 48 28.60 -7.54 51.41
N GLY J 49 27.94 -8.16 50.43
CA GLY J 49 27.50 -7.46 49.23
C GLY J 49 28.47 -7.51 48.04
N THR J 50 29.72 -7.93 48.29
CA THR J 50 30.73 -8.01 47.23
C THR J 50 30.83 -9.47 46.74
N LYS J 51 31.52 -9.66 45.61
CA LYS J 51 31.66 -10.93 44.92
C LYS J 51 33.10 -11.33 45.00
N LEU J 52 33.33 -12.59 45.34
CA LEU J 52 34.69 -13.11 45.58
C LEU J 52 35.26 -13.74 44.31
N ALA J 53 36.43 -13.25 43.81
CA ALA J 53 37.10 -13.81 42.62
C ALA J 53 37.61 -15.17 42.98
N THR J 54 37.85 -15.97 41.94
CA THR J 54 38.51 -17.26 42.14
C THR J 54 39.99 -17.15 41.73
N ALA J 55 40.29 -16.60 40.53
CA ALA J 55 41.69 -16.52 40.03
C ALA J 55 42.38 -15.25 40.57
N SER J 56 43.69 -15.27 40.76
CA SER J 56 44.42 -14.08 41.23
C SER J 56 45.91 -14.19 40.97
N TQQ J 57 46.64 -13.07 41.15
CA TQQ J 57 48.11 -13.16 41.34
C TQQ J 57 48.41 -13.78 42.73
O TQQ J 57 47.56 -13.84 43.62
CB TQQ J 57 48.86 -11.82 41.05
CG TQQ J 57 48.61 -10.81 42.18
CD1 TQQ J 57 49.44 -10.58 43.31
CD2 TQQ J 57 47.48 -9.87 42.43
NE1 TQQ J 57 48.93 -9.63 44.19
CE2 TQQ J 57 47.78 -9.17 43.68
CE3 TQQ J 57 46.31 -9.50 41.68
CZ2 TQQ J 57 46.84 -8.11 44.20
CZ3 TQQ J 57 45.44 -8.54 42.21
CH2 TQQ J 57 45.61 -7.83 43.41
O2 TQQ J 57 47.01 -7.42 45.33
N2 TQQ J 57 44.70 -6.87 43.89
N VAL J 58 49.64 -14.29 42.84
CA VAL J 58 50.19 -14.85 44.08
C VAL J 58 51.52 -14.20 44.48
N ALA J 59 51.90 -14.42 45.71
CA ALA J 59 53.23 -14.01 46.08
C ALA J 59 53.67 -14.90 47.24
N SER J 60 54.95 -15.28 47.32
CA SER J 60 55.44 -15.81 48.61
C SER J 60 55.80 -14.68 49.56
N CYS J 61 55.10 -14.71 50.69
CA CYS J 61 55.27 -13.80 51.81
C CYS J 61 55.83 -14.52 53.02
N TYR J 62 56.94 -13.92 53.47
CA TYR J 62 57.72 -14.41 54.58
C TYR J 62 56.93 -14.11 55.82
N ASN J 63 56.52 -15.15 56.55
CA ASN J 63 55.97 -14.96 57.90
C ASN J 63 57.11 -14.82 58.91
N PRO J 64 57.25 -13.64 59.57
CA PRO J 64 58.34 -13.58 60.55
C PRO J 64 58.03 -14.40 61.83
N THR J 65 56.77 -14.79 62.04
CA THR J 65 56.44 -15.57 63.24
C THR J 65 57.00 -16.99 63.27
N ASP J 66 57.04 -17.66 62.14
CA ASP J 66 57.50 -19.03 62.16
C ASP J 66 58.64 -19.28 61.16
N GLY J 67 59.00 -18.26 60.40
CA GLY J 67 60.23 -18.25 59.60
C GLY J 67 60.02 -18.95 58.29
N GLN J 68 58.75 -19.08 57.96
CA GLN J 68 58.32 -19.86 56.83
C GLN J 68 57.67 -18.92 55.77
N SER J 69 57.92 -19.16 54.47
CA SER J 69 57.28 -18.45 53.33
C SER J 69 55.99 -19.13 52.83
N TYR J 70 54.97 -18.31 52.65
CA TYR J 70 53.62 -18.78 52.33
C TYR J 70 53.20 -18.15 51.04
N LEU J 71 52.50 -18.93 50.22
CA LEU J 71 51.96 -18.39 48.98
C LEU J 71 50.65 -17.82 49.40
N ILE J 72 50.49 -16.53 49.07
CA ILE J 72 49.23 -15.81 49.24
C ILE J 72 48.57 -15.65 47.89
N ALA J 73 47.25 -15.89 47.83
CA ALA J 73 46.50 -15.71 46.60
C ALA J 73 45.74 -14.42 46.79
N TYR J 74 46.16 -13.38 46.08
CA TYR J 74 45.54 -12.06 46.29
C TYR J 74 44.25 -12.00 45.48
N ARG J 75 43.22 -12.63 46.00
CA ARG J 75 41.93 -12.64 45.35
C ARG J 75 41.21 -11.30 45.60
N ASP J 76 40.75 -10.62 44.56
CA ASP J 76 39.98 -9.42 44.84
C ASP J 76 38.55 -9.78 45.24
N CYS J 77 37.99 -8.90 46.08
CA CYS J 77 36.53 -8.83 46.30
C CYS J 77 35.96 -7.79 45.35
N CYS J 78 34.89 -8.12 44.65
CA CYS J 78 34.53 -7.35 43.45
C CYS J 78 33.10 -6.91 43.37
N GLY J 79 32.82 -6.04 42.42
CA GLY J 79 31.47 -5.55 42.23
C GLY J 79 31.07 -4.33 43.04
N TYR J 80 32.07 -3.61 43.59
CA TYR J 80 31.88 -2.45 44.42
C TYR J 80 32.96 -1.53 44.00
N ASN J 81 32.66 -0.22 44.06
CA ASN J 81 33.62 0.84 44.00
C ASN J 81 34.71 0.61 45.09
N VAL J 82 35.93 1.07 44.79
CA VAL J 82 37.04 0.91 45.69
C VAL J 82 36.67 1.40 47.11
N SER J 83 36.99 0.61 48.13
CA SER J 83 36.55 0.92 49.45
C SER J 83 37.08 2.28 49.95
N GLY J 84 38.30 2.68 49.57
CA GLY J 84 38.89 3.93 50.12
C GLY J 84 39.59 3.83 51.49
N ARG J 85 39.52 2.64 52.12
CA ARG J 85 39.99 2.44 53.47
C ARG J 85 41.13 1.50 53.35
N CYS J 86 42.21 1.76 54.12
CA CYS J 86 43.42 0.95 54.18
C CYS J 86 44.15 0.73 52.84
N PRO J 87 44.40 1.81 52.05
CA PRO J 87 45.05 1.53 50.77
C PRO J 87 46.48 1.05 50.96
N CYS J 88 46.88 -0.02 50.28
CA CYS J 88 48.31 -0.49 50.28
C CYS J 88 48.79 -0.88 48.88
N LEU J 89 50.08 -0.67 48.61
CA LEU J 89 50.75 -1.22 47.44
C LEU J 89 52.12 -1.79 47.83
N ASN J 90 52.21 -3.13 47.84
CA ASN J 90 53.46 -3.82 48.07
C ASN J 90 53.67 -4.66 46.90
N THR J 91 54.94 -4.84 46.57
CA THR J 91 55.30 -5.57 45.42
C THR J 91 56.46 -6.56 45.66
N GLU J 92 56.44 -7.30 46.77
CA GLU J 92 57.44 -8.36 46.98
C GLU J 92 57.38 -9.47 45.94
N GLY J 93 58.45 -9.57 45.13
CA GLY J 93 58.56 -10.54 44.07
C GLY J 93 57.69 -10.27 42.88
N GLU J 94 57.06 -9.10 42.82
CA GLU J 94 56.06 -8.81 41.78
C GLU J 94 56.72 -8.62 40.41
N LEU J 95 56.22 -9.33 39.39
CA LEU J 95 56.88 -9.31 38.08
C LEU J 95 55.98 -8.53 37.13
N PRO J 96 56.51 -8.11 35.96
CA PRO J 96 55.72 -7.39 35.02
C PRO J 96 54.57 -8.29 34.43
N VAL J 97 53.76 -7.72 33.56
CA VAL J 97 52.44 -8.24 33.25
C VAL J 97 52.50 -9.44 32.33
N TYR J 98 53.62 -9.55 31.59
CA TYR J 98 53.95 -10.74 30.79
C TYR J 98 54.34 -11.97 31.62
N ARG J 99 54.39 -11.80 32.94
CA ARG J 99 54.31 -12.89 33.93
C ARG J 99 53.13 -12.61 34.91
N PRO J 100 51.87 -12.71 34.42
CA PRO J 100 50.68 -12.28 35.17
C PRO J 100 50.48 -13.04 36.44
N GLU J 101 51.07 -14.23 36.51
CA GLU J 101 50.90 -15.16 37.65
C GLU J 101 51.34 -14.46 38.93
N PHE J 102 52.26 -13.50 38.73
CA PHE J 102 52.85 -12.71 39.79
C PHE J 102 52.61 -11.18 39.65
N ALA J 103 51.76 -10.79 38.69
CA ALA J 103 51.46 -9.39 38.35
C ALA J 103 50.33 -8.79 39.16
N ASN J 104 50.61 -7.71 39.89
CA ASN J 104 49.56 -7.15 40.78
C ASN J 104 48.85 -5.83 40.35
N ASP J 105 49.12 -5.30 39.14
CA ASP J 105 48.32 -4.16 38.57
C ASP J 105 46.95 -4.70 38.00
N ILE J 106 46.88 -6.00 37.75
CA ILE J 106 45.71 -6.62 37.17
C ILE J 106 44.55 -6.61 38.18
N ILE J 107 43.34 -6.30 37.72
CA ILE J 107 42.20 -6.52 38.61
C ILE J 107 41.91 -8.05 38.65
N TRP J 108 42.38 -8.71 39.69
CA TRP J 108 42.11 -10.12 39.83
C TRP J 108 40.70 -10.41 40.36
N CYS J 109 39.78 -10.36 39.44
CA CYS J 109 38.38 -10.45 39.78
C CYS J 109 37.73 -11.61 39.04
N PHE J 110 38.48 -12.20 38.11
CA PHE J 110 37.89 -13.18 37.25
C PHE J 110 37.34 -14.31 38.09
N GLY J 111 36.14 -14.79 37.72
CA GLY J 111 35.53 -15.96 38.42
C GLY J 111 34.57 -15.64 39.56
N ALA J 112 34.60 -14.40 40.01
CA ALA J 112 33.56 -13.77 40.88
C ALA J 112 32.13 -14.03 40.41
N GLU J 113 31.23 -14.19 41.38
CA GLU J 113 29.79 -14.28 41.16
C GLU J 113 29.31 -13.05 40.40
N ASP J 114 28.36 -13.30 39.49
CA ASP J 114 27.69 -12.28 38.69
C ASP J 114 28.64 -11.58 37.67
N ASP J 115 29.74 -12.26 37.34
CA ASP J 115 30.82 -11.68 36.50
C ASP J 115 31.37 -10.34 37.03
N ALA J 116 31.27 -10.09 38.34
CA ALA J 116 31.75 -8.82 38.89
C ALA J 116 33.22 -8.57 38.57
N MET J 117 33.54 -7.36 38.08
CA MET J 117 34.89 -7.05 37.66
C MET J 117 35.44 -5.77 38.26
N THR J 118 34.59 -5.00 38.98
CA THR J 118 35.13 -3.81 39.65
C THR J 118 35.95 -4.18 40.89
N TYR J 119 36.90 -3.34 41.22
CA TYR J 119 37.74 -3.52 42.35
C TYR J 119 37.20 -2.86 43.63
N HIS J 120 37.07 -3.63 44.70
CA HIS J 120 36.72 -3.08 46.01
C HIS J 120 37.84 -3.18 47.06
N CYS J 121 38.29 -4.42 47.27
CA CYS J 121 39.41 -4.68 48.15
C CYS J 121 39.98 -6.09 47.83
N THR J 122 41.05 -6.48 48.54
CA THR J 122 41.82 -7.72 48.36
C THR J 122 41.95 -8.43 49.72
N ILE J 123 41.93 -9.76 49.66
CA ILE J 123 42.07 -10.62 50.85
C ILE J 123 43.40 -11.28 50.70
N SER J 124 43.91 -11.73 51.84
CA SER J 124 45.22 -12.36 51.89
C SER J 124 45.19 -13.82 52.42
N PRO J 125 44.47 -14.75 51.74
CA PRO J 125 44.51 -16.18 52.15
C PRO J 125 45.77 -16.94 51.72
N ILE J 126 46.20 -17.89 52.55
CA ILE J 126 47.33 -18.80 52.23
C ILE J 126 46.90 -19.94 51.28
N VAL J 127 47.66 -20.23 50.21
CA VAL J 127 47.31 -21.42 49.38
C VAL J 127 48.34 -22.59 49.47
N GLY J 128 49.39 -22.35 50.26
CA GLY J 128 50.41 -23.36 50.60
C GLY J 128 51.71 -22.69 51.07
N LYS J 129 52.82 -23.42 50.97
CA LYS J 129 54.16 -22.94 51.31
C LYS J 129 55.07 -22.72 50.09
N ALA J 130 56.09 -21.89 50.28
CA ALA J 130 56.95 -21.51 49.19
C ALA J 130 58.42 -21.59 49.54
N SER J 131 59.24 -21.34 48.51
CA SER J 131 60.71 -21.23 48.58
C SER J 131 61.47 -22.55 48.34
N THR K 7 43.35 30.08 58.65
CA THR K 7 42.02 30.78 58.42
C THR K 7 40.90 30.31 59.33
N ASP K 8 40.35 31.23 60.11
CA ASP K 8 39.21 30.91 61.01
C ASP K 8 37.91 30.62 60.20
N PRO K 9 37.43 29.36 60.21
CA PRO K 9 36.28 29.06 59.37
C PRO K 9 35.06 29.83 59.75
N ARG K 10 35.01 30.28 61.02
CA ARG K 10 33.82 30.83 61.67
C ARG K 10 33.76 32.32 61.72
N ALA K 11 34.89 32.97 61.43
CA ALA K 11 34.93 34.42 61.28
C ALA K 11 34.07 34.98 60.10
N LYS K 12 33.68 36.24 60.25
CA LYS K 12 33.05 36.93 59.16
C LYS K 12 33.93 36.76 57.88
N TRP K 13 33.28 36.39 56.79
CA TRP K 13 33.90 36.26 55.49
C TRP K 13 34.32 37.64 54.98
N VAL K 14 35.54 37.73 54.46
CA VAL K 14 36.11 39.00 54.03
C VAL K 14 36.38 38.97 52.52
N PRO K 15 35.57 39.69 51.73
CA PRO K 15 35.84 39.66 50.28
C PRO K 15 37.13 40.36 49.84
N GLN K 16 37.80 39.85 48.80
CA GLN K 16 38.88 40.61 48.15
C GLN K 16 38.51 40.71 46.72
N ASP K 17 39.18 41.59 46.02
CA ASP K 17 38.99 41.74 44.59
C ASP K 17 40.31 41.57 43.88
N ASN K 18 41.16 40.70 44.40
CA ASN K 18 42.49 40.49 43.78
C ASN K 18 42.83 39.10 43.23
N ASP K 19 42.08 38.05 43.55
CA ASP K 19 42.36 36.70 43.02
C ASP K 19 41.11 35.85 42.89
N ILE K 20 40.70 35.49 41.67
CA ILE K 20 39.38 34.79 41.45
C ILE K 20 39.40 33.29 41.83
N GLN K 21 40.60 32.75 42.01
CA GLN K 21 40.83 31.36 42.33
C GLN K 21 40.78 31.08 43.82
N ALA K 22 40.56 32.13 44.62
CA ALA K 22 40.57 32.01 46.06
C ALA K 22 39.12 32.11 46.54
N CYS K 23 38.81 31.44 47.66
CA CYS K 23 37.44 31.33 48.14
C CYS K 23 36.87 32.62 48.70
N ASP K 24 37.73 33.62 48.85
CA ASP K 24 37.33 34.90 49.37
C ASP K 24 37.30 35.96 48.28
N TYR K 25 37.46 35.55 47.02
CA TYR K 25 37.09 36.49 45.96
C TYR K 25 35.62 36.95 46.17
N TRP K 26 35.40 38.24 45.89
CA TRP K 26 34.17 38.93 46.26
C TRP K 26 32.90 38.39 45.62
N ARG K 27 32.97 37.99 44.36
CA ARG K 27 31.83 37.39 43.68
C ARG K 27 31.46 36.00 44.17
N HIS K 28 32.39 35.35 44.91
CA HIS K 28 32.15 34.02 45.48
C HIS K 28 31.42 34.00 46.81
N CYS K 29 30.81 35.11 47.21
CA CYS K 29 30.06 35.21 48.49
C CYS K 29 28.99 34.10 48.81
N SER K 30 28.34 33.48 47.80
CA SER K 30 27.42 32.40 48.05
C SER K 30 27.72 31.23 47.07
N ILE K 31 29.00 31.05 46.75
CA ILE K 31 29.38 29.91 45.99
C ILE K 31 29.35 28.67 46.83
N ASP K 32 28.97 27.58 46.18
CA ASP K 32 28.95 26.24 46.72
C ASP K 32 29.39 25.28 45.59
N GLY K 33 30.58 24.69 45.77
CA GLY K 33 31.08 23.73 44.80
C GLY K 33 32.49 24.09 44.45
N ASN K 34 32.74 24.44 43.19
CA ASN K 34 34.10 24.59 42.69
C ASN K 34 34.14 25.71 41.67
N ILE K 35 35.24 26.49 41.70
CA ILE K 35 35.42 27.68 40.87
C ILE K 35 35.79 27.22 39.45
N CYS K 36 34.96 27.59 38.46
CA CYS K 36 35.11 27.05 37.09
C CYS K 36 36.39 27.46 36.50
N ASP K 37 36.89 28.60 36.96
CA ASP K 37 38.14 29.13 36.47
C ASP K 37 39.29 28.12 36.66
N CYS K 38 39.08 27.23 37.61
CA CYS K 38 40.08 26.26 37.96
C CYS K 38 39.99 24.97 37.12
N SER K 39 38.94 24.82 36.28
CA SER K 39 38.84 23.60 35.47
C SER K 39 38.73 23.82 33.98
N GLY K 40 39.23 24.98 33.55
CA GLY K 40 39.20 25.37 32.16
C GLY K 40 38.10 26.31 31.74
N GLY K 41 37.25 26.75 32.68
CA GLY K 41 36.20 27.75 32.45
C GLY K 41 36.85 29.08 32.74
N SER K 42 36.10 30.10 33.09
CA SER K 42 36.73 31.38 33.50
C SER K 42 35.80 31.85 34.61
N LEU K 43 35.88 33.10 35.01
CA LEU K 43 35.01 33.64 36.10
C LEU K 43 33.54 33.49 35.79
N THR K 44 33.23 33.71 34.53
CA THR K 44 31.83 33.85 34.14
C THR K 44 31.43 32.92 33.00
N ASN K 45 32.38 32.13 32.50
CA ASN K 45 32.17 31.07 31.52
C ASN K 45 32.49 29.65 31.97
N CYS K 46 31.80 28.68 31.34
CA CYS K 46 31.89 27.26 31.61
C CYS K 46 33.07 26.64 30.88
N PRO K 47 33.67 25.58 31.48
CA PRO K 47 34.74 24.80 30.85
C PRO K 47 34.27 24.09 29.58
N PRO K 48 35.17 23.86 28.62
CA PRO K 48 34.73 23.14 27.44
C PRO K 48 34.09 21.79 27.80
N GLY K 49 33.01 21.40 27.09
CA GLY K 49 32.37 20.06 27.25
C GLY K 49 31.25 20.00 28.30
N THR K 50 31.14 21.05 29.08
CA THR K 50 30.15 21.13 30.21
C THR K 50 29.03 21.99 29.61
N LYS K 51 27.89 22.07 30.33
CA LYS K 51 26.61 22.62 29.82
C LYS K 51 26.26 23.72 30.78
N LEU K 52 25.76 24.84 30.29
CA LEU K 52 25.63 26.02 31.14
C LEU K 52 24.16 26.13 31.58
N ALA K 53 23.93 26.02 32.87
CA ALA K 53 22.62 26.35 33.46
C ALA K 53 22.18 27.75 33.12
N THR K 54 20.88 27.90 32.97
CA THR K 54 20.23 29.23 32.82
C THR K 54 19.52 29.73 34.08
N ALA K 55 19.33 28.84 35.06
CA ALA K 55 18.59 29.09 36.27
C ALA K 55 19.45 28.78 37.46
N SER K 56 19.46 29.64 38.49
CA SER K 56 20.41 29.51 39.59
C SER K 56 19.89 30.14 40.88
N TQQ K 57 20.59 29.92 41.96
CA TQQ K 57 20.43 30.77 43.12
C TQQ K 57 21.24 32.05 42.83
O TQQ K 57 22.11 32.08 41.94
CB TQQ K 57 20.90 30.09 44.43
CG TQQ K 57 22.38 29.77 44.54
CD1 TQQ K 57 23.34 30.56 45.18
CD2 TQQ K 57 23.19 28.62 44.09
NE1 TQQ K 57 24.62 30.04 45.13
CE2 TQQ K 57 24.56 28.88 44.49
CE3 TQQ K 57 22.92 27.37 43.40
CZ2 TQQ K 57 25.61 27.89 44.20
CZ3 TQQ K 57 23.95 26.44 43.11
CH2 TQQ K 57 25.28 26.64 43.49
O2 TQQ K 57 26.87 28.09 44.53
N2 TQQ K 57 26.28 25.75 43.19
N VAL K 58 20.90 33.11 43.56
CA VAL K 58 21.61 34.35 43.46
C VAL K 58 22.02 34.75 44.88
N ALA K 59 22.80 35.81 44.96
CA ALA K 59 23.24 36.37 46.21
C ALA K 59 23.70 37.74 45.80
N SER K 60 23.45 38.70 46.65
CA SER K 60 24.09 39.96 46.44
C SER K 60 25.40 39.98 47.25
N CYS K 61 26.48 40.33 46.54
CA CYS K 61 27.79 40.31 47.07
C CYS K 61 28.34 41.72 47.02
N TYR K 62 29.03 42.07 48.08
CA TYR K 62 29.70 43.37 48.22
C TYR K 62 31.11 43.34 47.58
N ASN K 63 31.30 44.25 46.64
CA ASN K 63 32.57 44.50 46.01
C ASN K 63 33.39 45.55 46.79
N PRO K 64 34.49 45.12 47.45
CA PRO K 64 35.33 46.11 48.19
C PRO K 64 36.04 47.13 47.31
N THR K 65 36.30 46.83 46.06
CA THR K 65 36.93 47.78 45.16
C THR K 65 36.10 49.05 44.94
N ASP K 66 34.78 48.89 44.76
CA ASP K 66 33.93 50.04 44.41
C ASP K 66 32.83 50.42 45.42
N GLY K 67 32.74 49.73 46.58
CA GLY K 67 31.64 49.98 47.51
C GLY K 67 30.21 49.63 47.09
N GLN K 68 30.01 48.94 45.96
CA GLN K 68 28.66 48.56 45.54
C GLN K 68 28.40 47.08 45.79
N SER K 69 27.15 46.74 46.03
CA SER K 69 26.68 45.36 46.10
C SER K 69 26.13 45.01 44.71
N TYR K 70 26.46 43.82 44.24
CA TYR K 70 26.00 43.35 42.96
C TYR K 70 25.29 42.04 43.15
N LEU K 71 24.21 41.84 42.40
CA LEU K 71 23.62 40.49 42.32
C LEU K 71 24.48 39.51 41.46
N ILE K 72 24.95 38.46 42.11
CA ILE K 72 25.67 37.33 41.45
C ILE K 72 24.74 36.13 41.25
N ALA K 73 24.71 35.66 40.01
CA ALA K 73 23.88 34.53 39.65
C ALA K 73 24.74 33.24 39.55
N TYR K 74 24.64 32.39 40.55
CA TYR K 74 25.52 31.21 40.64
C TYR K 74 25.07 30.00 39.79
N ARG K 75 25.06 30.19 38.47
CA ARG K 75 24.83 29.15 37.48
C ARG K 75 25.91 28.08 37.53
N ASP K 76 25.45 26.81 37.53
CA ASP K 76 26.39 25.71 37.56
C ASP K 76 26.77 25.29 36.13
N CYS K 77 27.94 24.70 36.00
CA CYS K 77 28.33 24.12 34.73
C CYS K 77 28.21 22.64 34.99
N CYS K 78 27.47 21.96 34.10
CA CYS K 78 26.89 20.66 34.41
C CYS K 78 27.29 19.55 33.42
N GLY K 79 26.92 18.32 33.74
CA GLY K 79 27.20 17.23 32.80
C GLY K 79 28.58 16.63 32.83
N TYR K 80 29.38 17.00 33.85
CA TYR K 80 30.71 16.49 34.21
C TYR K 80 30.68 16.16 35.71
N ASN K 81 31.41 15.13 36.11
CA ASN K 81 31.72 14.86 37.51
C ASN K 81 32.35 16.09 38.10
N VAL K 82 32.25 16.20 39.41
CA VAL K 82 32.68 17.42 40.07
C VAL K 82 34.17 17.67 39.78
N SER K 83 34.59 18.94 39.68
CA SER K 83 36.00 19.11 39.22
C SER K 83 37.07 18.64 40.22
N GLY K 84 36.78 18.79 41.51
CA GLY K 84 37.74 18.43 42.55
C GLY K 84 38.75 19.58 42.76
N ARG K 85 38.69 20.64 41.95
CA ARG K 85 39.73 21.70 42.04
C ARG K 85 39.12 22.96 42.57
N CYS K 86 39.90 23.76 43.33
CA CYS K 86 39.38 25.05 43.98
C CYS K 86 38.00 24.89 44.64
N PRO K 87 37.87 23.92 45.54
CA PRO K 87 36.56 23.79 46.18
C PRO K 87 36.27 24.95 47.16
N CYS K 88 35.02 25.39 47.22
CA CYS K 88 34.58 26.41 48.17
C CYS K 88 33.14 26.30 48.57
N LEU K 89 32.86 26.69 49.81
CA LEU K 89 31.48 26.91 50.24
C LEU K 89 31.36 28.21 51.05
N ASN K 90 30.80 29.26 50.44
CA ASN K 90 30.36 30.46 51.19
C ASN K 90 28.84 30.59 51.20
N THR K 91 28.30 31.39 52.15
CA THR K 91 26.85 31.43 52.36
C THR K 91 26.27 32.78 52.75
N GLU K 92 26.78 33.85 52.15
CA GLU K 92 26.35 35.18 52.49
C GLU K 92 24.89 35.39 52.07
N GLY K 93 23.98 35.66 53.03
CA GLY K 93 22.58 35.90 52.70
C GLY K 93 21.79 34.64 52.33
N GLU K 94 22.39 33.47 52.57
CA GLU K 94 21.89 32.20 52.06
C GLU K 94 20.79 31.66 52.93
N LEU K 95 19.65 31.39 52.30
CA LEU K 95 18.47 31.00 53.06
C LEU K 95 18.22 29.52 52.90
N PRO K 96 17.39 28.92 53.79
CA PRO K 96 17.06 27.47 53.62
C PRO K 96 16.31 27.18 52.33
N VAL K 97 16.11 25.89 52.02
CA VAL K 97 15.64 25.44 50.72
C VAL K 97 14.21 25.87 50.36
N TYR K 98 13.39 26.19 51.39
CA TYR K 98 12.03 26.74 51.14
C TYR K 98 12.05 28.19 50.57
N ARG K 99 13.25 28.77 50.49
CA ARG K 99 13.47 30.03 49.80
C ARG K 99 14.52 29.79 48.71
N PRO K 100 14.18 28.99 47.68
CA PRO K 100 15.13 28.38 46.73
C PRO K 100 15.97 29.38 46.01
N GLU K 101 15.42 30.59 45.85
CA GLU K 101 16.04 31.64 45.10
C GLU K 101 17.37 32.15 45.72
N PHE K 102 17.57 31.90 47.01
CA PHE K 102 18.79 32.29 47.68
C PHE K 102 19.39 31.04 48.30
N ALA K 103 18.93 29.85 47.93
CA ALA K 103 19.42 28.59 48.55
C ALA K 103 20.52 27.90 47.67
N ASN K 104 21.67 27.56 48.27
CA ASN K 104 22.86 27.11 47.53
C ASN K 104 23.34 25.66 47.68
N ASP K 105 22.59 24.80 48.37
CA ASP K 105 22.90 23.37 48.34
C ASP K 105 22.26 22.70 47.13
N ILE K 106 21.31 23.40 46.51
CA ILE K 106 20.67 22.93 45.28
C ILE K 106 21.64 22.81 44.08
N ILE K 107 21.51 21.73 43.32
CA ILE K 107 22.17 21.65 41.98
C ILE K 107 21.50 22.53 40.91
N TRP K 108 22.14 23.69 40.70
CA TRP K 108 21.54 24.77 39.87
C TRP K 108 21.96 24.53 38.43
N CYS K 109 21.42 23.40 37.95
CA CYS K 109 21.75 22.95 36.63
C CYS K 109 20.59 23.15 35.66
N PHE K 110 19.43 23.52 36.19
CA PHE K 110 18.24 23.69 35.32
C PHE K 110 18.52 24.57 34.14
N GLY K 111 18.04 24.13 32.98
CA GLY K 111 18.18 24.91 31.76
C GLY K 111 19.42 24.63 30.92
N ALA K 112 20.36 23.89 31.51
CA ALA K 112 21.65 23.48 30.83
C ALA K 112 21.31 22.67 29.56
N GLU K 113 22.12 22.80 28.50
CA GLU K 113 21.95 22.00 27.29
C GLU K 113 21.89 20.49 27.63
N ASP K 114 21.19 19.71 26.80
CA ASP K 114 21.20 18.26 26.87
C ASP K 114 20.68 17.79 28.16
N ASP K 115 20.00 18.66 28.85
CA ASP K 115 19.46 18.33 30.18
C ASP K 115 20.49 17.85 31.19
N ALA K 116 21.74 18.24 31.03
CA ALA K 116 22.80 17.95 31.97
C ALA K 116 22.35 18.36 33.39
N MET K 117 22.49 17.50 34.37
CA MET K 117 22.12 17.83 35.76
C MET K 117 23.21 17.42 36.79
N THR K 118 24.30 16.80 36.33
CA THR K 118 25.43 16.65 37.22
C THR K 118 26.21 17.97 37.50
N TYR K 119 26.82 18.08 38.67
CA TYR K 119 27.57 19.30 39.08
C TYR K 119 29.07 19.25 38.78
N HIS K 120 29.59 20.16 37.96
CA HIS K 120 31.01 20.26 37.73
C HIS K 120 31.70 21.41 38.52
N CYS K 121 31.16 22.62 38.32
CA CYS K 121 31.76 23.81 38.89
C CYS K 121 30.69 24.90 38.79
N THR K 122 31.00 26.07 39.34
CA THR K 122 30.10 27.19 39.41
C THR K 122 30.79 28.49 38.98
N ILE K 123 30.14 29.20 38.05
CA ILE K 123 30.53 30.56 37.57
C ILE K 123 29.91 31.64 38.46
N SER K 124 30.57 32.82 38.44
CA SER K 124 30.21 33.93 39.28
C SER K 124 29.86 35.23 38.48
N PRO K 125 28.95 35.12 37.49
CA PRO K 125 28.73 36.29 36.69
C PRO K 125 27.89 37.34 37.48
N ILE K 126 28.05 38.63 37.14
CA ILE K 126 27.18 39.73 37.65
C ILE K 126 25.86 39.83 36.85
N VAL K 127 24.70 39.84 37.53
CA VAL K 127 23.49 40.19 36.77
C VAL K 127 23.26 41.68 36.70
N GLY K 128 23.10 42.31 37.88
CA GLY K 128 23.11 43.78 37.97
C GLY K 128 23.40 44.30 39.36
N LYS K 129 22.91 45.53 39.62
CA LYS K 129 22.83 46.10 40.98
C LYS K 129 21.99 45.26 41.95
N ALA K 130 22.48 45.24 43.18
CA ALA K 130 21.72 44.79 44.31
C ALA K 130 21.43 46.07 45.16
N SER K 131 20.48 46.89 44.71
CA SER K 131 20.20 48.17 45.42
C SER K 131 18.70 48.49 45.39
N THR L 7 -11.99 -24.53 -51.07
CA THR L 7 -12.19 -25.62 -50.06
C THR L 7 -13.37 -26.60 -50.45
N ASP L 8 -13.25 -27.90 -50.18
CA ASP L 8 -14.16 -28.86 -50.86
C ASP L 8 -15.38 -29.15 -49.95
N PRO L 9 -16.58 -28.63 -50.34
CA PRO L 9 -17.73 -28.80 -49.37
C PRO L 9 -18.22 -30.27 -49.24
N ARG L 10 -17.91 -31.12 -50.22
CA ARG L 10 -18.44 -32.47 -50.25
C ARG L 10 -17.56 -33.52 -49.58
N ALA L 11 -16.38 -33.06 -49.16
CA ALA L 11 -15.36 -33.88 -48.61
C ALA L 11 -15.68 -34.16 -47.14
N LYS L 12 -15.17 -35.30 -46.72
CA LYS L 12 -15.32 -35.79 -45.33
C LYS L 12 -14.73 -34.78 -44.41
N TRP L 13 -15.43 -34.68 -43.28
CA TRP L 13 -15.11 -33.81 -42.16
C TRP L 13 -13.72 -34.14 -41.55
N VAL L 14 -12.93 -33.11 -41.25
CA VAL L 14 -11.55 -33.27 -40.68
C VAL L 14 -11.48 -32.27 -39.55
N PRO L 15 -11.71 -32.75 -38.27
CA PRO L 15 -11.73 -31.90 -37.09
C PRO L 15 -10.35 -31.43 -36.66
N GLN L 16 -10.29 -30.21 -36.12
CA GLN L 16 -9.05 -29.73 -35.55
C GLN L 16 -9.33 -29.31 -34.12
N ASP L 17 -8.26 -29.09 -33.35
CA ASP L 17 -8.37 -28.62 -31.97
C ASP L 17 -7.53 -27.38 -31.77
N ASN L 18 -7.38 -26.56 -32.82
CA ASN L 18 -6.67 -25.28 -32.68
C ASN L 18 -7.34 -23.96 -33.02
N ASP L 19 -8.62 -23.95 -33.40
CA ASP L 19 -9.33 -22.66 -33.66
C ASP L 19 -10.88 -22.73 -33.65
N ILE L 20 -11.46 -22.25 -32.54
CA ILE L 20 -12.87 -22.37 -32.31
C ILE L 20 -13.76 -21.49 -33.22
N GLN L 21 -13.15 -20.57 -33.95
CA GLN L 21 -13.88 -19.65 -34.87
C GLN L 21 -13.93 -20.18 -36.31
N ALA L 22 -13.36 -21.36 -36.54
CA ALA L 22 -13.41 -22.02 -37.83
C ALA L 22 -14.38 -23.19 -37.70
N CYS L 23 -15.11 -23.46 -38.79
CA CYS L 23 -16.18 -24.43 -38.87
C CYS L 23 -15.73 -25.86 -38.74
N ASP L 24 -14.41 -26.06 -38.94
CA ASP L 24 -13.79 -27.37 -38.73
C ASP L 24 -13.25 -27.55 -37.32
N TYR L 25 -13.44 -26.54 -36.48
CA TYR L 25 -13.24 -26.82 -35.09
C TYR L 25 -14.05 -28.07 -34.64
N TRP L 26 -13.40 -28.96 -33.87
CA TRP L 26 -13.84 -30.36 -33.68
C TRP L 26 -15.23 -30.50 -32.99
N ARG L 27 -15.54 -29.53 -32.13
CA ARG L 27 -16.80 -29.49 -31.39
C ARG L 27 -18.00 -29.04 -32.27
N HIS L 28 -17.69 -28.44 -33.42
CA HIS L 28 -18.73 -27.89 -34.31
C HIS L 28 -19.17 -28.93 -35.30
N CYS L 29 -18.93 -30.19 -34.99
CA CYS L 29 -19.12 -31.25 -35.95
C CYS L 29 -20.61 -31.38 -36.42
N SER L 30 -21.56 -30.82 -35.64
CA SER L 30 -22.98 -30.85 -36.00
C SER L 30 -23.73 -29.57 -35.66
N ILE L 31 -22.99 -28.48 -35.76
CA ILE L 31 -23.48 -27.16 -35.61
C ILE L 31 -24.13 -26.73 -36.91
N ASP L 32 -25.25 -26.03 -36.74
CA ASP L 32 -26.02 -25.43 -37.80
C ASP L 32 -26.30 -24.00 -37.40
N GLY L 33 -25.70 -23.05 -38.10
CA GLY L 33 -25.89 -21.64 -37.76
C GLY L 33 -24.63 -20.81 -37.64
N ASN L 34 -24.37 -20.28 -36.44
CA ASN L 34 -23.29 -19.30 -36.25
C ASN L 34 -22.60 -19.56 -34.89
N ILE L 35 -21.28 -19.48 -34.90
CA ILE L 35 -20.49 -19.78 -33.72
C ILE L 35 -20.63 -18.58 -32.80
N CYS L 36 -21.19 -18.78 -31.59
CA CYS L 36 -21.31 -17.71 -30.53
C CYS L 36 -20.04 -16.98 -30.12
N ASP L 37 -18.87 -17.66 -30.18
CA ASP L 37 -17.62 -16.93 -29.91
C ASP L 37 -17.47 -15.68 -30.80
N CYS L 38 -18.03 -15.73 -32.02
CA CYS L 38 -17.98 -14.58 -32.92
C CYS L 38 -18.92 -13.41 -32.61
N SER L 39 -19.80 -13.51 -31.62
CA SER L 39 -20.67 -12.39 -31.32
C SER L 39 -20.79 -12.09 -29.81
N GLY L 40 -19.75 -12.38 -29.05
CA GLY L 40 -19.73 -11.92 -27.66
C GLY L 40 -20.02 -13.02 -26.65
N GLY L 41 -20.18 -14.26 -27.13
CA GLY L 41 -20.27 -15.43 -26.24
C GLY L 41 -18.96 -16.17 -26.18
N SER L 42 -19.00 -17.49 -26.09
CA SER L 42 -17.74 -18.27 -26.07
C SER L 42 -17.98 -19.72 -26.51
N LEU L 43 -16.94 -20.52 -26.52
CA LEU L 43 -17.14 -21.87 -26.99
C LEU L 43 -18.47 -22.40 -26.41
N THR L 44 -18.72 -22.04 -25.15
CA THR L 44 -19.71 -22.71 -24.32
C THR L 44 -20.73 -21.76 -23.62
N ASN L 45 -20.54 -20.44 -23.70
CA ASN L 45 -21.53 -19.47 -23.15
C ASN L 45 -22.20 -18.57 -24.21
N CYS L 46 -23.35 -17.99 -23.87
CA CYS L 46 -24.10 -17.07 -24.76
C CYS L 46 -23.56 -15.64 -24.75
N PRO L 47 -23.77 -14.88 -25.83
CA PRO L 47 -23.56 -13.41 -25.76
C PRO L 47 -24.42 -12.72 -24.69
N PRO L 48 -24.02 -11.52 -24.20
CA PRO L 48 -24.99 -10.74 -23.36
C PRO L 48 -26.30 -10.51 -24.11
N GLY L 49 -27.37 -10.31 -23.37
CA GLY L 49 -28.66 -10.01 -23.94
C GLY L 49 -29.39 -11.18 -24.57
N THR L 50 -28.64 -12.23 -24.92
CA THR L 50 -29.24 -13.39 -25.54
C THR L 50 -29.82 -14.28 -24.47
N LYS L 51 -30.69 -15.22 -24.84
CA LYS L 51 -31.19 -16.18 -23.89
C LYS L 51 -30.68 -17.59 -24.21
N LEU L 52 -30.38 -18.35 -23.15
CA LEU L 52 -29.77 -19.67 -23.28
C LEU L 52 -30.74 -20.87 -23.29
N ALA L 53 -30.91 -21.50 -24.44
CA ALA L 53 -31.72 -22.69 -24.53
C ALA L 53 -31.24 -23.78 -23.55
N THR L 54 -32.15 -24.60 -23.04
CA THR L 54 -31.77 -25.69 -22.19
C THR L 54 -31.79 -26.99 -23.01
N ALA L 55 -32.72 -27.08 -23.96
CA ALA L 55 -32.87 -28.29 -24.74
C ALA L 55 -32.18 -28.12 -26.09
N SER L 56 -31.59 -29.19 -26.63
CA SER L 56 -30.83 -29.05 -27.86
C SER L 56 -30.75 -30.36 -28.55
N TQQ L 57 -30.38 -30.33 -29.84
CA TQQ L 57 -29.86 -31.55 -30.55
C TQQ L 57 -28.47 -31.87 -29.99
O TQQ L 57 -27.79 -31.04 -29.34
CB TQQ L 57 -29.95 -31.53 -32.13
CG TQQ L 57 -28.93 -30.60 -32.74
CD1 TQQ L 57 -27.63 -30.90 -33.17
CD2 TQQ L 57 -29.00 -29.15 -32.99
NE1 TQQ L 57 -26.95 -29.79 -33.62
CE2 TQQ L 57 -27.76 -28.75 -33.56
CE3 TQQ L 57 -30.05 -28.20 -32.78
CZ2 TQQ L 57 -27.56 -27.34 -33.90
CZ3 TQQ L 57 -29.87 -26.87 -33.11
CH2 TQQ L 57 -28.69 -26.42 -33.66
O2 TQQ L 57 -26.43 -26.85 -34.41
N2 TQQ L 57 -28.56 -25.08 -33.94
N VAL L 58 -28.01 -33.10 -30.25
CA VAL L 58 -26.67 -33.46 -29.86
C VAL L 58 -25.89 -34.14 -31.02
N ALA L 59 -24.57 -34.23 -30.94
CA ALA L 59 -23.87 -35.13 -31.84
C ALA L 59 -22.62 -35.60 -31.15
N SER L 60 -22.23 -36.86 -31.43
CA SER L 60 -20.96 -37.40 -30.97
C SER L 60 -19.81 -36.88 -31.87
N CYS L 61 -18.93 -36.04 -31.31
CA CYS L 61 -17.83 -35.44 -32.07
C CYS L 61 -16.47 -36.00 -31.62
N TYR L 62 -15.63 -36.39 -32.59
CA TYR L 62 -14.29 -36.93 -32.32
C TYR L 62 -13.27 -35.82 -32.02
N ASN L 63 -12.54 -35.93 -30.88
CA ASN L 63 -11.44 -35.00 -30.60
C ASN L 63 -10.07 -35.51 -31.11
N PRO L 64 -9.45 -34.78 -32.06
CA PRO L 64 -8.21 -35.36 -32.53
C PRO L 64 -7.04 -35.21 -31.53
N THR L 65 -7.21 -34.35 -30.53
CA THR L 65 -6.20 -34.24 -29.49
C THR L 65 -6.05 -35.54 -28.67
N ASP L 66 -7.15 -36.10 -28.15
CA ASP L 66 -7.03 -37.31 -27.28
C ASP L 66 -7.54 -38.58 -27.96
N GLY L 67 -8.13 -38.42 -29.14
CA GLY L 67 -8.64 -39.54 -29.89
C GLY L 67 -9.86 -40.19 -29.30
N GLN L 68 -10.60 -39.42 -28.48
CA GLN L 68 -11.90 -39.85 -27.96
C GLN L 68 -13.02 -38.95 -28.52
N SER L 69 -14.22 -39.53 -28.54
CA SER L 69 -15.39 -38.80 -28.96
C SER L 69 -16.22 -38.29 -27.77
N TYR L 70 -16.87 -37.15 -28.00
CA TYR L 70 -17.64 -36.49 -26.97
C TYR L 70 -19.03 -36.12 -27.48
N LEU L 71 -20.03 -36.37 -26.64
CA LEU L 71 -21.34 -35.86 -26.90
C LEU L 71 -21.30 -34.32 -26.71
N ILE L 72 -21.66 -33.59 -27.78
CA ILE L 72 -21.82 -32.13 -27.78
C ILE L 72 -23.32 -31.85 -27.80
N ALA L 73 -23.74 -30.90 -26.97
CA ALA L 73 -25.13 -30.44 -26.94
C ALA L 73 -25.24 -29.03 -27.59
N TYR L 74 -25.80 -29.01 -28.80
CA TYR L 74 -25.80 -27.79 -29.56
C TYR L 74 -26.92 -26.83 -29.20
N ARG L 75 -26.85 -26.27 -27.99
CA ARG L 75 -27.90 -25.36 -27.47
C ARG L 75 -27.77 -24.03 -28.16
N ASP L 76 -28.91 -23.47 -28.55
CA ASP L 76 -28.90 -22.12 -29.16
C ASP L 76 -29.02 -21.03 -28.09
N CYS L 77 -28.40 -19.89 -28.38
CA CYS L 77 -28.64 -18.63 -27.73
C CYS L 77 -29.68 -17.96 -28.63
N CYS L 78 -30.68 -17.38 -27.97
CA CYS L 78 -31.92 -17.04 -28.62
C CYS L 78 -32.37 -15.64 -28.23
N GLY L 79 -33.52 -15.28 -28.79
CA GLY L 79 -34.11 -13.93 -28.59
C GLY L 79 -33.38 -12.79 -29.27
N TYR L 80 -32.58 -13.10 -30.30
CA TYR L 80 -31.84 -12.09 -31.05
C TYR L 80 -31.90 -12.59 -32.47
N ASN L 81 -31.87 -11.68 -33.44
CA ASN L 81 -31.68 -11.97 -34.85
C ASN L 81 -30.31 -12.63 -35.05
N VAL L 82 -30.20 -13.41 -36.13
CA VAL L 82 -29.00 -14.21 -36.40
C VAL L 82 -27.80 -13.26 -36.47
N SER L 83 -26.69 -13.66 -35.87
CA SER L 83 -25.58 -12.72 -35.70
C SER L 83 -25.00 -12.37 -37.05
N GLY L 84 -24.98 -13.35 -37.94
CA GLY L 84 -24.37 -13.10 -39.23
C GLY L 84 -22.88 -13.37 -39.29
N ARG L 85 -22.31 -13.84 -38.19
CA ARG L 85 -20.86 -13.96 -38.05
C ARG L 85 -20.49 -15.44 -37.87
N CYS L 86 -19.37 -15.87 -38.46
CA CYS L 86 -18.94 -17.30 -38.35
C CYS L 86 -20.03 -18.33 -38.60
N PRO L 87 -20.73 -18.22 -39.76
CA PRO L 87 -21.79 -19.17 -40.14
C PRO L 87 -21.12 -20.50 -40.43
N CYS L 88 -21.67 -21.60 -39.95
CA CYS L 88 -21.18 -22.93 -40.29
C CYS L 88 -22.41 -23.80 -40.52
N LEU L 89 -22.31 -24.83 -41.35
CA LEU L 89 -23.26 -25.94 -41.24
C LEU L 89 -22.50 -27.26 -41.29
N ASN L 90 -22.55 -28.04 -40.23
CA ASN L 90 -21.98 -29.39 -40.28
C ASN L 90 -23.07 -30.33 -39.77
N THR L 91 -22.94 -31.60 -40.11
CA THR L 91 -24.02 -32.57 -40.03
C THR L 91 -23.43 -33.96 -39.76
N GLU L 92 -22.41 -33.98 -38.90
CA GLU L 92 -21.76 -35.28 -38.58
C GLU L 92 -22.71 -36.12 -37.77
N GLY L 93 -23.16 -37.21 -38.34
CA GLY L 93 -24.18 -38.04 -37.66
C GLY L 93 -25.56 -37.39 -37.59
N GLU L 94 -25.78 -36.28 -38.31
CA GLU L 94 -27.08 -35.62 -38.27
C GLU L 94 -28.16 -36.45 -38.97
N LEU L 95 -29.25 -36.78 -38.23
CA LEU L 95 -30.38 -37.58 -38.75
C LEU L 95 -31.62 -36.71 -39.11
N PRO L 96 -32.52 -37.22 -39.94
CA PRO L 96 -33.68 -36.44 -40.26
C PRO L 96 -34.57 -36.10 -39.02
N VAL L 97 -35.51 -35.21 -39.25
CA VAL L 97 -36.35 -34.60 -38.19
C VAL L 97 -37.19 -35.59 -37.38
N TYR L 98 -37.52 -36.76 -37.92
CA TYR L 98 -38.19 -37.81 -37.17
C TYR L 98 -37.27 -38.52 -36.12
N ARG L 99 -35.99 -38.15 -36.05
CA ARG L 99 -35.09 -38.51 -34.97
C ARG L 99 -34.56 -37.17 -34.44
N PRO L 100 -35.44 -36.36 -33.75
CA PRO L 100 -35.10 -34.97 -33.38
C PRO L 100 -33.84 -34.84 -32.53
N GLU L 101 -33.50 -35.88 -31.74
CA GLU L 101 -32.26 -35.96 -30.88
C GLU L 101 -31.01 -35.49 -31.57
N PHE L 102 -30.93 -35.90 -32.84
CA PHE L 102 -29.73 -35.62 -33.62
C PHE L 102 -30.01 -34.75 -34.87
N ALA L 103 -31.14 -34.03 -34.87
CA ALA L 103 -31.61 -33.21 -36.02
C ALA L 103 -31.24 -31.77 -35.83
N ASN L 104 -30.50 -31.16 -36.76
CA ASN L 104 -30.00 -29.78 -36.56
C ASN L 104 -30.56 -28.61 -37.36
N ASP L 105 -31.61 -28.86 -38.20
CA ASP L 105 -32.45 -27.76 -38.78
C ASP L 105 -33.43 -27.19 -37.74
N ILE L 106 -33.64 -27.88 -36.63
CA ILE L 106 -34.55 -27.40 -35.57
C ILE L 106 -33.91 -26.20 -34.89
N ILE L 107 -34.74 -25.18 -34.61
CA ILE L 107 -34.27 -24.08 -33.74
C ILE L 107 -34.27 -24.63 -32.31
N TRP L 108 -33.09 -24.90 -31.76
CA TRP L 108 -33.09 -25.57 -30.47
C TRP L 108 -33.07 -24.53 -29.34
N CYS L 109 -34.23 -23.89 -29.16
CA CYS L 109 -34.30 -22.71 -28.33
C CYS L 109 -35.20 -22.96 -27.13
N PHE L 110 -35.74 -24.17 -27.00
CA PHE L 110 -36.70 -24.47 -25.95
C PHE L 110 -36.03 -24.37 -24.60
N GLY L 111 -36.68 -23.64 -23.69
CA GLY L 111 -36.17 -23.56 -22.34
C GLY L 111 -35.37 -22.31 -22.12
N ALA L 112 -35.10 -21.55 -23.20
CA ALA L 112 -34.54 -20.20 -23.06
C ALA L 112 -35.45 -19.34 -22.17
N GLU L 113 -34.86 -18.39 -21.47
CA GLU L 113 -35.58 -17.49 -20.61
C GLU L 113 -36.44 -16.58 -21.51
N ASP L 114 -37.55 -16.06 -20.97
CA ASP L 114 -38.46 -15.14 -21.65
C ASP L 114 -39.13 -15.74 -22.87
N ASP L 115 -39.25 -17.06 -22.87
CA ASP L 115 -39.67 -17.83 -24.06
C ASP L 115 -39.01 -17.50 -25.44
N ALA L 116 -37.76 -17.04 -25.36
CA ALA L 116 -36.90 -16.67 -26.47
C ALA L 116 -36.84 -17.81 -27.47
N MET L 117 -37.32 -17.54 -28.71
CA MET L 117 -37.35 -18.57 -29.76
C MET L 117 -36.67 -18.21 -31.10
N THR L 118 -36.14 -17.00 -31.22
CA THR L 118 -35.40 -16.66 -32.45
C THR L 118 -33.99 -17.15 -32.42
N TYR L 119 -33.44 -17.56 -33.55
CA TYR L 119 -32.05 -18.07 -33.57
C TYR L 119 -30.96 -17.00 -33.66
N HIS L 120 -29.99 -17.09 -32.77
CA HIS L 120 -28.88 -16.16 -32.77
C HIS L 120 -27.52 -16.82 -33.12
N CYS L 121 -27.13 -17.80 -32.29
CA CYS L 121 -25.93 -18.60 -32.50
C CYS L 121 -26.13 -19.83 -31.62
N THR L 122 -25.20 -20.76 -31.82
CA THR L 122 -25.16 -22.06 -31.13
C THR L 122 -23.80 -22.14 -30.40
N ILE L 123 -23.81 -22.83 -29.26
CA ILE L 123 -22.61 -23.06 -28.42
C ILE L 123 -22.28 -24.55 -28.59
N SER L 124 -21.11 -25.00 -28.11
CA SER L 124 -20.67 -26.36 -28.41
C SER L 124 -20.13 -27.11 -27.12
N PRO L 125 -20.92 -27.07 -26.01
CA PRO L 125 -20.46 -27.73 -24.78
C PRO L 125 -20.45 -29.25 -24.88
N ILE L 126 -19.38 -29.83 -24.33
CA ILE L 126 -19.35 -31.24 -24.05
C ILE L 126 -20.34 -31.55 -22.91
N VAL L 127 -21.16 -32.60 -23.09
CA VAL L 127 -22.02 -33.14 -22.04
C VAL L 127 -21.76 -34.63 -21.74
N GLY L 128 -20.66 -35.14 -22.30
CA GLY L 128 -20.03 -36.36 -21.78
C GLY L 128 -19.14 -37.03 -22.79
N LYS L 129 -18.62 -38.19 -22.41
CA LYS L 129 -17.98 -39.12 -23.37
C LYS L 129 -19.05 -39.76 -24.28
N ALA L 130 -18.74 -39.87 -25.56
CA ALA L 130 -19.63 -40.56 -26.47
C ALA L 130 -18.90 -41.61 -27.29
N SER L 131 -17.93 -42.31 -26.66
CA SER L 131 -17.22 -43.38 -27.39
C SER L 131 -18.08 -44.69 -27.41
CU CU M . 47.33 -21.80 35.85
CU CU N . 11.33 33.63 39.11
CU CU O . -42.97 22.10 -52.13
CU CU P . -35.04 -36.94 -23.76
#